data_1PXX
#
_entry.id   1PXX
#
_cell.length_a   181.145
_cell.length_b   135.090
_cell.length_c   124.165
_cell.angle_alpha   90.00
_cell.angle_beta   90.00
_cell.angle_gamma   90.00
#
_symmetry.space_group_name_H-M   'P 21 21 2'
#
loop_
_entity.id
_entity.type
_entity.pdbx_description
1 polymer 'Prostaglandin G/H synthase 2'
2 branched 2-acetamido-2-deoxy-beta-D-glucopyranose-(1-4)-2-acetamido-2-deoxy-beta-D-glucopyranose-(1-4)-2-acetamido-2-deoxy-beta-D-glucopyranose
3 non-polymer 2-acetamido-2-deoxy-beta-D-glucopyranose
4 non-polymer 'octyl beta-D-glucopyranoside'
5 non-polymer 'PROTOPORPHYRIN IX CONTAINING FE'
6 non-polymer '2-[2,6-DICHLOROPHENYL)AMINO]BENZENEACETIC ACID'
7 water water
#
_entity_poly.entity_id   1
_entity_poly.type   'polypeptide(L)'
_entity_poly.pdbx_seq_one_letter_code
;MLFRAVLLCAALGLSQAANPCCSNPCQNRGECMSTGFDQYKCDCTRTGFYGENCTTPEFLTRIKLLLKPTPNTVHYILTH
FKGVWNIVNNIPFLRSLIMKYVLTSRSYLIDSPPTYNVHYGYKSWEAFSNLSYYTRALPPVADDCPTPMGVKGNKELPDS
KEVLEKVLLRREFIPDPQGSNMMFAFFAQHFTHQFFKTDHKRGPGFTRGLGHGVDLNHIYGETLDRQHKLRLFKDGKLKY
QVIGGEVYPPTVKDTQVEMIYPPHIPENLQFAVGQEVFGLVPGLMMYATIWLREHNRVCDILKQEHPEWGDEQLFQTSRL
ILIGETIKIVIEDYVQHLSGYHFKLKFDPELLFNQQFQYQNRIASEFNTLYHWHPLLPDTFNIEDQEYSFKQFLYNNSIL
LEHGLTQFVESFTRQIAGRVAGGRNVPIAVQAVAKASIDQSREMKYQSLNEYRKRFSLKPYTSFEELTGEKEMAAELKAL
YSDIDVMELYPALLVEKPRPDAIFGETMVELGAPFSLKGLMGNPICSPQYWKPSTFGGEVGFKIINTASIQSLICNNVKG
CPFTSFNVQDPQPTKTATINASASHSRLDDINPTVLIKRRSTEL
;
_entity_poly.pdbx_strand_id   A,B,C,D
#
loop_
_chem_comp.id
_chem_comp.type
_chem_comp.name
_chem_comp.formula
BOG D-saccharide 'octyl beta-D-glucopyranoside' 'C14 H28 O6'
DIF non-polymer '2-[2,6-DICHLOROPHENYL)AMINO]BENZENEACETIC ACID' 'C14 H11 Cl2 N O2'
HEM non-polymer 'PROTOPORPHYRIN IX CONTAINING FE' 'C34 H32 Fe N4 O4'
NAG D-saccharide, beta linking 2-acetamido-2-deoxy-beta-D-glucopyranose 'C8 H15 N O6'
#
# COMPACT_ATOMS: atom_id res chain seq x y z
CA ALA A 18 -35.60 -36.30 -37.64
C ALA A 18 -34.57 -35.22 -37.93
CA ASN A 19 -33.38 -33.27 -37.09
C ASN A 19 -32.08 -33.97 -37.48
N PRO A 20 -31.57 -33.67 -38.68
CA PRO A 20 -30.32 -34.29 -39.12
C PRO A 20 -29.12 -33.85 -38.26
N CYS A 21 -29.35 -32.88 -37.39
CA CYS A 21 -28.29 -32.37 -36.52
C CYS A 21 -28.41 -32.99 -35.13
N CYS A 22 -29.33 -33.94 -35.01
CA CYS A 22 -29.60 -34.66 -33.78
C CYS A 22 -28.40 -35.45 -33.27
N SER A 23 -27.52 -35.86 -34.19
CA SER A 23 -26.36 -36.64 -33.81
C SER A 23 -25.08 -35.89 -33.49
N ASN A 24 -25.14 -34.56 -33.39
CA ASN A 24 -23.96 -33.77 -33.04
C ASN A 24 -22.76 -34.06 -33.93
N PRO A 25 -22.91 -33.87 -35.25
CA PRO A 25 -21.85 -34.13 -36.22
C PRO A 25 -20.68 -33.16 -36.16
N CYS A 26 -20.98 -31.87 -36.11
CA CYS A 26 -19.93 -30.87 -36.11
C CYS A 26 -19.03 -30.92 -34.91
N GLN A 27 -17.76 -31.18 -35.19
CA GLN A 27 -16.79 -31.27 -34.13
C GLN A 27 -16.11 -29.92 -33.99
N ASN A 28 -15.29 -29.81 -32.94
CA ASN A 28 -14.54 -28.61 -32.62
C ASN A 28 -15.25 -27.27 -32.55
N ARG A 29 -16.44 -27.28 -31.95
CA ARG A 29 -17.24 -26.07 -31.81
C ARG A 29 -17.86 -25.55 -33.09
N GLY A 30 -17.88 -26.39 -34.11
CA GLY A 30 -18.47 -26.01 -35.39
C GLY A 30 -19.95 -25.96 -35.18
N GLU A 31 -20.66 -25.19 -36.00
CA GLU A 31 -22.10 -25.06 -35.83
C GLU A 31 -22.87 -25.88 -36.85
N CYS A 32 -23.79 -26.71 -36.36
CA CYS A 32 -24.63 -27.53 -37.20
C CYS A 32 -25.90 -26.74 -37.52
N MET A 33 -26.23 -26.68 -38.79
CA MET A 33 -27.42 -25.98 -39.21
C MET A 33 -28.06 -26.95 -40.18
N SER A 34 -29.35 -27.23 -39.99
CA SER A 34 -30.01 -28.15 -40.88
C SER A 34 -30.23 -27.53 -42.25
N THR A 35 -29.77 -28.23 -43.29
CA THR A 35 -29.92 -27.75 -44.68
C THR A 35 -30.83 -28.67 -45.49
N GLY A 36 -32.08 -28.78 -45.09
CA GLY A 36 -33.03 -29.65 -45.77
C GLY A 36 -33.51 -30.69 -44.78
N PHE A 37 -34.68 -31.28 -45.05
CA PHE A 37 -35.25 -32.29 -44.15
C PHE A 37 -34.34 -33.41 -43.64
N ASP A 38 -33.39 -33.85 -44.47
CA ASP A 38 -32.49 -34.95 -44.08
C ASP A 38 -31.01 -34.67 -44.29
N GLN A 39 -30.63 -33.40 -44.36
CA GLN A 39 -29.24 -33.04 -44.56
C GLN A 39 -28.85 -31.95 -43.57
N TYR A 40 -27.55 -31.82 -43.32
CA TYR A 40 -27.03 -30.83 -42.38
C TYR A 40 -25.72 -30.24 -42.91
N LYS A 41 -25.28 -29.14 -42.29
CA LYS A 41 -24.02 -28.49 -42.68
C LYS A 41 -23.32 -27.96 -41.44
N CYS A 42 -22.00 -27.83 -41.50
CA CYS A 42 -21.29 -27.32 -40.35
C CYS A 42 -20.54 -26.03 -40.68
N ASP A 43 -20.82 -24.98 -39.91
CA ASP A 43 -20.20 -23.67 -40.06
C ASP A 43 -18.91 -23.80 -39.26
N CYS A 44 -17.80 -23.95 -39.99
CA CYS A 44 -16.50 -24.13 -39.35
C CYS A 44 -15.78 -22.82 -39.10
N THR A 45 -16.49 -21.73 -39.35
CA THR A 45 -15.96 -20.38 -39.15
C THR A 45 -15.14 -20.20 -37.87
N ARG A 46 -13.91 -19.72 -38.04
CA ARG A 46 -13.03 -19.46 -36.92
C ARG A 46 -12.87 -20.62 -35.92
N THR A 47 -12.93 -21.87 -36.38
CA THR A 47 -12.76 -23.00 -35.45
C THR A 47 -11.35 -23.57 -35.51
N GLY A 48 -10.71 -23.49 -36.67
CA GLY A 48 -9.37 -24.01 -36.81
C GLY A 48 -9.40 -25.29 -37.62
N PHE A 49 -10.61 -25.78 -37.90
CA PHE A 49 -10.76 -27.00 -38.69
C PHE A 49 -11.73 -26.76 -39.83
N TYR A 50 -11.65 -27.61 -40.85
CA TYR A 50 -12.54 -27.51 -41.99
C TYR A 50 -12.92 -28.93 -42.32
N GLY A 51 -13.99 -29.10 -43.09
CA GLY A 51 -14.42 -30.45 -43.45
C GLY A 51 -15.88 -30.61 -43.09
N GLU A 52 -16.59 -31.49 -43.78
CA GLU A 52 -18.00 -31.71 -43.52
C GLU A 52 -18.37 -31.71 -42.02
N ASN A 53 -17.40 -32.03 -41.16
CA ASN A 53 -17.61 -32.09 -39.71
C ASN A 53 -16.53 -31.31 -38.92
N CYS A 54 -15.91 -30.35 -39.59
CA CYS A 54 -14.90 -29.51 -38.97
C CYS A 54 -13.82 -30.31 -38.25
N THR A 55 -13.51 -31.48 -38.76
CA THR A 55 -12.51 -32.32 -38.11
C THR A 55 -11.09 -32.16 -38.67
N THR A 56 -10.97 -31.73 -39.91
CA THR A 56 -9.67 -31.54 -40.55
C THR A 56 -8.97 -30.29 -40.02
N PRO A 57 -7.90 -30.46 -39.24
CA PRO A 57 -7.20 -29.29 -38.71
C PRO A 57 -6.45 -28.52 -39.79
N GLU A 58 -6.33 -27.22 -39.58
CA GLU A 58 -5.60 -26.37 -40.50
C GLU A 58 -4.18 -26.51 -40.01
N PHE A 59 -3.22 -26.00 -40.78
CA PHE A 59 -1.82 -26.10 -40.40
C PHE A 59 -1.52 -25.60 -38.99
N LEU A 60 -1.58 -24.29 -38.82
CA LEU A 60 -1.32 -23.66 -37.52
C LEU A 60 -1.99 -24.46 -36.40
N THR A 61 -3.19 -24.98 -36.68
CA THR A 61 -3.95 -25.76 -35.71
C THR A 61 -3.16 -26.95 -35.21
N ARG A 62 -2.63 -27.72 -36.15
CA ARG A 62 -1.85 -28.91 -35.83
C ARG A 62 -0.59 -28.58 -35.03
N ILE A 63 -0.02 -27.40 -35.26
CA ILE A 63 1.19 -26.99 -34.52
C ILE A 63 0.79 -26.72 -33.08
N LYS A 64 -0.27 -25.93 -32.93
CA LYS A 64 -0.77 -25.59 -31.61
C LYS A 64 -1.14 -26.86 -30.84
N LEU A 65 -1.81 -27.81 -31.50
CA LEU A 65 -2.19 -29.06 -30.82
C LEU A 65 -0.97 -29.71 -30.21
N LEU A 66 0.03 -29.97 -31.04
CA LEU A 66 1.27 -30.60 -30.61
C LEU A 66 1.87 -29.92 -29.39
N LEU A 67 1.83 -28.60 -29.38
CA LEU A 67 2.40 -27.83 -28.27
C LEU A 67 1.39 -27.50 -27.15
N LYS A 68 0.34 -28.30 -27.01
CA LYS A 68 -0.62 -28.04 -25.95
C LYS A 68 -0.68 -29.19 -24.96
N PRO A 69 -0.21 -28.94 -23.73
CA PRO A 69 -0.18 -29.92 -22.63
C PRO A 69 -1.58 -30.22 -22.11
N THR A 70 -1.86 -31.49 -21.83
CA THR A 70 -3.17 -31.89 -21.34
C THR A 70 -3.53 -31.23 -20.00
N PRO A 71 -4.84 -31.15 -19.71
CA PRO A 71 -5.29 -30.55 -18.46
C PRO A 71 -4.64 -31.20 -17.24
N ASN A 72 -4.42 -32.52 -17.32
CA ASN A 72 -3.79 -33.29 -16.24
C ASN A 72 -2.30 -33.05 -16.10
N THR A 73 -1.66 -32.64 -17.20
CA THR A 73 -0.24 -32.32 -17.18
C THR A 73 -0.10 -31.02 -16.38
N VAL A 74 -0.77 -29.99 -16.88
CA VAL A 74 -0.75 -28.68 -16.24
C VAL A 74 -1.07 -28.82 -14.75
N HIS A 75 -2.16 -29.51 -14.45
CA HIS A 75 -2.56 -29.73 -13.07
C HIS A 75 -1.38 -30.22 -12.24
N TYR A 76 -0.75 -31.29 -12.73
CA TYR A 76 0.39 -31.89 -12.09
C TYR A 76 1.50 -30.89 -11.80
N ILE A 77 1.87 -30.11 -12.80
CA ILE A 77 2.93 -29.15 -12.62
C ILE A 77 2.58 -28.14 -11.53
N LEU A 78 1.31 -27.75 -11.49
CA LEU A 78 0.83 -26.77 -10.52
C LEU A 78 0.73 -27.26 -9.10
N THR A 79 0.56 -28.57 -8.95
CA THR A 79 0.45 -29.13 -7.61
C THR A 79 1.75 -29.80 -7.17
N HIS A 80 2.81 -29.61 -7.94
CA HIS A 80 4.11 -30.19 -7.61
C HIS A 80 5.22 -29.16 -7.74
N PHE A 81 6.46 -29.58 -7.49
CA PHE A 81 7.61 -28.69 -7.57
C PHE A 81 7.37 -27.52 -6.65
N LYS A 82 6.93 -27.84 -5.43
CA LYS A 82 6.61 -26.84 -4.41
C LYS A 82 7.77 -25.88 -4.09
N GLY A 83 8.97 -26.25 -4.53
CA GLY A 83 10.14 -25.40 -4.32
C GLY A 83 10.19 -24.33 -5.40
N VAL A 84 10.02 -24.77 -6.64
CA VAL A 84 9.99 -23.87 -7.78
C VAL A 84 8.95 -22.81 -7.50
N TRP A 85 7.73 -23.30 -7.28
CA TRP A 85 6.58 -22.45 -6.99
C TRP A 85 6.89 -21.44 -5.92
N ASN A 86 7.78 -21.81 -5.01
CA ASN A 86 8.12 -20.91 -3.95
C ASN A 86 8.90 -19.72 -4.45
N ILE A 87 9.67 -19.95 -5.50
CA ILE A 87 10.45 -18.88 -6.08
C ILE A 87 9.55 -17.96 -6.87
N VAL A 88 8.94 -18.50 -7.94
CA VAL A 88 8.00 -17.77 -8.81
C VAL A 88 7.08 -16.90 -7.98
N ASN A 89 6.50 -17.53 -6.97
CA ASN A 89 5.57 -16.90 -6.04
C ASN A 89 6.12 -15.68 -5.33
N ASN A 90 7.42 -15.46 -5.44
CA ASN A 90 8.03 -14.31 -4.79
C ASN A 90 8.66 -13.36 -5.80
N ILE A 91 8.43 -13.64 -7.08
CA ILE A 91 8.93 -12.81 -8.16
C ILE A 91 7.70 -12.12 -8.75
N PRO A 92 7.31 -10.99 -8.14
CA PRO A 92 6.16 -10.19 -8.56
C PRO A 92 5.80 -10.32 -10.02
N PHE A 93 6.68 -9.89 -10.89
CA PHE A 93 6.36 -9.99 -12.29
C PHE A 93 6.17 -11.43 -12.76
N LEU A 94 6.93 -12.37 -12.22
CA LEU A 94 6.79 -13.77 -12.64
C LEU A 94 5.44 -14.33 -12.27
N ARG A 95 5.03 -14.06 -11.04
CA ARG A 95 3.75 -14.50 -10.55
C ARG A 95 2.68 -13.91 -11.46
N SER A 96 2.79 -12.60 -11.71
CA SER A 96 1.85 -11.88 -12.55
C SER A 96 1.76 -12.57 -13.90
N LEU A 97 2.91 -12.84 -14.47
CA LEU A 97 2.97 -13.49 -15.77
C LEU A 97 2.05 -14.71 -15.80
N ILE A 98 2.24 -15.59 -14.83
CA ILE A 98 1.48 -16.83 -14.73
C ILE A 98 -0.03 -16.65 -14.60
N MET A 99 -0.43 -15.97 -13.52
CA MET A 99 -1.83 -15.70 -13.23
C MET A 99 -2.58 -15.10 -14.43
N LYS A 100 -1.86 -14.31 -15.22
CA LYS A 100 -2.48 -13.71 -16.38
C LYS A 100 -2.80 -14.83 -17.36
N TYR A 101 -1.93 -15.83 -17.39
CA TYR A 101 -2.07 -16.98 -18.28
C TYR A 101 -3.25 -17.84 -17.86
N VAL A 102 -3.39 -18.02 -16.55
CA VAL A 102 -4.49 -18.82 -16.02
C VAL A 102 -5.80 -18.07 -16.26
N LEU A 103 -5.74 -16.75 -16.15
CA LEU A 103 -6.89 -15.88 -16.36
C LEU A 103 -7.38 -15.98 -17.82
N THR A 104 -6.49 -15.70 -18.76
CA THR A 104 -6.80 -15.72 -20.18
C THR A 104 -7.03 -17.09 -20.84
N SER A 105 -6.11 -18.04 -20.62
CA SER A 105 -6.16 -19.40 -21.19
C SER A 105 -7.51 -20.05 -20.99
N ARG A 106 -8.12 -19.74 -19.85
CA ARG A 106 -9.42 -20.25 -19.46
C ARG A 106 -10.58 -19.60 -20.23
N SER A 107 -10.74 -18.30 -20.02
CA SER A 107 -11.80 -17.49 -20.60
C SER A 107 -12.24 -17.78 -22.04
N TYR A 108 -11.32 -18.17 -22.90
CA TYR A 108 -11.67 -18.43 -24.30
C TYR A 108 -12.69 -19.56 -24.50
N LEU A 109 -12.97 -20.32 -23.45
CA LEU A 109 -13.89 -21.46 -23.54
C LEU A 109 -15.34 -21.05 -23.34
N ILE A 110 -15.57 -19.79 -22.96
CA ILE A 110 -16.92 -19.28 -22.71
C ILE A 110 -17.43 -18.43 -23.86
N ASP A 111 -18.70 -18.57 -24.20
CA ASP A 111 -19.28 -17.78 -25.28
C ASP A 111 -19.75 -16.48 -24.62
N SER A 112 -19.25 -15.33 -25.08
CA SER A 112 -19.66 -14.06 -24.47
C SER A 112 -19.56 -12.91 -25.46
N PRO A 113 -20.71 -12.26 -25.79
CA PRO A 113 -22.10 -12.49 -25.33
C PRO A 113 -22.61 -13.94 -25.43
N PRO A 114 -23.55 -14.31 -24.53
CA PRO A 114 -24.15 -15.64 -24.48
C PRO A 114 -24.89 -16.07 -25.74
N THR A 115 -25.06 -17.38 -25.89
CA THR A 115 -25.72 -17.97 -27.05
C THR A 115 -27.04 -18.68 -26.77
N TYR A 116 -27.00 -19.98 -26.50
CA TYR A 116 -28.24 -20.75 -26.28
C TYR A 116 -28.82 -20.79 -24.87
N ASN A 117 -30.02 -21.34 -24.77
CA ASN A 117 -30.63 -21.52 -23.46
C ASN A 117 -31.49 -22.81 -23.51
N VAL A 118 -32.24 -23.11 -22.45
CA VAL A 118 -33.03 -24.33 -22.46
C VAL A 118 -34.03 -24.45 -23.61
N HIS A 119 -34.47 -23.31 -24.13
CA HIS A 119 -35.45 -23.29 -25.22
C HIS A 119 -34.89 -23.02 -26.61
N TYR A 120 -33.63 -22.63 -26.71
CA TYR A 120 -33.06 -22.32 -28.01
C TYR A 120 -31.72 -23.00 -28.31
N GLY A 121 -31.75 -23.85 -29.35
CA GLY A 121 -30.57 -24.55 -29.79
C GLY A 121 -29.88 -23.85 -30.93
N TYR A 122 -30.43 -22.70 -31.29
CA TYR A 122 -29.88 -21.85 -32.34
C TYR A 122 -29.91 -20.44 -31.77
N LYS A 123 -28.93 -19.61 -32.14
CA LYS A 123 -28.86 -18.23 -31.65
C LYS A 123 -30.08 -17.45 -32.06
N SER A 124 -30.68 -16.76 -31.10
CA SER A 124 -31.84 -15.95 -31.37
C SER A 124 -31.80 -14.73 -30.47
N TRP A 125 -32.56 -13.69 -30.81
CA TRP A 125 -32.56 -12.50 -29.97
C TRP A 125 -33.24 -12.77 -28.64
N GLU A 126 -34.27 -13.59 -28.69
CA GLU A 126 -34.98 -13.97 -27.50
C GLU A 126 -33.99 -14.57 -26.50
N ALA A 127 -33.17 -15.51 -27.01
CA ALA A 127 -32.14 -16.18 -26.24
C ALA A 127 -31.14 -15.15 -25.70
N PHE A 128 -30.53 -14.37 -26.58
CA PHE A 128 -29.60 -13.38 -26.11
C PHE A 128 -30.14 -12.24 -25.20
N SER A 129 -31.41 -11.88 -25.32
CA SER A 129 -31.91 -10.76 -24.53
C SER A 129 -32.64 -11.10 -23.25
N ASN A 130 -33.30 -12.26 -23.21
CA ASN A 130 -34.03 -12.66 -22.00
C ASN A 130 -33.11 -13.09 -20.84
N LEU A 131 -33.03 -12.22 -19.83
CA LEU A 131 -32.20 -12.44 -18.66
C LEU A 131 -32.79 -13.42 -17.63
N SER A 132 -34.01 -13.88 -17.87
CA SER A 132 -34.68 -14.81 -16.96
C SER A 132 -34.19 -16.25 -17.10
N TYR A 133 -33.49 -16.53 -18.19
CA TYR A 133 -32.94 -17.85 -18.49
C TYR A 133 -31.52 -18.01 -18.02
N TYR A 134 -31.14 -19.25 -17.75
CA TYR A 134 -29.77 -19.56 -17.40
C TYR A 134 -29.26 -19.77 -18.82
N THR A 135 -28.05 -19.33 -19.16
CA THR A 135 -27.57 -19.60 -20.52
C THR A 135 -27.10 -21.08 -20.62
N ARG A 136 -26.62 -21.51 -21.79
CA ARG A 136 -26.18 -22.89 -21.96
C ARG A 136 -24.85 -23.06 -22.74
N ALA A 137 -23.90 -23.77 -22.16
CA ALA A 137 -22.63 -24.04 -22.83
C ALA A 137 -22.83 -24.94 -24.09
N LEU A 138 -23.86 -25.79 -24.07
CA LEU A 138 -24.14 -26.63 -25.20
C LEU A 138 -25.63 -26.59 -25.41
N PRO A 139 -26.05 -26.39 -26.67
CA PRO A 139 -27.47 -26.32 -27.04
C PRO A 139 -28.23 -27.55 -26.55
N PRO A 140 -29.48 -27.38 -26.16
CA PRO A 140 -30.19 -28.58 -25.69
C PRO A 140 -30.39 -29.54 -26.87
N VAL A 141 -30.73 -30.79 -26.57
CA VAL A 141 -30.98 -31.80 -27.62
C VAL A 141 -32.37 -31.50 -28.20
N ALA A 142 -32.47 -31.51 -29.53
CA ALA A 142 -33.76 -31.24 -30.18
C ALA A 142 -34.87 -32.11 -29.60
N ASP A 143 -36.08 -31.58 -29.56
CA ASP A 143 -37.21 -32.32 -29.00
C ASP A 143 -37.63 -33.47 -29.89
N ASP A 144 -37.36 -33.37 -31.18
CA ASP A 144 -37.74 -34.42 -32.10
C ASP A 144 -36.61 -35.42 -32.35
N CYS A 145 -35.64 -35.44 -31.44
CA CYS A 145 -34.54 -36.39 -31.57
C CYS A 145 -35.08 -37.77 -31.15
N PRO A 146 -34.52 -38.85 -31.72
CA PRO A 146 -34.96 -40.22 -31.41
C PRO A 146 -34.65 -40.72 -29.99
N THR A 147 -33.54 -40.27 -29.43
CA THR A 147 -33.15 -40.68 -28.08
C THR A 147 -32.87 -39.46 -27.23
N PRO A 148 -32.87 -39.63 -25.90
CA PRO A 148 -32.63 -38.55 -24.96
C PRO A 148 -31.33 -37.78 -25.19
N MET A 149 -30.28 -38.48 -25.62
CA MET A 149 -28.98 -37.84 -25.87
C MET A 149 -28.70 -37.65 -27.35
N GLY A 150 -29.73 -37.73 -28.17
CA GLY A 150 -29.53 -37.55 -29.60
C GLY A 150 -29.97 -38.74 -30.43
N VAL A 151 -29.00 -39.60 -30.76
CA VAL A 151 -29.27 -40.81 -31.55
C VAL A 151 -28.76 -42.09 -30.85
N LYS A 152 -27.81 -41.93 -29.93
CA LYS A 152 -27.24 -43.05 -29.20
C LYS A 152 -28.06 -43.42 -27.97
N GLY A 153 -27.96 -44.69 -27.57
CA GLY A 153 -28.69 -45.17 -26.40
C GLY A 153 -30.12 -45.60 -26.69
N ASN A 154 -30.89 -45.85 -25.64
CA ASN A 154 -32.28 -46.27 -25.78
C ASN A 154 -33.26 -45.11 -25.66
N LYS A 155 -34.51 -45.37 -25.99
CA LYS A 155 -35.56 -44.35 -25.94
C LYS A 155 -35.57 -43.67 -24.58
N GLU A 156 -35.06 -44.36 -23.57
CA GLU A 156 -35.04 -43.79 -22.23
C GLU A 156 -33.76 -44.03 -21.46
N LEU A 157 -33.31 -43.00 -20.75
CA LEU A 157 -32.11 -43.11 -19.93
C LEU A 157 -32.46 -44.04 -18.76
N PRO A 158 -31.44 -44.55 -18.06
CA PRO A 158 -31.66 -45.44 -16.93
C PRO A 158 -32.40 -44.75 -15.80
N ASP A 159 -33.14 -45.54 -15.03
CA ASP A 159 -33.88 -45.02 -13.89
C ASP A 159 -32.95 -44.15 -13.03
N SER A 160 -33.36 -42.91 -12.78
CA SER A 160 -32.57 -41.98 -11.97
C SER A 160 -32.45 -42.48 -10.53
N LYS A 161 -33.49 -43.15 -10.05
CA LYS A 161 -33.49 -43.71 -8.69
C LYS A 161 -32.46 -44.85 -8.59
N GLU A 162 -32.31 -45.61 -9.67
CA GLU A 162 -31.36 -46.70 -9.73
C GLU A 162 -29.94 -46.14 -9.78
N VAL A 163 -29.77 -45.06 -10.54
CA VAL A 163 -28.48 -44.38 -10.67
C VAL A 163 -28.13 -43.80 -9.31
N LEU A 164 -29.13 -43.15 -8.72
CA LEU A 164 -29.02 -42.53 -7.40
C LEU A 164 -28.50 -43.54 -6.37
N GLU A 165 -29.24 -44.64 -6.22
CA GLU A 165 -28.89 -45.66 -5.24
C GLU A 165 -27.66 -46.49 -5.51
N LYS A 166 -27.44 -46.90 -6.75
CA LYS A 166 -26.27 -47.71 -7.05
C LYS A 166 -24.89 -47.03 -6.95
N VAL A 167 -24.79 -45.77 -7.37
CA VAL A 167 -23.47 -45.12 -7.33
C VAL A 167 -23.39 -43.75 -6.68
N LEU A 168 -24.51 -43.20 -6.23
CA LEU A 168 -24.48 -41.88 -5.61
C LEU A 168 -24.66 -41.85 -4.10
N LEU A 169 -25.67 -42.55 -3.58
CA LEU A 169 -25.92 -42.60 -2.14
C LEU A 169 -24.69 -43.07 -1.34
N ARG A 170 -24.42 -42.41 -0.23
CA ARG A 170 -23.27 -42.74 0.62
C ARG A 170 -23.57 -43.79 1.67
N ARG A 171 -22.71 -44.82 1.74
CA ARG A 171 -22.85 -45.87 2.74
C ARG A 171 -22.00 -45.45 3.93
N GLU A 172 -20.73 -45.13 3.67
CA GLU A 172 -19.86 -44.67 4.73
C GLU A 172 -19.33 -43.30 4.34
N PHE A 173 -19.22 -42.40 5.31
CA PHE A 173 -18.75 -41.04 5.03
C PHE A 173 -17.30 -41.04 4.54
N ILE A 174 -17.08 -40.47 3.36
CA ILE A 174 -15.73 -40.38 2.79
C ILE A 174 -15.21 -38.95 2.95
N PRO A 175 -14.26 -38.74 3.88
CA PRO A 175 -13.73 -37.39 4.08
C PRO A 175 -12.97 -36.87 2.86
N ASP A 176 -12.80 -35.56 2.77
CA ASP A 176 -12.09 -34.99 1.65
C ASP A 176 -10.60 -35.02 1.93
N PRO A 177 -9.83 -35.66 1.04
CA PRO A 177 -8.37 -35.75 1.18
C PRO A 177 -7.71 -34.38 1.25
N GLN A 178 -8.36 -33.37 0.67
CA GLN A 178 -7.84 -32.00 0.65
C GLN A 178 -7.99 -31.23 1.96
N GLY A 179 -8.76 -31.80 2.90
CA GLY A 179 -8.95 -31.15 4.18
C GLY A 179 -10.06 -30.12 4.25
N SER A 180 -10.87 -30.03 3.21
CA SER A 180 -11.99 -29.10 3.16
C SER A 180 -12.82 -29.27 4.43
N ASN A 181 -13.09 -28.18 5.13
CA ASN A 181 -13.89 -28.23 6.35
C ASN A 181 -15.27 -27.65 6.07
N MET A 182 -16.00 -27.31 7.12
CA MET A 182 -17.33 -26.75 6.95
C MET A 182 -17.34 -25.24 6.64
N MET A 183 -16.28 -24.51 7.00
CA MET A 183 -16.21 -23.09 6.68
C MET A 183 -16.14 -22.98 5.16
N PHE A 184 -15.55 -24.01 4.55
CA PHE A 184 -15.42 -24.03 3.11
C PHE A 184 -16.74 -24.45 2.47
N ALA A 185 -17.32 -25.55 2.93
CA ALA A 185 -18.55 -26.05 2.35
C ALA A 185 -19.68 -25.02 2.41
N PHE A 186 -19.84 -24.37 3.57
CA PHE A 186 -20.89 -23.35 3.77
C PHE A 186 -20.58 -22.03 3.06
N PHE A 187 -19.29 -21.76 2.88
CA PHE A 187 -18.87 -20.55 2.20
C PHE A 187 -19.32 -20.69 0.76
N ALA A 188 -18.94 -21.80 0.14
CA ALA A 188 -19.33 -22.10 -1.23
C ALA A 188 -20.85 -22.06 -1.41
N GLN A 189 -21.59 -22.56 -0.42
CA GLN A 189 -23.04 -22.57 -0.49
C GLN A 189 -23.62 -21.14 -0.41
N HIS A 190 -23.16 -20.39 0.59
CA HIS A 190 -23.59 -19.02 0.78
C HIS A 190 -23.27 -18.18 -0.46
N PHE A 191 -22.03 -18.26 -0.93
CA PHE A 191 -21.58 -17.51 -2.09
C PHE A 191 -22.25 -17.90 -3.41
N THR A 192 -22.22 -19.19 -3.77
CA THR A 192 -22.84 -19.63 -5.02
C THR A 192 -24.33 -19.38 -5.05
N HIS A 193 -24.94 -19.13 -3.89
CA HIS A 193 -26.39 -18.91 -3.81
C HIS A 193 -26.90 -17.51 -4.11
N GLN A 194 -26.01 -16.67 -4.60
CA GLN A 194 -26.43 -15.34 -4.99
C GLN A 194 -26.68 -15.42 -6.48
N PHE A 195 -25.95 -16.25 -7.19
CA PHE A 195 -26.21 -16.36 -8.62
C PHE A 195 -26.90 -17.65 -9.05
N PHE A 196 -27.10 -18.59 -8.12
CA PHE A 196 -27.79 -19.84 -8.41
C PHE A 196 -29.08 -19.71 -7.66
N LYS A 197 -30.09 -19.18 -8.33
CA LYS A 197 -31.39 -18.98 -7.72
C LYS A 197 -32.43 -19.39 -8.76
N THR A 198 -32.59 -20.70 -8.92
CA THR A 198 -33.52 -21.23 -9.88
C THR A 198 -34.94 -20.71 -9.61
N ASP A 199 -35.60 -20.29 -10.68
CA ASP A 199 -36.98 -19.79 -10.57
C ASP A 199 -37.86 -21.01 -10.83
N HIS A 200 -38.13 -21.77 -9.78
CA HIS A 200 -38.93 -22.98 -9.88
C HIS A 200 -40.35 -22.78 -10.40
N LYS A 201 -40.86 -21.55 -10.34
CA LYS A 201 -42.20 -21.27 -10.84
C LYS A 201 -42.17 -21.36 -12.37
N ARG A 202 -41.02 -21.05 -12.96
CA ARG A 202 -40.86 -21.10 -14.42
C ARG A 202 -40.32 -22.44 -14.91
N GLY A 203 -39.26 -22.91 -14.28
CA GLY A 203 -38.66 -24.17 -14.68
C GLY A 203 -37.19 -24.18 -14.27
N PRO A 204 -36.54 -25.34 -14.37
CA PRO A 204 -35.12 -25.43 -14.00
C PRO A 204 -34.18 -24.53 -14.81
N GLY A 205 -34.50 -24.33 -16.09
CA GLY A 205 -33.66 -23.49 -16.93
C GLY A 205 -33.84 -21.98 -16.72
N PHE A 206 -34.59 -21.58 -15.69
CA PHE A 206 -34.83 -20.17 -15.38
C PHE A 206 -34.22 -19.74 -14.05
N THR A 207 -33.76 -18.49 -13.97
CA THR A 207 -33.12 -17.95 -12.79
C THR A 207 -33.82 -16.70 -12.27
N ARG A 208 -33.59 -16.37 -11.00
CA ARG A 208 -34.15 -15.20 -10.37
C ARG A 208 -33.03 -14.22 -10.11
N GLY A 209 -31.79 -14.69 -10.25
CA GLY A 209 -30.65 -13.84 -10.05
C GLY A 209 -30.40 -13.11 -11.36
N LEU A 210 -31.19 -12.07 -11.61
CA LEU A 210 -31.08 -11.29 -12.83
C LEU A 210 -29.78 -10.46 -12.97
N GLY A 211 -28.87 -10.58 -11.98
CA GLY A 211 -27.59 -9.88 -12.06
C GLY A 211 -26.56 -10.80 -12.70
N HIS A 212 -26.90 -12.07 -12.80
CA HIS A 212 -26.02 -13.07 -13.40
C HIS A 212 -24.57 -13.05 -12.88
N GLY A 213 -24.40 -12.76 -11.59
CA GLY A 213 -23.06 -12.77 -11.02
C GLY A 213 -23.00 -12.31 -9.59
N VAL A 214 -21.78 -12.01 -9.15
CA VAL A 214 -21.50 -11.54 -7.79
C VAL A 214 -21.95 -10.08 -7.58
N ASP A 215 -23.24 -9.86 -7.40
CA ASP A 215 -23.73 -8.49 -7.21
C ASP A 215 -24.11 -8.38 -5.74
N LEU A 216 -23.84 -9.45 -5.01
CA LEU A 216 -24.12 -9.58 -3.58
C LEU A 216 -25.57 -9.30 -3.26
N ASN A 217 -26.46 -9.80 -4.11
CA ASN A 217 -27.87 -9.60 -3.84
C ASN A 217 -28.30 -10.47 -2.65
N HIS A 218 -27.49 -11.47 -2.31
CA HIS A 218 -27.83 -12.35 -1.21
C HIS A 218 -27.66 -11.66 0.16
N ILE A 219 -27.14 -10.44 0.15
CA ILE A 219 -26.92 -9.64 1.35
C ILE A 219 -27.86 -8.43 1.30
N TYR A 220 -27.88 -7.80 0.13
CA TYR A 220 -28.66 -6.60 -0.15
C TYR A 220 -30.04 -6.74 -0.78
N GLY A 221 -30.34 -7.89 -1.37
CA GLY A 221 -31.64 -8.05 -1.99
C GLY A 221 -31.56 -7.84 -3.49
N GLU A 222 -32.40 -8.54 -4.23
CA GLU A 222 -32.45 -8.42 -5.69
C GLU A 222 -33.16 -7.12 -6.07
N THR A 223 -34.22 -6.80 -5.33
CA THR A 223 -35.00 -5.61 -5.59
C THR A 223 -34.70 -4.43 -4.65
N LEU A 224 -34.83 -3.24 -5.22
CA LEU A 224 -34.63 -1.97 -4.53
C LEU A 224 -35.59 -1.93 -3.37
N ASP A 225 -36.75 -2.52 -3.59
CA ASP A 225 -37.77 -2.57 -2.57
C ASP A 225 -37.31 -3.36 -1.36
N ARG A 226 -36.68 -4.51 -1.63
CA ARG A 226 -36.17 -5.36 -0.58
C ARG A 226 -34.98 -4.65 0.07
N GLN A 227 -34.11 -4.07 -0.77
CA GLN A 227 -32.93 -3.37 -0.27
C GLN A 227 -33.24 -2.26 0.70
N HIS A 228 -34.29 -1.50 0.43
CA HIS A 228 -34.67 -0.40 1.30
C HIS A 228 -35.28 -0.92 2.60
N LYS A 229 -35.85 -2.12 2.56
CA LYS A 229 -36.46 -2.71 3.75
C LYS A 229 -35.39 -3.18 4.71
N LEU A 230 -34.25 -3.56 4.14
CA LEU A 230 -33.09 -4.05 4.89
C LEU A 230 -32.18 -2.92 5.39
N ARG A 231 -32.30 -1.74 4.78
CA ARG A 231 -31.46 -0.61 5.14
C ARG A 231 -31.88 0.25 6.34
N LEU A 232 -30.88 0.64 7.09
CA LEU A 232 -31.07 1.46 8.27
C LEU A 232 -31.32 2.94 7.87
N PHE A 233 -30.68 3.36 6.77
CA PHE A 233 -30.81 4.72 6.25
C PHE A 233 -30.17 5.77 7.12
N LYS A 234 -29.04 5.41 7.71
CA LYS A 234 -28.24 6.28 8.55
C LYS A 234 -26.84 5.68 8.47
N ASP A 235 -25.92 6.45 7.90
CA ASP A 235 -24.52 6.04 7.74
C ASP A 235 -24.32 4.92 6.72
N GLY A 236 -25.35 4.69 5.89
CA GLY A 236 -25.27 3.66 4.85
C GLY A 236 -25.37 2.25 5.37
N LYS A 237 -25.73 2.13 6.65
CA LYS A 237 -25.83 0.84 7.31
C LYS A 237 -27.04 -0.04 7.01
N LEU A 238 -26.86 -1.33 7.28
CA LEU A 238 -27.87 -2.34 7.11
C LEU A 238 -28.55 -2.54 8.49
N LYS A 239 -29.87 -2.63 8.50
CA LYS A 239 -30.60 -2.83 9.75
C LYS A 239 -30.07 -4.08 10.45
N TYR A 240 -30.12 -4.11 11.77
CA TYR A 240 -29.65 -5.27 12.51
C TYR A 240 -30.27 -5.30 13.90
N GLN A 241 -29.98 -6.33 14.67
CA GLN A 241 -30.50 -6.42 16.04
C GLN A 241 -29.38 -6.88 16.95
N VAL A 242 -29.53 -6.59 18.24
CA VAL A 242 -28.53 -6.99 19.22
C VAL A 242 -29.14 -8.00 20.20
N ILE A 243 -28.62 -9.23 20.17
CA ILE A 243 -29.09 -10.29 21.04
C ILE A 243 -27.96 -10.76 21.93
N GLY A 244 -28.15 -10.62 23.25
CA GLY A 244 -27.12 -11.04 24.18
C GLY A 244 -25.82 -10.35 23.81
N GLY A 245 -25.88 -9.04 23.58
CA GLY A 245 -24.69 -8.29 23.23
C GLY A 245 -24.03 -8.62 21.90
N GLU A 246 -24.73 -9.37 21.05
CA GLU A 246 -24.21 -9.75 19.74
C GLU A 246 -25.08 -9.21 18.62
N VAL A 247 -24.44 -8.86 17.49
CA VAL A 247 -25.16 -8.33 16.33
C VAL A 247 -25.64 -9.42 15.36
N TYR A 248 -26.94 -9.43 15.12
CA TYR A 248 -27.56 -10.39 14.21
C TYR A 248 -28.51 -9.67 13.25
N PRO A 249 -28.87 -10.33 12.14
CA PRO A 249 -29.78 -9.71 11.19
C PRO A 249 -31.10 -9.40 11.87
N PRO A 250 -31.84 -8.41 11.34
CA PRO A 250 -33.13 -8.00 11.88
C PRO A 250 -34.14 -9.11 11.69
N THR A 251 -35.35 -8.91 12.21
CA THR A 251 -36.39 -9.91 12.06
C THR A 251 -37.34 -9.56 10.93
N VAL A 252 -38.08 -10.56 10.47
CA VAL A 252 -39.04 -10.37 9.39
C VAL A 252 -40.20 -9.52 9.88
N LYS A 253 -40.44 -9.55 11.19
CA LYS A 253 -41.54 -8.79 11.75
C LYS A 253 -41.20 -7.30 11.79
N ASP A 254 -39.91 -6.99 11.84
CA ASP A 254 -39.48 -5.60 11.90
C ASP A 254 -39.14 -4.96 10.55
N THR A 255 -38.76 -5.78 9.57
CA THR A 255 -38.37 -5.27 8.26
C THR A 255 -39.42 -5.48 7.17
N GLN A 256 -40.23 -6.50 7.34
CA GLN A 256 -41.29 -6.84 6.38
C GLN A 256 -40.76 -7.53 5.13
N VAL A 257 -39.48 -7.89 5.13
CA VAL A 257 -38.93 -8.56 3.97
C VAL A 257 -39.30 -10.03 4.06
N GLU A 258 -39.75 -10.61 2.94
CA GLU A 258 -40.16 -12.01 2.87
C GLU A 258 -39.00 -13.01 2.95
N MET A 259 -39.15 -13.99 3.84
CA MET A 259 -38.17 -15.03 4.04
C MET A 259 -38.91 -16.36 4.02
N ILE A 260 -38.20 -17.44 3.75
CA ILE A 260 -38.86 -18.74 3.74
C ILE A 260 -38.54 -19.47 5.03
N TYR A 261 -39.56 -19.63 5.86
CA TYR A 261 -39.42 -20.29 7.14
C TYR A 261 -40.61 -21.19 7.37
N PRO A 262 -40.39 -22.37 7.98
CA PRO A 262 -41.54 -23.24 8.22
C PRO A 262 -42.46 -22.53 9.20
N PRO A 263 -43.77 -22.85 9.17
CA PRO A 263 -44.79 -22.24 10.03
C PRO A 263 -44.51 -22.25 11.53
N HIS A 264 -43.70 -23.19 12.00
CA HIS A 264 -43.42 -23.28 13.43
C HIS A 264 -42.29 -22.42 13.96
N ILE A 265 -41.66 -21.61 13.10
CA ILE A 265 -40.58 -20.75 13.58
C ILE A 265 -41.10 -19.46 14.22
N PRO A 266 -40.67 -19.18 15.47
CA PRO A 266 -41.04 -18.00 16.26
C PRO A 266 -40.54 -16.72 15.60
N GLU A 267 -41.42 -15.73 15.48
CA GLU A 267 -41.07 -14.44 14.85
C GLU A 267 -39.70 -13.87 15.24
N ASN A 268 -39.32 -14.05 16.50
CA ASN A 268 -38.04 -13.56 17.00
C ASN A 268 -36.84 -14.34 16.49
N LEU A 269 -37.11 -15.40 15.74
CA LEU A 269 -36.06 -16.26 15.18
C LEU A 269 -36.03 -16.16 13.67
N GLN A 270 -37.10 -15.61 13.10
CA GLN A 270 -37.19 -15.42 11.65
C GLN A 270 -36.30 -14.24 11.23
N PHE A 271 -35.03 -14.53 10.94
CA PHE A 271 -34.10 -13.49 10.52
C PHE A 271 -34.31 -13.04 9.08
N ALA A 272 -34.16 -11.74 8.82
CA ALA A 272 -34.35 -11.20 7.49
C ALA A 272 -33.00 -10.83 6.88
N VAL A 273 -32.67 -11.48 5.76
CA VAL A 273 -31.41 -11.23 5.08
C VAL A 273 -31.67 -11.06 3.60
N GLY A 274 -30.60 -10.83 2.85
CA GLY A 274 -30.74 -10.63 1.42
C GLY A 274 -31.45 -11.76 0.71
N GLN A 275 -30.92 -12.97 0.87
CA GLN A 275 -31.49 -14.15 0.23
C GLN A 275 -32.60 -14.70 1.10
N GLU A 276 -33.79 -14.79 0.54
CA GLU A 276 -34.97 -15.26 1.26
C GLU A 276 -34.87 -16.70 1.78
N VAL A 277 -33.89 -17.46 1.29
CA VAL A 277 -33.75 -18.83 1.71
C VAL A 277 -32.64 -19.15 2.71
N PHE A 278 -31.82 -18.16 3.05
CA PHE A 278 -30.71 -18.37 4.01
C PHE A 278 -31.13 -18.59 5.48
N GLY A 279 -32.43 -18.63 5.75
CA GLY A 279 -32.84 -18.87 7.12
C GLY A 279 -33.08 -20.35 7.38
N LEU A 280 -32.89 -21.15 6.32
CA LEU A 280 -33.13 -22.58 6.40
C LEU A 280 -31.92 -23.39 6.80
N VAL A 281 -30.79 -22.73 6.95
CA VAL A 281 -29.58 -23.43 7.37
C VAL A 281 -28.70 -22.49 8.17
N PRO A 282 -28.51 -22.79 9.45
CA PRO A 282 -27.68 -22.00 10.36
C PRO A 282 -26.26 -21.70 9.82
N GLY A 283 -25.74 -22.57 8.96
CA GLY A 283 -24.42 -22.33 8.38
C GLY A 283 -24.49 -21.17 7.38
N LEU A 284 -25.62 -21.09 6.69
CA LEU A 284 -25.86 -20.03 5.72
C LEU A 284 -26.09 -18.73 6.49
N MET A 285 -26.82 -18.81 7.58
CA MET A 285 -27.13 -17.64 8.40
C MET A 285 -25.90 -17.16 9.18
N MET A 286 -24.91 -18.04 9.30
CA MET A 286 -23.69 -17.69 9.99
C MET A 286 -22.94 -16.69 9.12
N TYR A 287 -22.74 -17.04 7.84
CA TYR A 287 -22.04 -16.18 6.90
C TYR A 287 -22.80 -14.91 6.63
N ALA A 288 -24.13 -15.02 6.63
CA ALA A 288 -25.04 -13.89 6.44
C ALA A 288 -24.79 -12.78 7.48
N THR A 289 -24.65 -13.19 8.74
CA THR A 289 -24.37 -12.29 9.86
C THR A 289 -22.98 -11.70 9.77
N ILE A 290 -22.01 -12.54 9.43
CA ILE A 290 -20.62 -12.09 9.29
C ILE A 290 -20.49 -10.98 8.24
N TRP A 291 -21.18 -11.15 7.10
CA TRP A 291 -21.14 -10.20 5.98
C TRP A 291 -22.00 -8.97 6.23
N LEU A 292 -22.99 -9.10 7.11
CA LEU A 292 -23.83 -7.96 7.48
C LEU A 292 -22.93 -7.09 8.38
N ARG A 293 -22.28 -7.75 9.35
CA ARG A 293 -21.38 -7.11 10.29
C ARG A 293 -20.30 -6.34 9.53
N GLU A 294 -19.81 -6.97 8.46
CA GLU A 294 -18.77 -6.36 7.65
C GLU A 294 -19.28 -5.14 6.88
N HIS A 295 -20.48 -5.20 6.33
CA HIS A 295 -20.98 -4.05 5.59
C HIS A 295 -20.96 -2.80 6.49
N ASN A 296 -21.57 -2.89 7.67
CA ASN A 296 -21.61 -1.75 8.59
C ASN A 296 -20.22 -1.39 9.13
N ARG A 297 -19.35 -2.38 9.25
CA ARG A 297 -18.00 -2.15 9.72
C ARG A 297 -17.33 -1.17 8.78
N VAL A 298 -17.36 -1.50 7.49
CA VAL A 298 -16.78 -0.65 6.44
C VAL A 298 -17.52 0.72 6.39
N CYS A 299 -18.80 0.72 6.75
CA CYS A 299 -19.59 1.95 6.76
C CYS A 299 -18.99 2.91 7.76
N ASP A 300 -18.46 2.37 8.85
CA ASP A 300 -17.86 3.20 9.86
C ASP A 300 -16.54 3.71 9.33
N ILE A 301 -15.80 2.83 8.66
CA ILE A 301 -14.53 3.24 8.12
C ILE A 301 -14.74 4.36 7.13
N LEU A 302 -15.73 4.23 6.25
CA LEU A 302 -16.01 5.25 5.23
C LEU A 302 -16.49 6.58 5.82
N LYS A 303 -17.35 6.55 6.82
CA LYS A 303 -17.85 7.78 7.45
C LYS A 303 -16.70 8.53 8.11
N GLN A 304 -15.73 7.76 8.60
CA GLN A 304 -14.54 8.28 9.27
C GLN A 304 -13.73 9.12 8.30
N GLU A 305 -13.56 8.61 7.10
CA GLU A 305 -12.81 9.29 6.06
C GLU A 305 -13.64 10.37 5.36
N HIS A 306 -14.95 10.14 5.27
CA HIS A 306 -15.87 11.04 4.58
C HIS A 306 -17.03 11.56 5.41
N PRO A 307 -16.71 12.45 6.38
CA PRO A 307 -17.75 13.03 7.25
C PRO A 307 -18.82 13.75 6.43
N GLU A 308 -18.45 14.17 5.23
CA GLU A 308 -19.34 14.91 4.32
C GLU A 308 -20.26 14.02 3.50
N TRP A 309 -20.10 12.72 3.62
CA TRP A 309 -20.93 11.80 2.87
C TRP A 309 -22.26 11.49 3.51
N GLY A 310 -23.24 11.26 2.66
CA GLY A 310 -24.58 10.96 3.14
C GLY A 310 -24.78 9.47 3.28
N ASP A 311 -25.98 9.11 3.73
CA ASP A 311 -26.32 7.72 3.92
C ASP A 311 -26.28 6.93 2.63
N GLU A 312 -26.85 7.46 1.55
CA GLU A 312 -26.85 6.70 0.31
C GLU A 312 -25.46 6.46 -0.27
N GLN A 313 -24.61 7.47 -0.25
CA GLN A 313 -23.28 7.27 -0.80
C GLN A 313 -22.41 6.36 0.08
N LEU A 314 -22.65 6.35 1.39
CA LEU A 314 -21.86 5.47 2.26
C LEU A 314 -22.27 4.02 1.98
N PHE A 315 -23.59 3.76 1.97
CA PHE A 315 -24.11 2.43 1.72
C PHE A 315 -23.68 1.86 0.38
N GLN A 316 -23.81 2.66 -0.67
CA GLN A 316 -23.46 2.26 -2.04
C GLN A 316 -21.96 1.95 -2.20
N THR A 317 -21.11 2.78 -1.62
CA THR A 317 -19.67 2.56 -1.69
C THR A 317 -19.28 1.30 -0.92
N SER A 318 -19.90 1.07 0.24
CA SER A 318 -19.66 -0.12 1.05
C SER A 318 -19.97 -1.36 0.20
N ARG A 319 -21.15 -1.39 -0.40
CA ARG A 319 -21.52 -2.52 -1.23
C ARG A 319 -20.50 -2.75 -2.33
N LEU A 320 -19.90 -1.69 -2.86
CA LEU A 320 -18.90 -1.87 -3.91
C LEU A 320 -17.62 -2.49 -3.34
N ILE A 321 -17.30 -2.14 -2.10
CA ILE A 321 -16.13 -2.65 -1.39
C ILE A 321 -16.31 -4.13 -1.04
N LEU A 322 -17.50 -4.49 -0.54
CA LEU A 322 -17.78 -5.89 -0.18
C LEU A 322 -17.77 -6.78 -1.44
N ILE A 323 -18.21 -6.23 -2.57
CA ILE A 323 -18.18 -7.02 -3.79
C ILE A 323 -16.71 -7.31 -4.11
N GLY A 324 -15.84 -6.30 -3.93
CA GLY A 324 -14.43 -6.48 -4.23
C GLY A 324 -13.74 -7.44 -3.29
N GLU A 325 -14.12 -7.39 -2.01
CA GLU A 325 -13.56 -8.26 -1.00
C GLU A 325 -13.95 -9.69 -1.35
N THR A 326 -15.22 -9.87 -1.69
CA THR A 326 -15.75 -11.18 -2.07
C THR A 326 -14.96 -11.79 -3.24
N ILE A 327 -14.69 -11.00 -4.29
CA ILE A 327 -13.96 -11.46 -5.47
C ILE A 327 -12.50 -11.80 -5.09
N LYS A 328 -11.96 -11.03 -4.15
CA LYS A 328 -10.59 -11.22 -3.65
C LYS A 328 -10.44 -12.54 -2.88
N ILE A 329 -11.34 -12.74 -1.91
CA ILE A 329 -11.36 -13.95 -1.10
C ILE A 329 -11.65 -15.21 -1.91
N VAL A 330 -12.60 -15.11 -2.83
CA VAL A 330 -12.96 -16.26 -3.62
C VAL A 330 -11.77 -16.68 -4.47
N ILE A 331 -10.93 -15.75 -4.90
CA ILE A 331 -9.82 -16.14 -5.76
C ILE A 331 -8.52 -16.47 -5.02
N GLU A 332 -8.32 -15.88 -3.85
CA GLU A 332 -7.07 -16.13 -3.15
C GLU A 332 -7.14 -17.05 -1.95
N ASP A 333 -8.35 -17.34 -1.48
CA ASP A 333 -8.54 -18.23 -0.35
C ASP A 333 -9.29 -19.47 -0.87
N TYR A 334 -10.56 -19.27 -1.16
CA TYR A 334 -11.44 -20.31 -1.65
C TYR A 334 -10.89 -21.13 -2.80
N VAL A 335 -10.69 -20.52 -3.96
CA VAL A 335 -10.16 -21.28 -5.10
C VAL A 335 -8.76 -21.75 -4.82
N GLN A 336 -7.99 -20.95 -4.11
CA GLN A 336 -6.63 -21.33 -3.79
C GLN A 336 -6.57 -22.71 -3.12
N HIS A 337 -7.48 -22.92 -2.18
CA HIS A 337 -7.55 -24.17 -1.44
C HIS A 337 -8.10 -25.25 -2.35
N LEU A 338 -9.18 -24.92 -3.05
CA LEU A 338 -9.84 -25.82 -3.96
C LEU A 338 -8.91 -26.42 -5.01
N SER A 339 -8.18 -25.56 -5.72
CA SER A 339 -7.26 -25.99 -6.76
C SER A 339 -6.10 -26.86 -6.31
N GLY A 340 -5.59 -26.62 -5.11
CA GLY A 340 -4.47 -27.40 -4.63
C GLY A 340 -3.16 -26.93 -5.26
N TYR A 341 -3.24 -25.83 -6.00
CA TYR A 341 -2.08 -25.26 -6.67
C TYR A 341 -1.06 -24.78 -5.67
N HIS A 342 0.21 -24.86 -6.03
CA HIS A 342 1.30 -24.39 -5.19
C HIS A 342 1.57 -22.97 -5.64
N PHE A 343 1.02 -22.64 -6.81
CA PHE A 343 1.14 -21.29 -7.36
C PHE A 343 0.12 -20.43 -6.62
N LYS A 344 0.56 -19.29 -6.12
CA LYS A 344 -0.30 -18.38 -5.38
C LYS A 344 -1.15 -17.53 -6.32
N LEU A 345 -2.45 -17.82 -6.34
CA LEU A 345 -3.38 -17.09 -7.19
C LEU A 345 -3.43 -15.64 -6.78
N LYS A 346 -3.73 -14.77 -7.75
CA LYS A 346 -3.79 -13.35 -7.49
C LYS A 346 -5.02 -12.68 -8.07
N PHE A 347 -5.68 -11.85 -7.27
CA PHE A 347 -6.83 -11.10 -7.74
C PHE A 347 -6.30 -9.72 -8.05
N ASP A 348 -6.14 -9.47 -9.35
CA ASP A 348 -5.62 -8.21 -9.87
C ASP A 348 -6.26 -7.91 -11.23
N PRO A 349 -7.38 -7.17 -11.24
CA PRO A 349 -8.06 -6.84 -12.50
C PRO A 349 -7.15 -6.24 -13.60
N GLU A 350 -6.03 -5.65 -13.19
CA GLU A 350 -5.11 -5.02 -14.13
C GLU A 350 -4.42 -5.99 -15.09
N LEU A 351 -4.31 -7.26 -14.71
CA LEU A 351 -3.65 -8.28 -15.54
C LEU A 351 -4.40 -8.51 -16.85
N LEU A 352 -5.65 -8.07 -16.91
CA LEU A 352 -6.48 -8.24 -18.10
C LEU A 352 -6.60 -6.97 -18.93
N PHE A 353 -6.10 -5.87 -18.38
CA PHE A 353 -6.20 -4.56 -19.04
C PHE A 353 -5.57 -4.45 -20.42
N ASN A 354 -4.60 -5.29 -20.74
CA ASN A 354 -3.97 -5.23 -22.05
C ASN A 354 -4.38 -6.47 -22.81
N GLN A 355 -5.48 -7.07 -22.37
CA GLN A 355 -5.98 -8.29 -22.97
C GLN A 355 -7.36 -8.08 -23.58
N GLN A 356 -7.78 -9.04 -24.39
CA GLN A 356 -9.10 -8.97 -25.00
C GLN A 356 -10.04 -9.71 -24.04
N PHE A 357 -10.91 -8.97 -23.36
CA PHE A 357 -11.79 -9.61 -22.40
C PHE A 357 -13.13 -8.90 -22.29
N GLN A 358 -14.22 -9.67 -22.22
CA GLN A 358 -15.56 -9.11 -22.12
C GLN A 358 -15.96 -8.96 -20.67
N TYR A 359 -16.17 -7.72 -20.25
CA TYR A 359 -16.58 -7.42 -18.88
C TYR A 359 -18.06 -7.65 -18.71
N GLN A 360 -18.49 -8.88 -18.93
CA GLN A 360 -19.88 -9.23 -18.78
C GLN A 360 -20.04 -10.73 -18.51
N ASN A 361 -21.21 -11.14 -18.03
CA ASN A 361 -21.45 -12.54 -17.73
C ASN A 361 -22.91 -12.95 -17.79
N ARG A 362 -23.10 -14.26 -17.91
CA ARG A 362 -24.39 -14.87 -17.99
C ARG A 362 -24.23 -16.26 -17.34
N ILE A 363 -24.82 -16.41 -16.16
CA ILE A 363 -24.76 -17.66 -15.41
C ILE A 363 -25.27 -18.81 -16.24
N ALA A 364 -24.42 -19.83 -16.38
CA ALA A 364 -24.70 -21.03 -17.15
C ALA A 364 -25.48 -22.09 -16.36
N SER A 365 -26.36 -22.82 -17.04
CA SER A 365 -27.12 -23.86 -16.38
C SER A 365 -26.15 -24.96 -15.97
N GLU A 366 -25.25 -25.34 -16.87
CA GLU A 366 -24.28 -26.39 -16.56
C GLU A 366 -23.41 -26.05 -15.36
N PHE A 367 -23.09 -24.77 -15.19
CA PHE A 367 -22.27 -24.37 -14.06
C PHE A 367 -23.08 -24.68 -12.80
N ASN A 368 -24.35 -24.31 -12.84
CA ASN A 368 -25.26 -24.54 -11.74
C ASN A 368 -25.33 -26.02 -11.42
N THR A 369 -25.43 -26.85 -12.47
CA THR A 369 -25.52 -28.29 -12.27
C THR A 369 -24.23 -28.85 -11.65
N LEU A 370 -23.07 -28.45 -12.20
CA LEU A 370 -21.81 -28.94 -11.69
C LEU A 370 -21.49 -28.46 -10.27
N TYR A 371 -22.29 -27.56 -9.73
CA TYR A 371 -22.03 -27.01 -8.40
C TYR A 371 -22.84 -27.62 -7.27
N HIS A 372 -23.67 -28.61 -7.60
CA HIS A 372 -24.46 -29.27 -6.58
C HIS A 372 -23.50 -30.17 -5.82
N TRP A 373 -22.77 -29.55 -4.89
CA TRP A 373 -21.77 -30.19 -4.05
C TRP A 373 -22.30 -30.77 -2.72
N HIS A 374 -23.48 -31.37 -2.76
CA HIS A 374 -24.08 -31.98 -1.57
C HIS A 374 -23.22 -33.11 -0.92
N PRO A 375 -22.37 -33.80 -1.70
CA PRO A 375 -21.54 -34.82 -1.05
C PRO A 375 -20.64 -34.16 0.02
N LEU A 376 -20.51 -32.84 -0.06
CA LEU A 376 -19.68 -32.08 0.87
C LEU A 376 -20.15 -32.20 2.32
N LEU A 377 -21.48 -32.16 2.51
CA LEU A 377 -22.10 -32.23 3.82
C LEU A 377 -21.81 -33.51 4.59
N PRO A 378 -21.63 -33.39 5.92
CA PRO A 378 -21.34 -34.50 6.82
C PRO A 378 -22.65 -35.20 7.25
N ASP A 379 -22.54 -36.20 8.13
CA ASP A 379 -23.71 -36.94 8.59
C ASP A 379 -24.36 -36.25 9.78
N THR A 380 -23.57 -35.42 10.46
CA THR A 380 -24.04 -34.63 11.59
C THR A 380 -23.21 -33.36 11.65
N PHE A 381 -23.82 -32.28 12.13
CA PHE A 381 -23.13 -31.01 12.25
C PHE A 381 -22.72 -30.85 13.71
N ASN A 382 -21.41 -30.92 13.95
CA ASN A 382 -20.88 -30.83 15.30
C ASN A 382 -20.38 -29.47 15.71
N ILE A 383 -21.19 -28.77 16.49
CA ILE A 383 -20.87 -27.45 16.99
C ILE A 383 -20.61 -27.57 18.48
N GLU A 384 -19.35 -27.42 18.87
CA GLU A 384 -18.94 -27.51 20.27
C GLU A 384 -19.05 -28.95 20.78
N ASP A 385 -19.92 -29.17 21.77
CA ASP A 385 -20.15 -30.47 22.36
C ASP A 385 -21.15 -31.31 21.60
N GLN A 386 -22.08 -30.64 20.93
CA GLN A 386 -23.13 -31.31 20.17
C GLN A 386 -22.75 -31.99 18.87
N GLU A 387 -23.75 -32.65 18.30
CA GLU A 387 -23.67 -33.38 17.03
C GLU A 387 -25.11 -33.38 16.54
N TYR A 388 -25.46 -32.41 15.70
CA TYR A 388 -26.84 -32.29 15.21
C TYR A 388 -27.13 -33.03 13.92
N SER A 389 -28.27 -33.71 13.89
CA SER A 389 -28.68 -34.45 12.71
C SER A 389 -29.24 -33.42 11.75
N PHE A 390 -29.46 -33.79 10.50
CA PHE A 390 -30.03 -32.85 9.54
C PHE A 390 -31.34 -32.36 10.10
N LYS A 391 -32.18 -33.30 10.50
CA LYS A 391 -33.49 -32.96 11.04
C LYS A 391 -33.44 -31.82 12.06
N GLN A 392 -32.43 -31.84 12.95
CA GLN A 392 -32.32 -30.81 13.98
C GLN A 392 -31.62 -29.54 13.50
N PHE A 393 -30.75 -29.67 12.51
CA PHE A 393 -30.02 -28.53 12.00
C PHE A 393 -30.81 -27.60 11.09
N LEU A 394 -31.67 -28.17 10.25
CA LEU A 394 -32.48 -27.39 9.33
C LEU A 394 -33.37 -26.36 10.00
N TYR A 395 -33.41 -25.16 9.41
CA TYR A 395 -34.19 -24.03 9.91
C TYR A 395 -34.14 -23.87 11.41
N ASN A 396 -32.98 -24.06 12.01
CA ASN A 396 -32.89 -23.91 13.44
C ASN A 396 -31.86 -22.87 13.79
N ASN A 397 -32.30 -21.64 13.94
CA ASN A 397 -31.39 -20.55 14.28
C ASN A 397 -31.15 -20.42 15.79
N SER A 398 -31.84 -21.23 16.57
CA SER A 398 -31.64 -21.20 18.02
C SER A 398 -30.25 -21.73 18.26
N ILE A 399 -29.86 -22.68 17.42
CA ILE A 399 -28.53 -23.29 17.52
C ILE A 399 -27.49 -22.18 17.40
N LEU A 400 -27.65 -21.33 16.39
CA LEU A 400 -26.71 -20.25 16.18
C LEU A 400 -26.71 -19.35 17.40
N LEU A 401 -27.89 -18.89 17.81
CA LEU A 401 -27.99 -18.01 18.96
C LEU A 401 -27.48 -18.71 20.21
N GLU A 402 -27.44 -20.02 20.15
CA GLU A 402 -27.01 -20.84 21.26
C GLU A 402 -25.50 -20.73 21.49
N HIS A 403 -24.75 -21.18 20.50
CA HIS A 403 -23.31 -21.19 20.58
C HIS A 403 -22.62 -19.90 20.18
N GLY A 404 -23.23 -19.15 19.27
CA GLY A 404 -22.63 -17.90 18.85
C GLY A 404 -21.72 -18.09 17.65
N LEU A 405 -21.41 -16.97 16.99
CA LEU A 405 -20.58 -16.99 15.80
C LEU A 405 -19.18 -17.50 16.05
N THR A 406 -18.61 -17.20 17.21
CA THR A 406 -17.26 -17.61 17.54
C THR A 406 -17.17 -19.13 17.64
N GLN A 407 -18.20 -19.72 18.25
CA GLN A 407 -18.25 -21.17 18.43
C GLN A 407 -18.48 -21.87 17.09
N PHE A 408 -19.30 -21.27 16.23
CA PHE A 408 -19.59 -21.80 14.91
C PHE A 408 -18.34 -21.78 14.05
N VAL A 409 -17.63 -20.66 14.07
CA VAL A 409 -16.39 -20.51 13.31
C VAL A 409 -15.34 -21.54 13.80
N GLU A 410 -15.20 -21.66 15.12
CA GLU A 410 -14.23 -22.61 15.66
C GLU A 410 -14.59 -24.06 15.35
N SER A 411 -15.86 -24.39 15.53
CA SER A 411 -16.36 -25.73 15.29
C SER A 411 -16.36 -26.15 13.83
N PHE A 412 -16.80 -25.25 12.96
CA PHE A 412 -16.87 -25.53 11.53
C PHE A 412 -15.52 -25.52 10.84
N THR A 413 -14.53 -24.88 11.47
CA THR A 413 -13.15 -24.82 10.96
C THR A 413 -12.47 -26.16 11.30
N ARG A 414 -13.01 -26.86 12.28
CA ARG A 414 -12.47 -28.14 12.74
C ARG A 414 -13.12 -29.36 12.08
N GLN A 415 -14.35 -29.23 11.63
CA GLN A 415 -15.04 -30.37 11.03
C GLN A 415 -14.77 -30.59 9.55
N ILE A 416 -14.20 -31.74 9.22
CA ILE A 416 -13.92 -32.09 7.83
C ILE A 416 -15.24 -32.30 7.08
N ALA A 417 -15.20 -32.02 5.78
CA ALA A 417 -16.36 -32.15 4.90
C ALA A 417 -16.09 -33.31 3.93
N GLY A 418 -17.14 -33.88 3.34
CA GLY A 418 -16.96 -34.99 2.44
C GLY A 418 -16.28 -34.75 1.10
N ARG A 419 -15.86 -35.83 0.48
CA ARG A 419 -15.21 -35.76 -0.83
C ARG A 419 -16.36 -35.66 -1.81
N VAL A 420 -16.14 -35.06 -2.97
CA VAL A 420 -17.23 -34.93 -3.95
C VAL A 420 -17.15 -35.89 -5.14
N ALA A 421 -15.96 -36.06 -5.71
CA ALA A 421 -15.75 -36.93 -6.88
C ALA A 421 -15.47 -38.43 -6.66
N GLY A 422 -15.27 -38.85 -5.42
CA GLY A 422 -14.99 -40.27 -5.21
C GLY A 422 -16.05 -41.26 -5.66
N GLY A 423 -17.31 -40.89 -5.47
CA GLY A 423 -18.42 -41.76 -5.81
C GLY A 423 -19.14 -42.04 -4.50
N ARG A 424 -20.37 -42.56 -4.58
CA ARG A 424 -21.19 -42.91 -3.41
C ARG A 424 -20.95 -42.11 -2.11
N ASN A 425 -21.11 -40.79 -2.16
CA ASN A 425 -20.92 -39.98 -0.96
C ASN A 425 -21.99 -38.92 -0.77
N VAL A 426 -23.15 -39.12 -1.40
CA VAL A 426 -24.24 -38.17 -1.24
C VAL A 426 -25.03 -38.53 0.04
N PRO A 427 -25.08 -37.60 1.01
CA PRO A 427 -25.82 -37.87 2.26
C PRO A 427 -27.25 -38.32 1.95
N ILE A 428 -27.71 -39.39 2.58
CA ILE A 428 -29.07 -39.87 2.32
C ILE A 428 -30.14 -38.88 2.79
N ALA A 429 -29.79 -38.01 3.72
CA ALA A 429 -30.71 -37.02 4.23
C ALA A 429 -31.06 -35.99 3.17
N VAL A 430 -30.33 -36.03 2.07
CA VAL A 430 -30.49 -35.08 0.97
C VAL A 430 -30.62 -35.80 -0.40
N GLN A 431 -31.14 -37.02 -0.42
CA GLN A 431 -31.26 -37.76 -1.68
C GLN A 431 -32.28 -37.20 -2.69
N ALA A 432 -33.31 -36.53 -2.23
CA ALA A 432 -34.29 -35.97 -3.15
C ALA A 432 -33.59 -34.96 -4.06
N VAL A 433 -32.78 -34.11 -3.45
CA VAL A 433 -32.00 -33.08 -4.13
C VAL A 433 -31.16 -33.68 -5.26
N ALA A 434 -30.49 -34.79 -4.97
CA ALA A 434 -29.66 -35.48 -5.97
C ALA A 434 -30.50 -36.12 -7.09
N LYS A 435 -31.63 -36.71 -6.73
CA LYS A 435 -32.49 -37.33 -7.73
C LYS A 435 -32.91 -36.26 -8.74
N ALA A 436 -33.40 -35.16 -8.21
CA ALA A 436 -33.85 -34.03 -9.01
C ALA A 436 -32.73 -33.49 -9.91
N SER A 437 -31.52 -33.38 -9.37
CA SER A 437 -30.42 -32.87 -10.19
C SER A 437 -30.42 -33.73 -11.43
N ILE A 438 -30.51 -35.05 -11.25
CA ILE A 438 -30.51 -35.97 -12.38
C ILE A 438 -31.69 -35.71 -13.35
N ASP A 439 -32.91 -35.68 -12.77
CA ASP A 439 -34.15 -35.49 -13.51
C ASP A 439 -34.21 -34.18 -14.28
N GLN A 440 -34.03 -33.09 -13.57
CA GLN A 440 -34.06 -31.76 -14.17
C GLN A 440 -33.09 -31.64 -15.31
N SER A 441 -31.91 -32.24 -15.18
CA SER A 441 -30.89 -32.22 -16.24
C SER A 441 -31.39 -32.87 -17.51
N ARG A 442 -32.21 -33.91 -17.34
CA ARG A 442 -32.80 -34.67 -18.46
C ARG A 442 -33.95 -33.84 -19.01
N GLU A 443 -34.61 -33.16 -18.09
CA GLU A 443 -35.74 -32.29 -18.38
C GLU A 443 -35.26 -31.16 -19.32
N MET A 444 -34.09 -30.61 -19.03
CA MET A 444 -33.52 -29.52 -19.82
C MET A 444 -32.77 -30.03 -21.03
N LYS A 445 -33.06 -31.28 -21.40
CA LYS A 445 -32.43 -31.93 -22.55
C LYS A 445 -30.90 -31.77 -22.63
N TYR A 446 -30.20 -32.02 -21.52
CA TYR A 446 -28.74 -31.91 -21.51
C TYR A 446 -28.10 -32.89 -22.49
N GLN A 447 -26.87 -32.60 -22.88
CA GLN A 447 -26.15 -33.48 -23.80
C GLN A 447 -25.27 -34.40 -22.95
N SER A 448 -24.81 -35.51 -23.52
CA SER A 448 -23.99 -36.47 -22.79
C SER A 448 -22.68 -35.93 -22.22
N LEU A 449 -22.14 -36.65 -21.24
CA LEU A 449 -20.90 -36.24 -20.58
C LEU A 449 -19.71 -36.11 -21.53
N ASN A 450 -19.71 -36.86 -22.62
CA ASN A 450 -18.56 -36.78 -23.51
C ASN A 450 -18.73 -35.62 -24.45
N GLU A 451 -19.98 -35.18 -24.61
CA GLU A 451 -20.31 -34.04 -25.46
C GLU A 451 -19.72 -32.84 -24.78
N TYR A 452 -19.97 -32.74 -23.47
CA TYR A 452 -19.46 -31.62 -22.66
C TYR A 452 -17.95 -31.72 -22.46
N ARG A 453 -17.41 -32.94 -22.44
CA ARG A 453 -15.97 -33.10 -22.28
C ARG A 453 -15.32 -32.57 -23.54
N LYS A 454 -15.85 -32.98 -24.70
CA LYS A 454 -15.33 -32.55 -26.01
C LYS A 454 -15.41 -31.04 -26.15
N ARG A 455 -16.54 -30.50 -25.70
CA ARG A 455 -16.80 -29.06 -25.75
C ARG A 455 -15.77 -28.28 -24.93
N PHE A 456 -15.30 -28.88 -23.83
CA PHE A 456 -14.32 -28.17 -23.01
C PHE A 456 -12.88 -28.62 -23.23
N SER A 457 -12.60 -29.06 -24.46
CA SER A 457 -11.26 -29.48 -24.87
C SER A 457 -10.70 -30.68 -24.11
N LEU A 458 -11.59 -31.59 -23.73
CA LEU A 458 -11.19 -32.79 -23.02
C LEU A 458 -11.42 -33.98 -23.94
N LYS A 459 -10.67 -35.06 -23.71
CA LYS A 459 -10.79 -36.28 -24.51
C LYS A 459 -11.92 -37.14 -23.95
N PRO A 460 -12.86 -37.55 -24.81
CA PRO A 460 -13.97 -38.37 -24.31
C PRO A 460 -13.53 -39.71 -23.66
N TYR A 461 -14.24 -40.12 -22.62
CA TYR A 461 -13.96 -41.37 -21.93
C TYR A 461 -14.39 -42.52 -22.83
N THR A 462 -13.53 -43.52 -22.94
CA THR A 462 -13.78 -44.68 -23.78
C THR A 462 -14.47 -45.84 -23.08
N SER A 463 -14.50 -45.79 -21.75
CA SER A 463 -15.14 -46.85 -20.96
C SER A 463 -15.60 -46.29 -19.61
N PHE A 464 -16.51 -46.97 -18.93
CA PHE A 464 -16.96 -46.51 -17.61
C PHE A 464 -15.87 -46.70 -16.58
N GLU A 465 -14.92 -47.58 -16.87
CA GLU A 465 -13.79 -47.87 -15.98
C GLU A 465 -12.78 -46.73 -16.02
N GLU A 466 -12.69 -46.07 -17.18
CA GLU A 466 -11.77 -44.96 -17.34
C GLU A 466 -12.34 -43.72 -16.68
N LEU A 467 -13.67 -43.66 -16.66
CA LEU A 467 -14.38 -42.57 -16.05
C LEU A 467 -14.24 -42.65 -14.52
N THR A 468 -14.54 -43.81 -13.95
CA THR A 468 -14.46 -44.01 -12.49
C THR A 468 -13.09 -44.37 -11.94
N GLY A 469 -12.28 -45.03 -12.76
CA GLY A 469 -10.95 -45.41 -12.31
C GLY A 469 -10.95 -46.67 -11.45
N GLU A 470 -12.10 -47.31 -11.31
CA GLU A 470 -12.22 -48.52 -10.54
C GLU A 470 -13.02 -49.56 -11.35
N LYS A 471 -13.55 -50.60 -10.70
CA LYS A 471 -14.28 -51.65 -11.43
C LYS A 471 -15.73 -51.86 -11.04
N GLU A 472 -16.05 -51.71 -9.76
CA GLU A 472 -17.41 -51.94 -9.28
C GLU A 472 -18.48 -50.95 -9.77
N MET A 473 -18.28 -49.66 -9.50
CA MET A 473 -19.23 -48.63 -9.92
C MET A 473 -19.32 -48.61 -11.43
N ALA A 474 -18.18 -48.83 -12.09
CA ALA A 474 -18.10 -48.87 -13.56
C ALA A 474 -18.99 -49.97 -14.12
N ALA A 475 -18.94 -51.12 -13.46
CA ALA A 475 -19.76 -52.25 -13.85
C ALA A 475 -21.23 -51.89 -13.65
N GLU A 476 -21.51 -51.23 -12.54
CA GLU A 476 -22.86 -50.82 -12.21
C GLU A 476 -23.41 -49.86 -13.25
N LEU A 477 -22.59 -48.88 -13.63
CA LEU A 477 -22.97 -47.87 -14.60
C LEU A 477 -23.11 -48.49 -15.98
N LYS A 478 -22.16 -49.36 -16.33
CA LYS A 478 -22.18 -50.03 -17.63
C LYS A 478 -23.45 -50.85 -17.83
N ALA A 479 -23.94 -51.43 -16.75
CA ALA A 479 -25.16 -52.24 -16.81
C ALA A 479 -26.38 -51.35 -16.92
N LEU A 480 -26.25 -50.09 -16.49
CA LEU A 480 -27.36 -49.14 -16.54
C LEU A 480 -27.42 -48.35 -17.85
N TYR A 481 -26.29 -47.81 -18.28
CA TYR A 481 -26.25 -47.01 -19.50
C TYR A 481 -25.87 -47.75 -20.77
N SER A 482 -24.96 -48.74 -20.65
CA SER A 482 -24.49 -49.53 -21.79
C SER A 482 -23.36 -48.83 -22.55
N ASP A 483 -23.65 -47.65 -23.08
CA ASP A 483 -22.68 -46.86 -23.83
C ASP A 483 -22.09 -45.77 -22.91
N ILE A 484 -20.78 -45.54 -23.01
CA ILE A 484 -20.12 -44.53 -22.20
C ILE A 484 -20.51 -43.18 -22.84
N ASP A 485 -20.83 -43.24 -24.13
CA ASP A 485 -21.23 -42.07 -24.91
C ASP A 485 -22.68 -41.67 -24.62
N VAL A 486 -23.33 -42.34 -23.67
CA VAL A 486 -24.71 -42.02 -23.31
C VAL A 486 -24.71 -41.57 -21.85
N MET A 487 -23.55 -41.76 -21.21
CA MET A 487 -23.34 -41.40 -19.81
C MET A 487 -23.72 -39.92 -19.59
N GLU A 488 -24.44 -39.67 -18.51
CA GLU A 488 -24.87 -38.34 -18.20
C GLU A 488 -23.86 -37.57 -17.41
N LEU A 489 -23.82 -36.27 -17.66
CA LEU A 489 -22.89 -35.34 -17.03
C LEU A 489 -22.93 -35.31 -15.48
N TYR A 490 -24.03 -34.82 -14.93
CA TYR A 490 -24.17 -34.71 -13.48
C TYR A 490 -23.67 -35.91 -12.66
N PRO A 491 -24.26 -37.10 -12.88
CA PRO A 491 -23.80 -38.27 -12.11
C PRO A 491 -22.29 -38.49 -12.34
N ALA A 492 -21.90 -38.47 -13.61
CA ALA A 492 -20.52 -38.66 -13.98
C ALA A 492 -19.59 -37.80 -13.16
N LEU A 493 -20.01 -36.58 -12.81
CA LEU A 493 -19.14 -35.69 -12.03
C LEU A 493 -18.87 -36.18 -10.61
N LEU A 494 -19.91 -36.71 -9.97
CA LEU A 494 -19.85 -37.23 -8.60
C LEU A 494 -19.20 -38.61 -8.49
N VAL A 495 -19.07 -39.28 -9.62
CA VAL A 495 -18.53 -40.64 -9.67
C VAL A 495 -17.14 -40.70 -10.33
N GLU A 496 -16.74 -39.61 -10.96
CA GLU A 496 -15.47 -39.51 -11.66
C GLU A 496 -14.26 -39.81 -10.81
N LYS A 497 -13.24 -40.40 -11.43
CA LYS A 497 -12.02 -40.72 -10.71
C LYS A 497 -11.38 -39.44 -10.22
N PRO A 498 -11.29 -39.26 -8.90
CA PRO A 498 -10.68 -38.06 -8.35
C PRO A 498 -9.24 -37.93 -8.80
N ARG A 499 -8.73 -36.70 -8.77
CA ARG A 499 -7.34 -36.48 -9.13
C ARG A 499 -6.64 -37.00 -7.87
N PRO A 500 -5.33 -37.26 -7.91
CA PRO A 500 -4.58 -37.76 -6.75
C PRO A 500 -4.80 -37.00 -5.44
N ASP A 501 -5.53 -37.61 -4.49
CA ASP A 501 -5.82 -37.00 -3.19
C ASP A 501 -6.61 -35.70 -3.31
N ALA A 502 -7.29 -35.53 -4.43
CA ALA A 502 -8.08 -34.35 -4.72
C ALA A 502 -9.54 -34.64 -4.42
N ILE A 503 -10.32 -33.59 -4.28
CA ILE A 503 -11.74 -33.68 -4.00
C ILE A 503 -12.59 -33.79 -5.27
N PHE A 504 -12.02 -33.34 -6.39
CA PHE A 504 -12.69 -33.33 -7.71
C PHE A 504 -11.97 -34.11 -8.82
N GLY A 505 -12.72 -34.33 -9.90
CA GLY A 505 -12.19 -34.98 -11.08
C GLY A 505 -11.83 -33.88 -12.08
N GLU A 506 -11.22 -34.26 -13.19
CA GLU A 506 -10.78 -33.33 -14.24
C GLU A 506 -11.96 -32.58 -14.92
N THR A 507 -13.07 -33.28 -15.17
CA THR A 507 -14.26 -32.67 -15.79
C THR A 507 -14.80 -31.54 -14.91
N MET A 508 -14.87 -31.79 -13.61
CA MET A 508 -15.37 -30.80 -12.66
C MET A 508 -14.53 -29.52 -12.67
N VAL A 509 -13.21 -29.65 -12.62
CA VAL A 509 -12.33 -28.51 -12.62
C VAL A 509 -12.23 -27.85 -13.97
N GLU A 510 -12.35 -28.63 -15.03
CA GLU A 510 -12.21 -28.12 -16.38
C GLU A 510 -13.44 -27.37 -16.88
N LEU A 511 -14.60 -27.70 -16.33
CA LEU A 511 -15.83 -27.04 -16.73
C LEU A 511 -16.06 -25.82 -15.84
N GLY A 512 -15.85 -26.02 -14.54
CA GLY A 512 -16.07 -24.96 -13.59
C GLY A 512 -15.15 -23.77 -13.60
N ALA A 513 -13.87 -23.97 -13.88
CA ALA A 513 -12.93 -22.88 -13.89
C ALA A 513 -13.30 -21.77 -14.88
N PRO A 514 -13.62 -22.13 -16.13
CA PRO A 514 -13.98 -21.10 -17.12
C PRO A 514 -15.22 -20.27 -16.73
N PHE A 515 -16.30 -20.97 -16.36
CA PHE A 515 -17.54 -20.33 -15.94
C PHE A 515 -17.28 -19.47 -14.73
N SER A 516 -16.39 -19.95 -13.87
CA SER A 516 -16.06 -19.27 -12.64
C SER A 516 -15.32 -17.96 -12.81
N LEU A 517 -14.14 -17.98 -13.42
CA LEU A 517 -13.37 -16.75 -13.62
C LEU A 517 -14.12 -15.73 -14.51
N LYS A 518 -14.88 -16.25 -15.47
CA LYS A 518 -15.65 -15.38 -16.35
C LYS A 518 -16.55 -14.49 -15.50
N GLY A 519 -17.26 -15.08 -14.55
CA GLY A 519 -18.14 -14.26 -13.74
C GLY A 519 -17.48 -13.47 -12.62
N LEU A 520 -16.26 -13.87 -12.25
CA LEU A 520 -15.47 -13.23 -11.18
C LEU A 520 -14.74 -12.04 -11.80
N MET A 521 -14.08 -12.30 -12.92
CA MET A 521 -13.34 -11.26 -13.61
C MET A 521 -14.26 -10.45 -14.49
N GLY A 522 -15.38 -11.06 -14.87
CA GLY A 522 -16.34 -10.40 -15.72
C GLY A 522 -17.07 -9.27 -15.04
N ASN A 523 -16.97 -9.15 -13.71
CA ASN A 523 -17.67 -8.09 -12.97
C ASN A 523 -17.18 -6.68 -13.34
N PRO A 524 -18.12 -5.73 -13.46
CA PRO A 524 -17.82 -4.34 -13.79
C PRO A 524 -16.73 -3.70 -12.94
N ILE A 525 -16.73 -3.95 -11.63
CA ILE A 525 -15.72 -3.32 -10.76
C ILE A 525 -14.29 -3.66 -11.14
N CYS A 526 -14.14 -4.62 -12.05
CA CYS A 526 -12.82 -5.06 -12.50
C CYS A 526 -12.45 -4.36 -13.79
N SER A 527 -13.42 -3.66 -14.38
CA SER A 527 -13.19 -2.93 -15.62
C SER A 527 -12.32 -1.72 -15.31
N PRO A 528 -11.54 -1.26 -16.30
CA PRO A 528 -10.65 -0.12 -16.08
C PRO A 528 -11.30 1.12 -15.47
N GLN A 529 -12.44 1.54 -15.99
CA GLN A 529 -13.12 2.72 -15.46
C GLN A 529 -13.48 2.54 -13.99
N TYR A 530 -13.61 1.29 -13.54
CA TYR A 530 -13.98 1.05 -12.15
C TYR A 530 -12.83 0.77 -11.19
N TRP A 531 -11.78 0.10 -11.68
CA TRP A 531 -10.65 -0.26 -10.84
C TRP A 531 -9.71 0.86 -10.47
N LYS A 532 -10.11 1.67 -9.49
CA LYS A 532 -9.31 2.79 -9.02
C LYS A 532 -9.85 3.21 -7.65
N PRO A 533 -8.99 3.83 -6.84
CA PRO A 533 -9.35 4.27 -5.49
C PRO A 533 -10.67 4.99 -5.33
N SER A 534 -10.88 6.00 -6.16
CA SER A 534 -12.06 6.82 -6.07
C SER A 534 -13.35 6.02 -6.06
N THR A 535 -13.36 4.89 -6.75
CA THR A 535 -14.59 4.10 -6.82
C THR A 535 -14.95 3.51 -5.49
N PHE A 536 -13.94 3.30 -4.67
CA PHE A 536 -14.10 2.70 -3.36
C PHE A 536 -13.89 3.67 -2.19
N GLY A 537 -14.13 4.96 -2.47
CA GLY A 537 -13.99 6.01 -1.47
C GLY A 537 -12.56 6.35 -1.16
N GLY A 538 -11.64 6.10 -2.09
CA GLY A 538 -10.26 6.42 -1.82
C GLY A 538 -9.33 5.24 -1.59
N GLU A 539 -8.09 5.53 -1.21
CA GLU A 539 -7.08 4.49 -0.97
C GLU A 539 -7.37 3.67 0.27
N VAL A 540 -8.20 4.19 1.17
CA VAL A 540 -8.55 3.45 2.38
C VAL A 540 -9.54 2.34 2.01
N GLY A 541 -10.53 2.67 1.19
CA GLY A 541 -11.51 1.68 0.75
C GLY A 541 -10.88 0.66 -0.19
N PHE A 542 -10.07 1.16 -1.13
CA PHE A 542 -9.37 0.28 -2.05
C PHE A 542 -8.56 -0.77 -1.24
N LYS A 543 -7.85 -0.31 -0.20
CA LYS A 543 -7.03 -1.20 0.62
C LYS A 543 -7.84 -2.31 1.28
N ILE A 544 -9.04 -1.99 1.72
CA ILE A 544 -9.90 -2.98 2.37
C ILE A 544 -10.03 -4.20 1.45
N ILE A 545 -10.23 -3.91 0.17
CA ILE A 545 -10.37 -4.93 -0.85
C ILE A 545 -9.10 -5.68 -1.11
N ASN A 546 -8.05 -4.93 -1.43
CA ASN A 546 -6.77 -5.54 -1.75
C ASN A 546 -6.03 -6.27 -0.61
N THR A 547 -6.54 -6.19 0.61
CA THR A 547 -5.96 -6.92 1.75
C THR A 547 -7.02 -7.81 2.41
N ALA A 548 -8.07 -8.18 1.67
CA ALA A 548 -9.13 -8.99 2.25
C ALA A 548 -8.75 -10.45 2.26
N SER A 549 -9.38 -11.21 3.15
CA SER A 549 -9.11 -12.65 3.28
C SER A 549 -10.17 -13.27 4.20
N ILE A 550 -10.31 -14.59 4.18
CA ILE A 550 -11.30 -15.21 5.05
C ILE A 550 -10.90 -15.06 6.52
N GLN A 551 -9.60 -14.98 6.79
CA GLN A 551 -9.10 -14.79 8.15
C GLN A 551 -9.51 -13.40 8.69
N SER A 552 -9.15 -12.34 7.93
CA SER A 552 -9.44 -10.96 8.31
C SER A 552 -10.94 -10.67 8.21
N LEU A 553 -11.66 -11.49 7.46
CA LEU A 553 -13.09 -11.31 7.35
C LEU A 553 -13.62 -11.72 8.71
N ILE A 554 -13.36 -12.98 9.06
CA ILE A 554 -13.77 -13.55 10.33
C ILE A 554 -13.03 -12.91 11.50
N CYS A 555 -11.92 -12.22 11.21
CA CYS A 555 -11.20 -11.59 12.30
C CYS A 555 -11.71 -10.19 12.70
N ASN A 556 -12.16 -9.38 11.74
CA ASN A 556 -12.70 -8.03 12.06
C ASN A 556 -14.16 -8.10 12.45
N ASN A 557 -14.78 -9.28 12.32
CA ASN A 557 -16.21 -9.40 12.58
C ASN A 557 -16.70 -10.36 13.65
N VAL A 558 -15.88 -11.33 14.04
CA VAL A 558 -16.31 -12.27 15.06
C VAL A 558 -15.45 -12.14 16.31
N LYS A 559 -16.12 -12.07 17.46
CA LYS A 559 -15.45 -11.91 18.74
C LYS A 559 -14.28 -12.88 19.04
N GLY A 560 -13.15 -12.32 19.47
CA GLY A 560 -11.98 -13.12 19.80
C GLY A 560 -11.07 -13.43 18.62
N CYS A 561 -11.50 -12.97 17.45
CA CYS A 561 -10.75 -13.21 16.23
C CYS A 561 -10.36 -14.69 16.23
N PRO A 562 -11.36 -15.58 16.15
CA PRO A 562 -11.06 -17.02 16.14
C PRO A 562 -10.28 -17.38 14.88
N PHE A 563 -9.25 -18.20 15.02
CA PHE A 563 -8.49 -18.58 13.85
C PHE A 563 -9.45 -19.31 12.94
N THR A 564 -9.30 -19.09 11.63
CA THR A 564 -10.14 -19.77 10.67
C THR A 564 -9.39 -20.05 9.38
N SER A 565 -9.85 -21.07 8.66
CA SER A 565 -9.22 -21.50 7.43
C SER A 565 -10.23 -22.27 6.62
N PHE A 566 -9.91 -22.61 5.37
CA PHE A 566 -10.84 -23.37 4.56
C PHE A 566 -10.50 -24.87 4.59
N ASN A 567 -9.48 -25.22 5.36
CA ASN A 567 -9.08 -26.62 5.48
C ASN A 567 -8.88 -26.94 6.93
N VAL A 568 -9.04 -28.22 7.27
CA VAL A 568 -8.87 -28.69 8.63
C VAL A 568 -7.38 -28.61 8.98
N GLN A 569 -7.07 -27.90 10.06
CA GLN A 569 -5.69 -27.68 10.48
C GLN A 569 -5.00 -28.86 11.17
N ALA B 18 -22.12 23.43 -1.71
CA ALA B 18 -21.21 23.14 -0.57
C ALA B 18 -20.27 22.04 -1.03
N ASN B 19 -20.73 21.29 -2.01
CA ASN B 19 -19.95 20.21 -2.57
C ASN B 19 -18.67 20.80 -3.13
N PRO B 20 -17.51 20.46 -2.52
CA PRO B 20 -16.20 20.96 -2.97
C PRO B 20 -15.83 20.50 -4.36
N CYS B 21 -16.59 19.56 -4.92
CA CYS B 21 -16.31 19.08 -6.26
C CYS B 21 -17.24 19.79 -7.24
N CYS B 22 -18.06 20.68 -6.71
CA CYS B 22 -19.03 21.47 -7.48
C CYS B 22 -18.36 22.29 -8.59
N SER B 23 -17.09 22.63 -8.38
CA SER B 23 -16.33 23.45 -9.32
C SER B 23 -15.72 22.69 -10.52
N ASN B 24 -15.96 21.38 -10.59
CA ASN B 24 -15.45 20.49 -11.64
C ASN B 24 -13.92 20.67 -11.77
N PRO B 25 -13.19 20.51 -10.65
CA PRO B 25 -11.74 20.66 -10.56
C PRO B 25 -10.91 19.73 -11.46
N CYS B 26 -11.17 18.43 -11.38
CA CYS B 26 -10.40 17.49 -12.17
C CYS B 26 -10.53 17.69 -13.66
N GLN B 27 -9.39 17.72 -14.33
CA GLN B 27 -9.30 17.87 -15.76
C GLN B 27 -8.86 16.52 -16.34
N ASN B 28 -9.09 16.32 -17.63
CA ASN B 28 -8.67 15.11 -18.33
C ASN B 28 -9.24 13.74 -17.95
N ARG B 29 -10.51 13.70 -17.55
CA ARG B 29 -11.19 12.46 -17.18
C ARG B 29 -10.91 11.96 -15.75
N GLY B 30 -10.24 12.79 -14.97
CA GLY B 30 -9.92 12.49 -13.59
C GLY B 30 -11.17 12.61 -12.74
N GLU B 31 -11.29 11.70 -11.78
CA GLU B 31 -12.45 11.66 -10.89
C GLU B 31 -12.29 12.51 -9.64
N CYS B 32 -13.28 13.36 -9.37
CA CYS B 32 -13.24 14.22 -8.18
C CYS B 32 -13.95 13.52 -7.03
N MET B 33 -13.26 13.43 -5.89
CA MET B 33 -13.79 12.80 -4.69
C MET B 33 -13.60 13.75 -3.53
N SER B 34 -14.69 14.09 -2.84
CA SER B 34 -14.65 15.00 -1.68
C SER B 34 -13.97 14.35 -0.49
N THR B 35 -12.81 14.91 -0.13
CA THR B 35 -12.01 14.42 0.98
C THR B 35 -12.10 15.37 2.18
N GLY B 36 -13.23 15.35 2.89
CA GLY B 36 -13.41 16.26 4.00
C GLY B 36 -14.52 17.19 3.57
N PHE B 37 -15.05 18.01 4.49
CA PHE B 37 -16.16 18.89 4.16
C PHE B 37 -15.95 19.98 3.14
N ASP B 38 -14.71 20.36 2.89
CA ASP B 38 -14.45 21.42 1.92
C ASP B 38 -13.13 21.17 1.22
N GLN B 39 -12.79 19.90 1.06
CA GLN B 39 -11.56 19.51 0.38
C GLN B 39 -11.94 18.38 -0.55
N TYR B 40 -11.15 18.21 -1.61
CA TYR B 40 -11.41 17.15 -2.57
C TYR B 40 -10.09 16.51 -2.97
N LYS B 41 -10.17 15.56 -3.89
CA LYS B 41 -9.00 14.87 -4.35
C LYS B 41 -9.32 14.35 -5.76
N CYS B 42 -8.32 14.36 -6.63
CA CYS B 42 -8.54 13.89 -8.00
C CYS B 42 -7.87 12.58 -8.26
N ASP B 43 -8.64 11.60 -8.75
CA ASP B 43 -8.11 10.29 -9.07
C ASP B 43 -7.69 10.40 -10.53
N CYS B 44 -6.37 10.47 -10.73
CA CYS B 44 -5.79 10.61 -12.05
C CYS B 44 -5.38 9.28 -12.69
N THR B 45 -5.75 8.17 -12.04
CA THR B 45 -5.46 6.84 -12.55
C THR B 45 -5.73 6.74 -14.07
N ARG B 46 -4.72 6.24 -14.79
CA ARG B 46 -4.80 6.03 -16.24
C ARG B 46 -5.23 7.22 -17.09
N THR B 47 -5.16 8.43 -16.55
CA THR B 47 -5.57 9.63 -17.29
C THR B 47 -4.50 10.18 -18.23
N GLY B 48 -3.24 9.89 -17.91
CA GLY B 48 -2.13 10.38 -18.70
C GLY B 48 -1.50 11.59 -18.01
N PHE B 49 -2.11 12.04 -16.91
CA PHE B 49 -1.63 13.19 -16.17
C PHE B 49 -1.63 12.94 -14.67
N TYR B 50 -0.93 13.81 -13.96
CA TYR B 50 -0.86 13.76 -12.51
C TYR B 50 -1.09 15.22 -12.08
N GLY B 51 -0.96 15.51 -10.80
CA GLY B 51 -1.18 16.87 -10.33
C GLY B 51 -2.52 16.98 -9.63
N GLU B 52 -2.60 17.86 -8.64
CA GLU B 52 -3.83 18.03 -7.87
C GLU B 52 -5.08 17.90 -8.73
N ASN B 53 -5.02 18.50 -9.92
CA ASN B 53 -6.15 18.51 -10.85
C ASN B 53 -6.01 17.67 -12.13
N CYS B 54 -5.00 16.80 -12.19
CA CYS B 54 -4.79 15.95 -13.37
C CYS B 54 -4.43 16.79 -14.58
N THR B 55 -3.54 17.77 -14.40
CA THR B 55 -3.18 18.62 -15.53
C THR B 55 -1.72 18.53 -15.96
N THR B 56 -0.87 17.96 -15.10
CA THR B 56 0.54 17.80 -15.42
C THR B 56 0.65 16.55 -16.28
N PRO B 57 0.89 16.72 -17.58
CA PRO B 57 1.00 15.57 -18.47
C PRO B 57 2.27 14.76 -18.28
N GLU B 58 2.17 13.46 -18.55
CA GLU B 58 3.31 12.58 -18.45
C GLU B 58 4.09 12.69 -19.74
N PHE B 59 5.36 12.27 -19.72
CA PHE B 59 6.18 12.35 -20.90
C PHE B 59 5.45 11.79 -22.14
N LEU B 60 5.25 10.48 -22.17
CA LEU B 60 4.58 9.86 -23.33
C LEU B 60 3.28 10.57 -23.71
N THR B 61 2.59 11.15 -22.73
CA THR B 61 1.36 11.87 -23.00
C THR B 61 1.65 13.08 -23.89
N ARG B 62 2.71 13.81 -23.55
CA ARG B 62 3.11 15.00 -24.29
C ARG B 62 3.39 14.69 -25.74
N ILE B 63 3.98 13.54 -26.01
CA ILE B 63 4.30 13.15 -27.38
C ILE B 63 3.05 12.84 -28.19
N LYS B 64 2.09 12.17 -27.55
CA LYS B 64 0.84 11.82 -28.20
C LYS B 64 0.00 13.08 -28.41
N LEU B 65 0.21 14.07 -27.54
CA LEU B 65 -0.52 15.32 -27.63
C LEU B 65 -0.05 16.13 -28.84
N LEU B 66 1.24 16.02 -29.14
CA LEU B 66 1.81 16.74 -30.27
C LEU B 66 1.39 16.12 -31.61
N LEU B 67 1.50 14.80 -31.71
CA LEU B 67 1.17 14.09 -32.94
C LEU B 67 -0.34 13.85 -33.11
N LYS B 68 -1.13 14.53 -32.30
CA LYS B 68 -2.58 14.40 -32.36
C LYS B 68 -3.19 15.51 -33.21
N PRO B 69 -3.81 15.16 -34.34
CA PRO B 69 -4.40 16.20 -35.19
C PRO B 69 -5.79 16.54 -34.67
N THR B 70 -6.21 17.79 -34.84
CA THR B 70 -7.52 18.19 -34.35
C THR B 70 -8.65 17.53 -35.16
N PRO B 71 -9.81 17.30 -34.52
CA PRO B 71 -11.00 16.70 -35.14
C PRO B 71 -11.35 17.34 -36.47
N ASN B 72 -11.14 18.66 -36.51
CA ASN B 72 -11.42 19.50 -37.68
C ASN B 72 -10.40 19.31 -38.79
N THR B 73 -9.22 18.83 -38.41
CA THR B 73 -8.15 18.58 -39.37
C THR B 73 -8.50 17.28 -40.09
N VAL B 74 -8.82 16.26 -39.28
CA VAL B 74 -9.18 14.93 -39.79
C VAL B 74 -10.43 15.03 -40.67
N HIS B 75 -11.44 15.72 -40.15
CA HIS B 75 -12.68 15.91 -40.89
C HIS B 75 -12.35 16.49 -42.26
N TYR B 76 -11.41 17.43 -42.29
CA TYR B 76 -11.00 18.07 -43.54
C TYR B 76 -10.39 17.05 -44.52
N ILE B 77 -9.54 16.17 -43.99
CA ILE B 77 -8.93 15.16 -44.83
C ILE B 77 -9.93 14.09 -45.23
N LEU B 78 -10.88 13.80 -44.34
CA LEU B 78 -11.90 12.79 -44.60
C LEU B 78 -12.89 13.26 -45.65
N THR B 79 -13.01 14.57 -45.79
CA THR B 79 -13.94 15.17 -46.74
C THR B 79 -13.28 15.83 -47.96
N HIS B 80 -11.95 15.83 -48.04
CA HIS B 80 -11.27 16.42 -49.19
C HIS B 80 -10.36 15.40 -49.89
N PHE B 81 -9.77 15.79 -51.01
CA PHE B 81 -8.90 14.91 -51.79
C PHE B 81 -9.70 13.71 -52.29
N LYS B 82 -10.80 13.99 -52.97
CA LYS B 82 -11.66 12.95 -53.48
C LYS B 82 -10.88 11.95 -54.32
N GLY B 83 -9.93 12.46 -55.11
CA GLY B 83 -9.13 11.58 -55.96
C GLY B 83 -8.37 10.52 -55.18
N VAL B 84 -7.87 10.92 -54.01
CA VAL B 84 -7.12 10.05 -53.11
C VAL B 84 -8.02 9.00 -52.48
N TRP B 85 -9.13 9.46 -51.90
CA TRP B 85 -10.08 8.57 -51.28
C TRP B 85 -10.60 7.59 -52.29
N ASN B 86 -10.60 8.00 -53.55
CA ASN B 86 -11.07 7.18 -54.64
C ASN B 86 -10.15 5.99 -54.85
N ILE B 87 -8.90 6.14 -54.43
CA ILE B 87 -7.89 5.11 -54.57
C ILE B 87 -8.00 4.20 -53.35
N VAL B 88 -7.88 4.80 -52.19
CA VAL B 88 -7.99 4.07 -50.94
C VAL B 88 -9.26 3.23 -50.98
N ASN B 89 -10.35 3.88 -51.40
CA ASN B 89 -11.67 3.25 -51.48
C ASN B 89 -11.71 2.03 -52.36
N ASN B 90 -10.66 1.80 -53.14
CA ASN B 90 -10.67 0.63 -54.02
C ASN B 90 -9.50 -0.30 -53.73
N ILE B 91 -8.97 -0.19 -52.52
CA ILE B 91 -7.89 -1.04 -52.08
C ILE B 91 -8.42 -1.71 -50.82
N PRO B 92 -9.12 -2.84 -50.98
CA PRO B 92 -9.69 -3.60 -49.88
C PRO B 92 -8.92 -3.53 -48.55
N PHE B 93 -7.62 -3.80 -48.57
CA PHE B 93 -6.83 -3.76 -47.34
C PHE B 93 -6.59 -2.34 -46.79
N LEU B 94 -6.50 -1.36 -47.69
CA LEU B 94 -6.30 0.03 -47.32
C LEU B 94 -7.61 0.55 -46.73
N ARG B 95 -8.70 0.25 -47.41
CA ARG B 95 -10.01 0.67 -46.96
C ARG B 95 -10.40 0.07 -45.61
N SER B 96 -9.89 -1.12 -45.32
CA SER B 96 -10.19 -1.78 -44.06
C SER B 96 -9.39 -1.07 -43.01
N LEU B 97 -8.12 -0.82 -43.34
CA LEU B 97 -7.21 -0.15 -42.42
C LEU B 97 -7.76 1.17 -41.91
N ILE B 98 -8.41 1.92 -42.79
CA ILE B 98 -8.98 3.20 -42.39
C ILE B 98 -10.19 3.00 -41.43
N MET B 99 -11.17 2.23 -41.89
CA MET B 99 -12.38 1.97 -41.12
C MET B 99 -12.11 1.42 -39.72
N LYS B 100 -11.10 0.55 -39.63
CA LYS B 100 -10.75 -0.03 -38.35
C LYS B 100 -10.30 1.10 -37.42
N TYR B 101 -9.55 2.04 -37.96
CA TYR B 101 -9.09 3.16 -37.16
C TYR B 101 -10.30 4.04 -36.85
N VAL B 102 -11.24 4.19 -37.78
CA VAL B 102 -12.38 5.01 -37.46
C VAL B 102 -13.12 4.35 -36.30
N LEU B 103 -13.47 3.08 -36.48
CA LEU B 103 -14.17 2.29 -35.45
C LEU B 103 -13.54 2.26 -34.06
N THR B 104 -12.20 2.34 -33.96
CA THR B 104 -11.51 2.27 -32.67
C THR B 104 -11.14 3.62 -32.05
N SER B 105 -10.55 4.49 -32.86
CA SER B 105 -10.14 5.80 -32.39
C SER B 105 -11.30 6.45 -31.64
N ARG B 106 -12.51 6.13 -32.07
CA ARG B 106 -13.74 6.66 -31.50
C ARG B 106 -14.08 6.04 -30.15
N SER B 107 -14.37 4.75 -30.20
CA SER B 107 -14.78 3.96 -29.03
C SER B 107 -14.14 4.20 -27.67
N TYR B 108 -12.87 4.59 -27.64
CA TYR B 108 -12.19 4.84 -26.38
C TYR B 108 -12.79 6.01 -25.54
N LEU B 109 -13.68 6.79 -26.17
CA LEU B 109 -14.33 7.93 -25.51
C LEU B 109 -15.55 7.54 -24.67
N ILE B 110 -16.00 6.29 -24.81
CA ILE B 110 -17.17 5.81 -24.08
C ILE B 110 -16.75 4.97 -22.87
N ASP B 111 -17.50 5.08 -21.78
CA ASP B 111 -17.24 4.30 -20.57
C ASP B 111 -18.06 3.03 -20.72
N SER B 112 -17.42 1.87 -20.73
CA SER B 112 -18.13 0.61 -20.90
C SER B 112 -17.43 -0.54 -20.21
N PRO B 113 -18.09 -1.14 -19.20
CA PRO B 113 -19.41 -0.88 -18.64
C PRO B 113 -19.68 0.58 -18.22
N PRO B 114 -20.97 0.98 -18.27
CA PRO B 114 -21.41 2.34 -17.91
C PRO B 114 -21.13 2.72 -16.46
N THR B 115 -21.12 4.03 -16.24
CA THR B 115 -20.84 4.63 -14.94
C THR B 115 -22.04 5.36 -14.29
N TYR B 116 -22.13 6.68 -14.48
CA TYR B 116 -23.19 7.47 -13.86
C TYR B 116 -24.55 7.51 -14.53
N ASN B 117 -25.50 8.12 -13.83
CA ASN B 117 -26.82 8.33 -14.39
C ASN B 117 -27.39 9.62 -13.78
N VAL B 118 -28.65 9.95 -14.05
CA VAL B 118 -29.20 11.19 -13.53
C VAL B 118 -29.17 11.30 -12.02
N HIS B 119 -29.21 10.17 -11.32
CA HIS B 119 -29.22 10.18 -9.85
C HIS B 119 -27.89 9.92 -9.16
N TYR B 120 -26.90 9.46 -9.90
CA TYR B 120 -25.59 9.12 -9.32
C TYR B 120 -24.41 9.81 -9.99
N GLY B 121 -23.70 10.61 -9.21
CA GLY B 121 -22.52 11.30 -9.71
C GLY B 121 -21.24 10.56 -9.34
N TYR B 122 -21.42 9.43 -8.66
CA TYR B 122 -20.32 8.57 -8.25
C TYR B 122 -20.76 7.16 -8.64
N LYS B 123 -19.80 6.30 -8.99
CA LYS B 123 -20.11 4.93 -9.39
C LYS B 123 -20.76 4.15 -8.26
N SER B 124 -21.84 3.45 -8.58
CA SER B 124 -22.54 2.65 -7.59
C SER B 124 -23.13 1.45 -8.32
N TRP B 125 -23.50 0.43 -7.57
CA TRP B 125 -24.08 -0.74 -8.19
C TRP B 125 -25.45 -0.42 -8.75
N GLU B 126 -26.16 0.45 -8.03
CA GLU B 126 -27.50 0.82 -8.43
C GLU B 126 -27.40 1.40 -9.80
N ALA B 127 -26.43 2.30 -9.97
CA ALA B 127 -26.20 2.97 -11.25
C ALA B 127 -25.90 1.94 -12.31
N PHE B 128 -24.85 1.16 -12.09
CA PHE B 128 -24.47 0.15 -13.05
C PHE B 128 -25.50 -0.96 -13.37
N SER B 129 -26.34 -1.34 -12.41
CA SER B 129 -27.29 -2.43 -12.66
C SER B 129 -28.70 -2.05 -13.12
N ASN B 130 -29.17 -0.86 -12.76
CA ASN B 130 -30.52 -0.44 -13.15
C ASN B 130 -30.57 -0.05 -14.63
N LEU B 131 -31.25 -0.89 -15.42
CA LEU B 131 -31.39 -0.70 -16.84
C LEU B 131 -32.46 0.31 -17.22
N SER B 132 -33.22 0.78 -16.23
CA SER B 132 -34.29 1.75 -16.47
C SER B 132 -33.80 3.17 -16.72
N TYR B 133 -32.55 3.43 -16.37
CA TYR B 133 -31.92 4.74 -16.51
C TYR B 133 -31.17 4.89 -17.82
N TYR B 134 -31.06 6.12 -18.29
CA TYR B 134 -30.27 6.41 -19.47
C TYR B 134 -28.97 6.63 -18.72
N THR B 135 -27.84 6.15 -19.26
CA THR B 135 -26.54 6.37 -18.59
C THR B 135 -26.10 7.82 -18.81
N ARG B 136 -24.94 8.20 -18.28
CA ARG B 136 -24.48 9.58 -18.44
C ARG B 136 -22.98 9.75 -18.73
N ALA B 137 -22.65 10.46 -19.80
CA ALA B 137 -21.25 10.72 -20.18
C ALA B 137 -20.56 11.56 -19.09
N LEU B 138 -21.34 12.41 -18.46
CA LEU B 138 -20.81 13.27 -17.41
C LEU B 138 -21.78 13.27 -16.27
N PRO B 139 -21.25 13.08 -15.07
CA PRO B 139 -22.06 13.04 -13.84
C PRO B 139 -22.90 14.27 -13.72
N PRO B 140 -24.11 14.14 -13.18
CA PRO B 140 -24.91 15.35 -13.03
C PRO B 140 -24.27 16.31 -12.01
N VAL B 141 -24.67 17.58 -12.05
CA VAL B 141 -24.15 18.56 -11.11
C VAL B 141 -24.80 18.28 -9.77
N ALA B 142 -23.99 18.28 -8.70
CA ALA B 142 -24.51 18.03 -7.36
C ALA B 142 -25.71 18.94 -7.06
N ASP B 143 -26.65 18.43 -6.27
CA ASP B 143 -27.84 19.18 -5.92
C ASP B 143 -27.57 20.34 -4.98
N ASP B 144 -26.50 20.22 -4.19
CA ASP B 144 -26.14 21.28 -3.25
C ASP B 144 -25.11 22.25 -3.83
N CYS B 145 -24.99 22.27 -5.15
CA CYS B 145 -24.07 23.20 -5.80
C CYS B 145 -24.71 24.60 -5.77
N PRO B 146 -23.89 25.67 -5.72
CA PRO B 146 -24.39 27.05 -5.69
C PRO B 146 -25.10 27.56 -6.96
N THR B 147 -24.67 27.07 -8.11
CA THR B 147 -25.29 27.49 -9.36
C THR B 147 -25.67 26.25 -10.17
N PRO B 148 -26.54 26.44 -11.17
CA PRO B 148 -27.01 25.35 -12.04
C PRO B 148 -25.91 24.57 -12.73
N MET B 149 -24.84 25.26 -13.11
CA MET B 149 -23.73 24.61 -13.78
C MET B 149 -22.54 24.42 -12.88
N GLY B 150 -22.74 24.49 -11.57
CA GLY B 150 -21.63 24.29 -10.66
C GLY B 150 -21.35 25.46 -9.76
N VAL B 151 -20.39 26.30 -10.16
CA VAL B 151 -20.04 27.50 -9.40
C VAL B 151 -20.10 28.78 -10.25
N LYS B 152 -20.02 28.60 -11.57
CA LYS B 152 -20.07 29.72 -12.52
C LYS B 152 -21.50 30.13 -12.87
N GLY B 153 -21.65 31.40 -13.24
CA GLY B 153 -22.97 31.92 -13.61
C GLY B 153 -23.82 32.38 -12.45
N ASN B 154 -25.11 32.61 -12.72
CA ASN B 154 -26.03 33.07 -11.70
C ASN B 154 -26.86 31.92 -11.13
N LYS B 155 -27.57 32.20 -10.04
CA LYS B 155 -28.41 31.20 -9.40
C LYS B 155 -29.33 30.53 -10.41
N GLU B 156 -29.61 31.22 -11.51
CA GLU B 156 -30.50 30.68 -12.52
C GLU B 156 -30.06 30.92 -13.95
N LEU B 157 -30.23 29.90 -14.78
CA LEU B 157 -29.89 29.96 -16.19
C LEU B 157 -30.90 30.90 -16.83
N PRO B 158 -30.61 31.39 -18.04
CA PRO B 158 -31.52 32.30 -18.74
C PRO B 158 -32.83 31.63 -19.10
N ASP B 159 -33.88 32.42 -19.15
CA ASP B 159 -35.19 31.92 -19.50
C ASP B 159 -35.06 31.05 -20.73
N SER B 160 -35.56 29.82 -20.64
CA SER B 160 -35.52 28.89 -21.77
C SER B 160 -36.40 29.41 -22.95
N LYS B 161 -37.50 30.08 -22.61
CA LYS B 161 -38.39 30.64 -23.62
C LYS B 161 -37.66 31.75 -24.38
N GLU B 162 -36.84 32.53 -23.67
CA GLU B 162 -36.05 33.60 -24.28
C GLU B 162 -35.01 32.98 -25.19
N VAL B 163 -34.35 31.94 -24.69
CA VAL B 163 -33.34 31.24 -25.46
C VAL B 163 -34.01 30.66 -26.71
N LEU B 164 -35.16 30.04 -26.49
CA LEU B 164 -35.95 29.43 -27.54
C LEU B 164 -36.25 30.43 -28.65
N GLU B 165 -36.87 31.54 -28.30
CA GLU B 165 -37.23 32.55 -29.27
C GLU B 165 -36.10 33.34 -29.90
N LYS B 166 -35.11 33.74 -29.13
CA LYS B 166 -34.02 34.54 -29.69
C LYS B 166 -33.05 33.85 -30.67
N VAL B 167 -32.73 32.58 -30.46
CA VAL B 167 -31.79 31.94 -31.36
C VAL B 167 -32.19 30.57 -31.89
N LEU B 168 -33.33 30.03 -31.43
CA LEU B 168 -33.75 28.71 -31.90
C LEU B 168 -34.93 28.66 -32.90
N LEU B 169 -36.00 29.42 -32.64
CA LEU B 169 -37.17 29.44 -33.54
C LEU B 169 -36.77 29.90 -34.94
N ARG B 170 -37.32 29.23 -35.95
CA ARG B 170 -37.03 29.55 -37.34
C ARG B 170 -37.89 30.63 -37.97
N ARG B 171 -37.24 31.63 -38.58
CA ARG B 171 -37.99 32.70 -39.24
C ARG B 171 -38.17 32.24 -40.71
N GLU B 172 -37.08 31.96 -41.37
CA GLU B 172 -37.14 31.48 -42.73
C GLU B 172 -36.55 30.09 -42.76
N PHE B 173 -37.13 29.21 -43.57
CA PHE B 173 -36.63 27.86 -43.68
C PHE B 173 -35.21 27.82 -44.29
N ILE B 174 -34.29 27.22 -43.56
CA ILE B 174 -32.91 27.10 -44.02
C ILE B 174 -32.66 25.64 -44.47
N PRO B 175 -32.54 25.41 -45.79
CA PRO B 175 -32.31 24.06 -46.29
C PRO B 175 -30.95 23.53 -45.91
N ASP B 176 -30.81 22.22 -45.91
CA ASP B 176 -29.54 21.63 -45.55
C ASP B 176 -28.60 21.64 -46.75
N PRO B 177 -27.41 22.26 -46.60
CA PRO B 177 -26.43 22.32 -47.69
C PRO B 177 -25.99 20.94 -48.17
N GLN B 178 -26.15 19.94 -47.30
CA GLN B 178 -25.77 18.55 -47.61
C GLN B 178 -26.77 17.81 -48.47
N GLY B 179 -27.95 18.38 -48.64
CA GLY B 179 -28.93 17.73 -49.49
C GLY B 179 -29.86 16.77 -48.78
N SER B 180 -29.70 16.64 -47.46
CA SER B 180 -30.56 15.75 -46.70
C SER B 180 -32.03 15.93 -47.06
N ASN B 181 -32.71 14.85 -47.43
CA ASN B 181 -34.12 14.93 -47.80
C ASN B 181 -34.96 14.38 -46.66
N MET B 182 -36.21 14.03 -46.96
CA MET B 182 -37.13 13.52 -45.94
C MET B 182 -36.99 12.00 -45.68
N MET B 183 -36.44 11.27 -46.65
CA MET B 183 -36.20 9.84 -46.47
C MET B 183 -35.14 9.75 -45.39
N PHE B 184 -34.27 10.75 -45.32
CA PHE B 184 -33.21 10.76 -44.32
C PHE B 184 -33.74 11.20 -42.98
N ALA B 185 -34.48 12.31 -42.95
CA ALA B 185 -35.01 12.82 -41.70
C ALA B 185 -35.88 11.81 -40.97
N PHE B 186 -36.82 11.20 -41.69
CA PHE B 186 -37.73 10.20 -41.12
C PHE B 186 -37.03 8.85 -40.82
N PHE B 187 -35.97 8.53 -41.55
CA PHE B 187 -35.22 7.30 -41.30
C PHE B 187 -34.59 7.46 -39.92
N ALA B 188 -33.85 8.54 -39.73
CA ALA B 188 -33.20 8.85 -38.47
C ALA B 188 -34.21 8.86 -37.33
N GLN B 189 -35.40 9.40 -37.58
CA GLN B 189 -36.47 9.42 -36.56
C GLN B 189 -36.98 7.99 -36.23
N HIS B 190 -37.36 7.25 -37.26
CA HIS B 190 -37.84 5.88 -37.12
C HIS B 190 -36.80 5.00 -36.44
N PHE B 191 -35.55 5.13 -36.88
CA PHE B 191 -34.44 4.34 -36.34
C PHE B 191 -34.06 4.73 -34.90
N THR B 192 -33.77 6.00 -34.66
CA THR B 192 -33.39 6.43 -33.33
C THR B 192 -34.49 6.19 -32.32
N HIS B 193 -35.71 5.94 -32.78
CA HIS B 193 -36.82 5.77 -31.84
C HIS B 193 -37.04 4.38 -31.26
N GLN B 194 -36.08 3.49 -31.48
CA GLN B 194 -36.17 2.17 -30.92
C GLN B 194 -35.37 2.23 -29.63
N PHE B 195 -34.33 3.09 -29.58
CA PHE B 195 -33.55 3.19 -28.35
C PHE B 195 -33.76 4.48 -27.55
N PHE B 196 -34.45 5.45 -28.12
CA PHE B 196 -34.78 6.73 -27.45
C PHE B 196 -36.28 6.62 -27.14
N LYS B 197 -36.60 6.11 -25.96
CA LYS B 197 -38.00 5.93 -25.58
C LYS B 197 -38.08 6.34 -24.12
N THR B 198 -38.02 7.65 -23.90
CA THR B 198 -38.06 8.15 -22.54
C THR B 198 -39.32 7.66 -21.81
N ASP B 199 -39.13 7.27 -20.55
CA ASP B 199 -40.22 6.80 -19.71
C ASP B 199 -40.66 8.02 -18.94
N HIS B 200 -41.54 8.79 -19.55
CA HIS B 200 -42.05 10.04 -18.98
C HIS B 200 -42.76 9.86 -17.63
N LYS B 201 -43.20 8.65 -17.33
CA LYS B 201 -43.88 8.39 -16.06
C LYS B 201 -42.84 8.49 -14.95
N ARG B 202 -41.60 8.13 -15.25
CA ARG B 202 -40.53 8.18 -14.26
C ARG B 202 -39.76 9.50 -14.26
N GLY B 203 -39.38 9.96 -15.44
CA GLY B 203 -38.61 11.19 -15.52
C GLY B 203 -37.79 11.17 -16.79
N PRO B 204 -37.20 12.29 -17.17
CA PRO B 204 -36.40 12.38 -18.41
C PRO B 204 -35.16 11.48 -18.46
N GLY B 205 -34.56 11.23 -17.30
CA GLY B 205 -33.38 10.38 -17.25
C GLY B 205 -33.70 8.89 -17.29
N PHE B 206 -34.96 8.53 -17.53
CA PHE B 206 -35.39 7.13 -17.60
C PHE B 206 -35.82 6.68 -19.00
N THR B 207 -35.54 5.42 -19.33
CA THR B 207 -35.89 4.87 -20.65
C THR B 207 -36.76 3.62 -20.54
N ARG B 208 -37.47 3.31 -21.63
CA ARG B 208 -38.32 2.12 -21.69
C ARG B 208 -37.68 1.10 -22.66
N GLY B 209 -36.65 1.55 -23.38
CA GLY B 209 -35.95 0.68 -24.29
C GLY B 209 -34.87 -0.05 -23.49
N LEU B 210 -35.29 -1.06 -22.74
CA LEU B 210 -34.39 -1.82 -21.90
C LEU B 210 -33.39 -2.66 -22.70
N GLY B 211 -33.40 -2.54 -24.02
CA GLY B 211 -32.45 -3.27 -24.84
C GLY B 211 -31.22 -2.39 -25.04
N HIS B 212 -31.38 -1.10 -24.75
CA HIS B 212 -30.31 -0.13 -24.89
C HIS B 212 -29.54 -0.19 -26.24
N GLY B 213 -30.28 -0.42 -27.32
CA GLY B 213 -29.67 -0.46 -28.63
C GLY B 213 -30.59 -0.91 -29.74
N VAL B 214 -29.96 -1.23 -30.86
CA VAL B 214 -30.64 -1.71 -32.05
C VAL B 214 -31.17 -3.12 -31.89
N ASP B 215 -32.24 -3.32 -31.14
CA ASP B 215 -32.78 -4.67 -30.97
C ASP B 215 -34.02 -4.80 -31.85
N LEU B 216 -34.33 -3.70 -32.55
CA LEU B 216 -35.47 -3.61 -33.44
C LEU B 216 -36.78 -3.85 -32.72
N ASN B 217 -36.88 -3.33 -31.50
CA ASN B 217 -38.11 -3.53 -30.76
C ASN B 217 -39.20 -2.65 -31.35
N HIS B 218 -38.82 -1.66 -32.16
CA HIS B 218 -39.82 -0.76 -32.75
C HIS B 218 -40.60 -1.42 -33.89
N ILE B 219 -40.22 -2.66 -34.20
CA ILE B 219 -40.85 -3.45 -35.25
C ILE B 219 -41.55 -4.64 -34.59
N TYR B 220 -40.79 -5.30 -33.71
CA TYR B 220 -41.22 -6.49 -32.99
C TYR B 220 -41.83 -6.31 -31.59
N GLY B 221 -41.59 -5.17 -30.95
CA GLY B 221 -42.13 -4.94 -29.62
C GLY B 221 -41.08 -5.18 -28.54
N GLU B 222 -41.21 -4.47 -27.42
CA GLU B 222 -40.28 -4.61 -26.30
C GLU B 222 -40.60 -5.88 -25.57
N THR B 223 -41.89 -6.17 -25.42
CA THR B 223 -42.31 -7.36 -24.70
C THR B 223 -42.70 -8.55 -25.58
N LEU B 224 -42.46 -9.74 -25.04
CA LEU B 224 -42.80 -11.01 -25.67
C LEU B 224 -44.30 -11.01 -25.91
N ASP B 225 -45.01 -10.42 -24.95
CA ASP B 225 -46.45 -10.34 -25.02
C ASP B 225 -46.90 -9.55 -26.24
N ARG B 226 -46.22 -8.42 -26.47
CA ARG B 226 -46.51 -7.57 -27.62
C ARG B 226 -46.07 -8.27 -28.90
N GLN B 227 -44.88 -8.87 -28.86
CA GLN B 227 -44.36 -9.58 -30.02
C GLN B 227 -45.29 -10.69 -30.50
N HIS B 228 -45.86 -11.42 -29.56
CA HIS B 228 -46.75 -12.51 -29.95
C HIS B 228 -48.07 -12.01 -30.52
N LYS B 229 -48.46 -10.80 -30.14
CA LYS B 229 -49.71 -10.20 -30.63
C LYS B 229 -49.54 -9.73 -32.07
N LEU B 230 -48.30 -9.39 -32.42
CA LEU B 230 -47.97 -8.89 -33.76
C LEU B 230 -47.64 -10.03 -34.72
N ARG B 231 -47.32 -11.20 -34.17
CA ARG B 231 -46.94 -12.35 -34.99
C ARG B 231 -48.06 -13.18 -35.58
N LEU B 232 -47.83 -13.63 -36.81
CA LEU B 232 -48.77 -14.44 -37.55
C LEU B 232 -48.70 -15.89 -37.05
N PHE B 233 -47.49 -16.32 -36.69
CA PHE B 233 -47.27 -17.68 -36.20
C PHE B 233 -47.39 -18.75 -37.29
N LYS B 234 -46.95 -18.39 -38.48
CA LYS B 234 -46.95 -19.28 -39.64
C LYS B 234 -45.84 -18.72 -40.52
N ASP B 235 -44.78 -19.50 -40.68
CA ASP B 235 -43.65 -19.09 -41.50
C ASP B 235 -42.81 -17.98 -40.88
N GLY B 236 -43.00 -17.76 -39.58
CA GLY B 236 -42.25 -16.74 -38.87
C GLY B 236 -42.62 -15.32 -39.24
N LYS B 237 -43.73 -15.18 -39.95
CA LYS B 237 -44.20 -13.88 -40.39
C LYS B 237 -44.86 -13.00 -39.36
N LEU B 238 -44.91 -11.71 -39.69
CA LEU B 238 -45.53 -10.67 -38.88
C LEU B 238 -46.96 -10.50 -39.46
N LYS B 239 -47.96 -10.36 -38.59
CA LYS B 239 -49.32 -10.14 -39.05
C LYS B 239 -49.36 -8.86 -39.89
N TYR B 240 -50.25 -8.81 -40.87
CA TYR B 240 -50.39 -7.65 -41.74
C TYR B 240 -51.79 -7.64 -42.37
N GLN B 241 -52.09 -6.61 -43.14
CA GLN B 241 -53.40 -6.52 -43.80
C GLN B 241 -53.18 -6.04 -45.22
N VAL B 242 -54.13 -6.33 -46.10
CA VAL B 242 -54.02 -5.92 -47.50
C VAL B 242 -55.12 -4.90 -47.81
N ILE B 243 -54.70 -3.69 -48.13
CA ILE B 243 -55.62 -2.61 -48.47
C ILE B 243 -55.35 -2.15 -49.88
N GLY B 244 -56.36 -2.27 -50.73
CA GLY B 244 -56.19 -1.86 -52.11
C GLY B 244 -55.00 -2.56 -52.72
N GLY B 245 -54.90 -3.86 -52.49
CA GLY B 245 -53.80 -4.64 -53.05
C GLY B 245 -52.42 -4.33 -52.50
N GLU B 246 -52.36 -3.59 -51.39
CA GLU B 246 -51.10 -3.24 -50.76
C GLU B 246 -51.00 -3.78 -49.34
N VAL B 247 -49.79 -4.14 -48.92
CA VAL B 247 -49.56 -4.69 -47.58
C VAL B 247 -49.24 -3.63 -46.53
N TYR B 248 -50.07 -3.55 -45.50
CA TYR B 248 -49.87 -2.60 -44.41
C TYR B 248 -49.96 -3.29 -43.03
N PRO B 249 -49.47 -2.64 -41.98
CA PRO B 249 -49.53 -3.24 -40.65
C PRO B 249 -50.98 -3.55 -40.30
N PRO B 250 -51.19 -4.51 -39.38
CA PRO B 250 -52.53 -4.90 -38.95
C PRO B 250 -53.15 -3.79 -38.13
N THR B 251 -54.39 -3.96 -37.71
CA THR B 251 -55.05 -2.94 -36.91
C THR B 251 -55.00 -3.27 -35.43
N VAL B 252 -55.21 -2.26 -34.60
CA VAL B 252 -55.22 -2.44 -33.16
C VAL B 252 -56.43 -3.26 -32.74
N LYS B 253 -57.47 -3.22 -33.56
CA LYS B 253 -58.70 -3.96 -33.26
C LYS B 253 -58.48 -5.45 -33.50
N ASP B 254 -57.54 -5.77 -34.38
CA ASP B 254 -57.28 -7.18 -34.70
C ASP B 254 -56.14 -7.81 -33.92
N THR B 255 -55.20 -7.02 -33.45
CA THR B 255 -54.04 -7.55 -32.73
C THR B 255 -54.10 -7.33 -31.24
N GLN B 256 -54.81 -6.29 -30.82
CA GLN B 256 -54.96 -5.94 -29.41
C GLN B 256 -53.72 -5.28 -28.83
N VAL B 257 -52.75 -4.94 -29.67
CA VAL B 257 -51.56 -4.29 -29.16
C VAL B 257 -51.87 -2.81 -28.99
N GLU B 258 -51.42 -2.24 -27.87
CA GLU B 258 -51.64 -0.82 -27.56
C GLU B 258 -50.80 0.15 -28.38
N MET B 259 -51.50 1.13 -28.94
CA MET B 259 -50.89 2.16 -29.76
C MET B 259 -51.42 3.50 -29.25
N ILE B 260 -50.70 4.58 -29.56
CA ILE B 260 -51.15 5.88 -29.14
C ILE B 260 -51.77 6.58 -30.33
N TYR B 261 -53.08 6.79 -30.26
CA TYR B 261 -53.83 7.46 -31.32
C TYR B 261 -54.84 8.40 -30.69
N PRO B 262 -55.05 9.58 -31.30
CA PRO B 262 -56.04 10.48 -30.70
C PRO B 262 -57.41 9.78 -30.79
N PRO B 263 -58.35 10.14 -29.89
CA PRO B 263 -59.70 9.56 -29.86
C PRO B 263 -60.50 9.58 -31.16
N HIS B 264 -60.16 10.48 -32.07
CA HIS B 264 -60.93 10.58 -33.30
C HIS B 264 -60.45 9.70 -34.46
N ILE B 265 -59.46 8.85 -34.22
CA ILE B 265 -58.96 7.99 -35.29
C ILE B 265 -59.80 6.72 -35.43
N PRO B 266 -60.32 6.47 -36.64
CA PRO B 266 -61.15 5.30 -36.97
C PRO B 266 -60.36 3.99 -36.82
N GLU B 267 -60.95 3.03 -36.13
CA GLU B 267 -60.33 1.74 -35.90
C GLU B 267 -59.57 1.13 -37.10
N ASN B 268 -60.11 1.31 -38.30
CA ASN B 268 -59.49 0.78 -39.51
C ASN B 268 -58.24 1.57 -39.93
N LEU B 269 -57.93 2.63 -39.20
CA LEU B 269 -56.78 3.45 -39.49
C LEU B 269 -55.75 3.36 -38.37
N GLN B 270 -56.17 2.80 -37.25
CA GLN B 270 -55.29 2.61 -36.13
C GLN B 270 -54.37 1.42 -36.40
N PHE B 271 -53.20 1.67 -37.00
CA PHE B 271 -52.25 0.60 -37.30
C PHE B 271 -51.46 0.17 -36.05
N ALA B 272 -51.17 -1.12 -35.98
CA ALA B 272 -50.45 -1.69 -34.86
C ALA B 272 -49.05 -2.09 -35.29
N VAL B 273 -48.06 -1.42 -34.71
CA VAL B 273 -46.66 -1.68 -35.03
C VAL B 273 -45.84 -1.93 -33.75
N GLY B 274 -44.52 -2.14 -33.88
CA GLY B 274 -43.76 -2.40 -32.68
C GLY B 274 -43.73 -1.23 -31.70
N GLN B 275 -43.46 -0.05 -32.23
CA GLN B 275 -43.43 1.15 -31.40
C GLN B 275 -44.83 1.72 -31.29
N GLU B 276 -45.32 1.83 -30.07
CA GLU B 276 -46.67 2.34 -29.84
C GLU B 276 -46.90 3.76 -30.30
N VAL B 277 -45.82 4.48 -30.59
CA VAL B 277 -45.97 5.87 -31.00
C VAL B 277 -45.83 6.19 -32.50
N PHE B 278 -45.47 5.19 -33.31
CA PHE B 278 -45.29 5.38 -34.75
C PHE B 278 -46.56 5.61 -35.56
N GLY B 279 -47.71 5.71 -34.88
CA GLY B 279 -48.93 5.94 -35.62
C GLY B 279 -49.26 7.41 -35.67
N LEU B 280 -48.42 8.21 -35.01
CA LEU B 280 -48.63 9.64 -34.94
C LEU B 280 -47.95 10.44 -36.05
N VAL B 281 -47.23 9.75 -36.92
CA VAL B 281 -46.57 10.43 -38.02
C VAL B 281 -46.48 9.47 -39.19
N PRO B 282 -47.17 9.80 -40.29
CA PRO B 282 -47.20 9.00 -41.52
C PRO B 282 -45.79 8.65 -42.07
N GLY B 283 -44.81 9.49 -41.77
CA GLY B 283 -43.45 9.24 -42.22
C GLY B 283 -42.84 8.09 -41.41
N LEU B 284 -43.21 8.01 -40.15
CA LEU B 284 -42.75 6.95 -39.26
C LEU B 284 -43.46 5.68 -39.67
N MET B 285 -44.75 5.78 -39.98
CA MET B 285 -45.54 4.61 -40.40
C MET B 285 -45.16 4.10 -41.81
N MET B 286 -44.47 4.95 -42.56
CA MET B 286 -44.03 4.58 -43.90
C MET B 286 -42.90 3.58 -43.74
N TYR B 287 -41.91 3.92 -42.89
CA TYR B 287 -40.77 3.02 -42.67
C TYR B 287 -41.21 1.77 -41.95
N ALA B 288 -42.16 1.92 -41.03
CA ALA B 288 -42.75 0.81 -40.30
C ALA B 288 -43.30 -0.28 -41.24
N THR B 289 -43.99 0.14 -42.31
CA THR B 289 -44.58 -0.74 -43.32
C THR B 289 -43.49 -1.36 -44.19
N ILE B 290 -42.51 -0.55 -44.55
CA ILE B 290 -41.41 -1.02 -45.36
C ILE B 290 -40.62 -2.12 -44.64
N TRP B 291 -40.38 -1.95 -43.34
CA TRP B 291 -39.63 -2.94 -42.55
C TRP B 291 -40.46 -4.18 -42.22
N LEU B 292 -41.79 -4.03 -42.13
CA LEU B 292 -42.68 -5.15 -41.87
C LEU B 292 -42.61 -6.01 -43.14
N ARG B 293 -42.80 -5.35 -44.27
CA ARG B 293 -42.75 -6.01 -45.56
C ARG B 293 -41.44 -6.79 -45.72
N GLU B 294 -40.35 -6.19 -45.22
CA GLU B 294 -39.04 -6.82 -45.32
C GLU B 294 -38.93 -8.04 -44.42
N HIS B 295 -39.46 -7.96 -43.21
CA HIS B 295 -39.38 -9.10 -42.33
C HIS B 295 -40.00 -10.34 -43.00
N ASN B 296 -41.24 -10.25 -43.45
CA ASN B 296 -41.89 -11.39 -44.12
C ASN B 296 -41.22 -11.76 -45.46
N ARG B 297 -40.61 -10.77 -46.13
CA ARG B 297 -39.93 -11.04 -47.38
C ARG B 297 -38.80 -12.04 -47.12
N VAL B 298 -37.98 -11.72 -46.13
CA VAL B 298 -36.87 -12.57 -45.74
C VAL B 298 -37.39 -13.91 -45.21
N CYS B 299 -38.60 -13.90 -44.64
CA CYS B 299 -39.20 -15.10 -44.11
C CYS B 299 -39.46 -16.09 -45.25
N ASP B 300 -39.77 -15.56 -46.42
CA ASP B 300 -40.03 -16.42 -47.58
C ASP B 300 -38.70 -16.94 -48.06
N ILE B 301 -37.69 -16.09 -48.03
CA ILE B 301 -36.37 -16.50 -48.48
C ILE B 301 -35.89 -17.64 -47.60
N LEU B 302 -36.06 -17.48 -46.28
CA LEU B 302 -35.62 -18.49 -45.32
C LEU B 302 -36.36 -19.84 -45.45
N LYS B 303 -37.68 -19.80 -45.59
CA LYS B 303 -38.49 -21.02 -45.74
C LYS B 303 -38.08 -21.77 -47.01
N GLN B 304 -37.69 -20.99 -48.02
CA GLN B 304 -37.26 -21.54 -49.29
C GLN B 304 -36.04 -22.41 -49.08
N GLU B 305 -35.08 -21.90 -48.34
CA GLU B 305 -33.85 -22.64 -48.08
C GLU B 305 -34.01 -23.70 -46.97
N HIS B 306 -34.93 -23.45 -46.03
CA HIS B 306 -35.15 -24.34 -44.90
C HIS B 306 -36.57 -24.82 -44.73
N PRO B 307 -37.04 -25.67 -45.65
CA PRO B 307 -38.41 -26.22 -45.60
C PRO B 307 -38.68 -27.01 -44.31
N GLU B 308 -37.59 -27.40 -43.63
CA GLU B 308 -37.66 -28.14 -42.39
C GLU B 308 -37.77 -27.23 -41.17
N TRP B 309 -37.71 -25.92 -41.39
CA TRP B 309 -37.81 -24.97 -40.28
C TRP B 309 -39.23 -24.64 -39.86
N GLY B 310 -39.41 -24.44 -38.55
CA GLY B 310 -40.70 -24.10 -38.02
C GLY B 310 -40.92 -22.61 -37.97
N ASP B 311 -42.11 -22.21 -37.54
CA ASP B 311 -42.44 -20.80 -37.46
C ASP B 311 -41.53 -20.01 -36.54
N GLU B 312 -41.25 -20.53 -35.34
CA GLU B 312 -40.42 -19.79 -34.41
C GLU B 312 -39.01 -19.58 -34.91
N GLN B 313 -38.40 -20.61 -35.47
CA GLN B 313 -37.04 -20.46 -35.96
C GLN B 313 -36.95 -19.56 -37.20
N LEU B 314 -38.00 -19.49 -38.02
CA LEU B 314 -37.98 -18.63 -39.20
C LEU B 314 -38.08 -17.17 -38.73
N PHE B 315 -39.04 -16.90 -37.86
CA PHE B 315 -39.23 -15.57 -37.31
C PHE B 315 -37.99 -15.04 -36.60
N GLN B 316 -37.40 -15.87 -35.74
CA GLN B 316 -36.22 -15.49 -34.96
C GLN B 316 -35.00 -15.18 -35.82
N THR B 317 -34.80 -15.99 -36.85
CA THR B 317 -33.67 -15.81 -37.75
C THR B 317 -33.87 -14.56 -38.60
N SER B 318 -35.11 -14.30 -39.03
CA SER B 318 -35.40 -13.10 -39.81
C SER B 318 -35.04 -11.87 -38.96
N ARG B 319 -35.56 -11.83 -37.75
CA ARG B 319 -35.25 -10.70 -36.90
C ARG B 319 -33.74 -10.48 -36.76
N LEU B 320 -32.95 -11.55 -36.77
CA LEU B 320 -31.51 -11.42 -36.63
C LEU B 320 -30.93 -10.78 -37.91
N ILE B 321 -31.50 -11.16 -39.05
CA ILE B 321 -31.08 -10.65 -40.36
C ILE B 321 -31.45 -9.16 -40.49
N LEU B 322 -32.67 -8.79 -40.10
CA LEU B 322 -33.10 -7.39 -40.17
C LEU B 322 -32.26 -6.50 -39.25
N ILE B 323 -31.78 -7.06 -38.14
CA ILE B 323 -30.93 -6.31 -37.23
C ILE B 323 -29.61 -6.04 -37.97
N GLY B 324 -29.11 -7.07 -38.68
CA GLY B 324 -27.86 -6.92 -39.43
C GLY B 324 -27.96 -5.96 -40.61
N GLU B 325 -29.09 -5.99 -41.30
CA GLU B 325 -29.37 -5.11 -42.44
C GLU B 325 -29.42 -3.65 -41.93
N THR B 326 -30.11 -3.44 -40.81
CA THR B 326 -30.22 -2.12 -40.22
C THR B 326 -28.83 -1.55 -39.85
N ILE B 327 -27.96 -2.38 -39.25
CA ILE B 327 -26.62 -1.92 -38.84
C ILE B 327 -25.77 -1.58 -40.08
N LYS B 328 -26.03 -2.32 -41.16
CA LYS B 328 -25.34 -2.20 -42.45
C LYS B 328 -25.68 -0.86 -43.13
N ILE B 329 -27.00 -0.62 -43.25
CA ILE B 329 -27.55 0.60 -43.84
C ILE B 329 -27.21 1.84 -43.02
N VAL B 330 -27.33 1.75 -41.71
CA VAL B 330 -27.01 2.88 -40.87
C VAL B 330 -25.54 3.29 -41.02
N ILE B 331 -24.65 2.34 -41.26
CA ILE B 331 -23.23 2.70 -41.38
C ILE B 331 -22.74 3.00 -42.82
N GLU B 332 -23.38 2.41 -43.82
CA GLU B 332 -22.92 2.64 -45.18
C GLU B 332 -23.77 3.57 -46.03
N ASP B 333 -24.97 3.89 -45.56
CA ASP B 333 -25.85 4.78 -46.29
C ASP B 333 -26.02 6.02 -45.44
N TYR B 334 -26.79 5.86 -44.35
CA TYR B 334 -27.12 6.93 -43.41
C TYR B 334 -25.94 7.75 -42.91
N VAL B 335 -25.01 7.12 -42.20
CA VAL B 335 -23.85 7.85 -41.69
C VAL B 335 -22.98 8.30 -42.86
N GLN B 336 -22.90 7.47 -43.89
CA GLN B 336 -22.10 7.81 -45.07
C GLN B 336 -22.47 9.20 -45.58
N HIS B 337 -23.78 9.44 -45.71
CA HIS B 337 -24.29 10.70 -46.19
C HIS B 337 -24.08 11.81 -45.16
N LEU B 338 -24.37 11.46 -43.91
CA LEU B 338 -24.26 12.39 -42.79
C LEU B 338 -22.88 12.97 -42.61
N SER B 339 -21.87 12.10 -42.62
CA SER B 339 -20.48 12.48 -42.44
C SER B 339 -19.90 13.35 -43.55
N GLY B 340 -20.32 13.08 -44.78
CA GLY B 340 -19.80 13.84 -45.92
C GLY B 340 -18.41 13.36 -46.30
N TYR B 341 -17.98 12.27 -45.70
CA TYR B 341 -16.67 11.72 -45.96
C TYR B 341 -16.61 11.21 -47.37
N HIS B 342 -15.41 11.24 -47.95
CA HIS B 342 -15.16 10.74 -49.30
C HIS B 342 -14.70 9.30 -49.13
N PHE B 343 -14.34 8.98 -47.89
CA PHE B 343 -13.93 7.64 -47.55
C PHE B 343 -15.21 6.81 -47.43
N LYS B 344 -15.22 5.63 -48.06
CA LYS B 344 -16.38 4.76 -48.05
C LYS B 344 -16.42 3.90 -46.79
N LEU B 345 -17.35 4.23 -45.90
CA LEU B 345 -17.50 3.50 -44.64
C LEU B 345 -17.83 2.05 -44.91
N LYS B 346 -17.42 1.20 -43.99
CA LYS B 346 -17.64 -0.24 -44.11
C LYS B 346 -18.16 -0.90 -42.85
N PHE B 347 -19.24 -1.67 -43.01
CA PHE B 347 -19.82 -2.42 -41.90
C PHE B 347 -19.22 -3.82 -42.01
N ASP B 348 -18.23 -4.09 -41.16
CA ASP B 348 -17.52 -5.35 -41.12
C ASP B 348 -17.10 -5.62 -39.68
N PRO B 349 -17.93 -6.36 -38.91
CA PRO B 349 -17.58 -6.67 -37.51
C PRO B 349 -16.20 -7.31 -37.29
N GLU B 350 -15.65 -7.93 -38.33
CA GLU B 350 -14.34 -8.59 -38.24
C GLU B 350 -13.18 -7.65 -37.99
N LEU B 351 -13.34 -6.38 -38.34
CA LEU B 351 -12.29 -5.37 -38.19
C LEU B 351 -11.98 -5.13 -36.71
N LEU B 352 -12.89 -5.57 -35.85
CA LEU B 352 -12.72 -5.40 -34.42
C LEU B 352 -12.29 -6.67 -33.72
N PHE B 353 -12.25 -7.78 -34.46
CA PHE B 353 -11.90 -9.07 -33.90
C PHE B 353 -10.52 -9.21 -33.27
N ASN B 354 -9.58 -8.38 -33.68
CA ASN B 354 -8.23 -8.44 -33.10
C ASN B 354 -8.00 -7.20 -32.27
N GLN B 355 -9.12 -6.59 -31.88
CA GLN B 355 -9.08 -5.36 -31.09
C GLN B 355 -9.70 -5.56 -29.72
N GLN B 356 -9.48 -4.60 -28.84
CA GLN B 356 -10.04 -4.66 -27.51
C GLN B 356 -11.35 -3.88 -27.62
N PHE B 357 -12.48 -4.58 -27.52
CA PHE B 357 -13.77 -3.92 -27.67
C PHE B 357 -14.86 -4.61 -26.84
N GLN B 358 -15.69 -3.82 -26.17
CA GLN B 358 -16.77 -4.38 -25.35
C GLN B 358 -18.04 -4.51 -26.15
N TYR B 359 -18.47 -5.75 -26.33
CA TYR B 359 -19.70 -6.02 -27.07
C TYR B 359 -20.92 -5.79 -26.20
N GLN B 360 -21.07 -4.55 -25.77
CA GLN B 360 -22.20 -4.15 -24.95
C GLN B 360 -22.47 -2.64 -25.09
N ASN B 361 -23.62 -2.19 -24.60
CA ASN B 361 -23.98 -0.80 -24.70
C ASN B 361 -25.02 -0.36 -23.69
N ARG B 362 -25.07 0.95 -23.48
CA ARG B 362 -25.99 1.57 -22.56
C ARG B 362 -26.26 2.96 -23.14
N ILE B 363 -27.48 3.13 -23.66
CA ILE B 363 -27.91 4.41 -24.26
C ILE B 363 -27.68 5.56 -23.30
N ALA B 364 -26.95 6.57 -23.79
CA ALA B 364 -26.63 7.75 -23.00
C ALA B 364 -27.71 8.82 -23.07
N SER B 365 -27.88 9.57 -21.99
CA SER B 365 -28.87 10.62 -22.01
C SER B 365 -28.44 11.71 -22.99
N GLU B 366 -27.17 12.08 -22.92
CA GLU B 366 -26.65 13.12 -23.80
C GLU B 366 -26.81 12.75 -25.26
N PHE B 367 -26.66 11.48 -25.60
CA PHE B 367 -26.83 11.07 -26.98
C PHE B 367 -28.25 11.39 -27.36
N ASN B 368 -29.19 11.05 -26.49
CA ASN B 368 -30.61 11.31 -26.72
C ASN B 368 -30.86 12.81 -26.89
N THR B 369 -30.20 13.63 -26.07
CA THR B 369 -30.34 15.08 -26.14
C THR B 369 -29.77 15.63 -27.48
N LEU B 370 -28.60 15.16 -27.86
CA LEU B 370 -27.99 15.63 -29.09
C LEU B 370 -28.73 15.18 -30.35
N TYR B 371 -29.70 14.28 -30.19
CA TYR B 371 -30.42 13.74 -31.34
C TYR B 371 -31.75 14.37 -31.65
N HIS B 372 -32.14 15.38 -30.87
CA HIS B 372 -33.40 16.07 -31.10
C HIS B 372 -33.19 16.98 -32.32
N TRP B 373 -33.25 16.33 -33.49
CA TRP B 373 -33.03 16.96 -34.80
C TRP B 373 -34.30 17.54 -35.42
N HIS B 374 -35.10 18.24 -34.62
CA HIS B 374 -36.34 18.83 -35.11
C HIS B 374 -36.13 19.91 -36.19
N PRO B 375 -34.97 20.59 -36.17
CA PRO B 375 -34.76 21.60 -37.22
C PRO B 375 -34.82 20.94 -38.59
N LEU B 376 -34.70 19.61 -38.62
CA LEU B 376 -34.74 18.84 -39.87
C LEU B 376 -36.04 19.00 -40.64
N LEU B 377 -37.14 18.99 -39.90
CA LEU B 377 -38.48 19.10 -40.46
C LEU B 377 -38.75 20.37 -41.25
N PRO B 378 -39.51 20.26 -42.33
CA PRO B 378 -39.88 21.36 -43.21
C PRO B 378 -41.12 22.08 -42.66
N ASP B 379 -41.61 23.07 -43.41
CA ASP B 379 -42.78 23.85 -42.99
C ASP B 379 -44.07 23.20 -43.45
N THR B 380 -43.95 22.36 -44.48
CA THR B 380 -45.07 21.59 -45.01
C THR B 380 -44.52 20.27 -45.59
N PHE B 381 -45.32 19.21 -45.50
CA PHE B 381 -44.91 17.93 -46.03
C PHE B 381 -45.56 17.78 -47.41
N ASN B 382 -44.74 17.80 -48.45
CA ASN B 382 -45.27 17.73 -49.81
C ASN B 382 -45.18 16.37 -50.46
N ILE B 383 -46.31 15.69 -50.47
CA ILE B 383 -46.43 14.36 -51.06
C ILE B 383 -47.24 14.50 -52.35
N GLU B 384 -46.56 14.30 -53.48
CA GLU B 384 -47.20 14.43 -54.79
C GLU B 384 -47.61 15.88 -55.10
N ASP B 385 -48.90 16.10 -55.25
CA ASP B 385 -49.44 17.42 -55.55
C ASP B 385 -49.61 18.27 -54.31
N GLN B 386 -49.93 17.61 -53.19
CA GLN B 386 -50.19 18.29 -51.92
C GLN B 386 -49.02 18.95 -51.23
N GLU B 387 -49.36 19.62 -50.13
CA GLU B 387 -48.45 20.34 -49.25
C GLU B 387 -49.19 20.38 -47.90
N TYR B 388 -48.91 19.41 -47.06
CA TYR B 388 -49.59 19.32 -45.79
C TYR B 388 -48.93 20.06 -44.66
N SER B 389 -49.74 20.75 -43.86
CA SER B 389 -49.25 21.48 -42.72
C SER B 389 -49.07 20.45 -41.63
N PHE B 390 -48.38 20.83 -40.56
CA PHE B 390 -48.19 19.92 -39.44
C PHE B 390 -49.55 19.41 -38.96
N LYS B 391 -50.45 20.34 -38.70
CA LYS B 391 -51.78 20.04 -38.23
C LYS B 391 -52.43 18.91 -39.03
N GLN B 392 -52.28 18.96 -40.35
CA GLN B 392 -52.87 17.95 -41.22
C GLN B 392 -52.08 16.66 -41.29
N PHE B 393 -50.77 16.77 -41.12
CA PHE B 393 -49.91 15.60 -41.22
C PHE B 393 -49.94 14.66 -40.02
N LEU B 394 -49.94 15.23 -38.82
CA LEU B 394 -49.95 14.44 -37.59
C LEU B 394 -51.09 13.43 -37.49
N TYR B 395 -50.75 12.23 -37.01
CA TYR B 395 -51.70 11.14 -36.85
C TYR B 395 -52.68 11.00 -38.01
N ASN B 396 -52.21 11.18 -39.24
CA ASN B 396 -53.10 11.04 -40.36
C ASN B 396 -52.60 9.99 -41.32
N ASN B 397 -53.04 8.76 -41.12
CA ASN B 397 -52.61 7.66 -41.97
C ASN B 397 -53.43 7.50 -43.25
N SER B 398 -54.47 8.32 -43.39
CA SER B 398 -55.28 8.29 -44.59
C SER B 398 -54.40 8.82 -45.71
N ILE B 399 -53.53 9.75 -45.37
CA ILE B 399 -52.59 10.32 -46.33
C ILE B 399 -51.72 9.21 -46.90
N LEU B 400 -51.19 8.36 -46.03
CA LEU B 400 -50.38 7.25 -46.49
C LEU B 400 -51.21 6.37 -47.40
N LEU B 401 -52.36 5.92 -46.91
CA LEU B 401 -53.25 5.06 -47.71
C LEU B 401 -53.69 5.75 -48.99
N GLU B 402 -53.60 7.07 -48.98
CA GLU B 402 -53.98 7.89 -50.13
C GLU B 402 -53.02 7.77 -51.29
N HIS B 403 -51.78 8.21 -51.05
CA HIS B 403 -50.78 8.20 -52.07
C HIS B 403 -50.02 6.90 -52.23
N GLY B 404 -49.90 6.14 -51.15
CA GLY B 404 -49.18 4.88 -51.23
C GLY B 404 -47.69 5.04 -50.97
N LEU B 405 -47.05 3.93 -50.61
CA LEU B 405 -45.63 3.91 -50.30
C LEU B 405 -44.75 4.41 -51.42
N THR B 406 -45.12 4.08 -52.67
CA THR B 406 -44.33 4.48 -53.82
C THR B 406 -44.29 6.00 -53.95
N GLN B 407 -45.46 6.62 -53.75
CA GLN B 407 -45.59 8.07 -53.83
C GLN B 407 -44.84 8.76 -52.71
N PHE B 408 -44.90 8.18 -51.50
CA PHE B 408 -44.22 8.72 -50.33
C PHE B 408 -42.72 8.68 -50.52
N VAL B 409 -42.21 7.53 -50.96
CA VAL B 409 -40.80 7.34 -51.24
C VAL B 409 -40.33 8.35 -52.30
N GLU B 410 -41.09 8.47 -53.39
CA GLU B 410 -40.70 9.40 -54.47
C GLU B 410 -40.75 10.86 -54.03
N SER B 411 -41.79 11.20 -53.27
CA SER B 411 -42.00 12.56 -52.80
C SER B 411 -41.02 12.96 -51.71
N PHE B 412 -40.76 12.05 -50.77
CA PHE B 412 -39.86 12.35 -49.66
C PHE B 412 -38.40 12.33 -50.06
N THR B 413 -38.09 11.64 -51.15
CA THR B 413 -36.73 11.55 -51.70
C THR B 413 -36.41 12.89 -52.40
N ARG B 414 -37.46 13.60 -52.81
CA ARG B 414 -37.34 14.88 -53.50
C ARG B 414 -37.36 16.12 -52.59
N GLN B 415 -37.99 16.01 -51.42
CA GLN B 415 -38.08 17.14 -50.51
C GLN B 415 -36.90 17.35 -49.61
N ILE B 416 -36.26 18.50 -49.73
CA ILE B 416 -35.11 18.83 -48.89
C ILE B 416 -35.55 19.02 -47.42
N ALA B 417 -34.66 18.71 -46.50
CA ALA B 417 -34.95 18.89 -45.08
C ALA B 417 -34.08 20.03 -44.55
N GLY B 418 -34.47 20.60 -43.42
CA GLY B 418 -33.71 21.71 -42.85
C GLY B 418 -32.31 21.45 -42.29
N ARG B 419 -31.54 22.51 -42.16
CA ARG B 419 -30.20 22.43 -41.61
C ARG B 419 -30.41 22.36 -40.10
N VAL B 420 -29.48 21.75 -39.38
CA VAL B 420 -29.63 21.63 -37.94
C VAL B 420 -28.73 22.61 -37.13
N ALA B 421 -27.46 22.73 -37.50
CA ALA B 421 -26.52 23.59 -36.77
C ALA B 421 -26.42 25.08 -37.14
N GLY B 422 -27.11 25.50 -38.19
CA GLY B 422 -27.00 26.91 -38.55
C GLY B 422 -27.50 27.89 -37.51
N GLY B 423 -28.56 27.54 -36.82
CA GLY B 423 -29.15 28.42 -35.82
C GLY B 423 -30.57 28.72 -36.30
N ARG B 424 -31.40 29.31 -35.43
CA ARG B 424 -32.78 29.68 -35.75
C ARG B 424 -33.51 28.88 -36.86
N ASN B 425 -33.62 27.56 -36.72
CA ASN B 425 -34.30 26.77 -37.74
C ASN B 425 -35.23 25.74 -37.15
N VAL B 426 -35.67 25.94 -35.92
CA VAL B 426 -36.62 25.02 -35.30
C VAL B 426 -38.04 25.41 -35.74
N PRO B 427 -38.75 24.51 -36.41
CA PRO B 427 -40.11 24.82 -36.86
C PRO B 427 -40.96 25.24 -35.68
N ILE B 428 -41.68 26.35 -35.84
CA ILE B 428 -42.54 26.84 -34.76
C ILE B 428 -43.64 25.87 -34.36
N ALA B 429 -44.04 25.02 -35.30
CA ALA B 429 -45.09 24.03 -35.04
C ALA B 429 -44.65 22.99 -34.00
N VAL B 430 -43.36 23.00 -33.68
CA VAL B 430 -42.77 22.04 -32.73
C VAL B 430 -41.94 22.73 -31.62
N GLN B 431 -42.25 23.98 -31.30
CA GLN B 431 -41.50 24.73 -30.29
C GLN B 431 -41.60 24.21 -28.86
N ALA B 432 -42.69 23.54 -28.51
CA ALA B 432 -42.84 22.96 -27.17
C ALA B 432 -41.73 21.94 -26.96
N VAL B 433 -41.56 21.07 -27.95
CA VAL B 433 -40.53 20.03 -27.93
C VAL B 433 -39.14 20.61 -27.66
N ALA B 434 -38.83 21.72 -28.32
CA ALA B 434 -37.53 22.38 -28.14
C ALA B 434 -37.38 23.01 -26.74
N LYS B 435 -38.44 23.65 -26.26
CA LYS B 435 -38.40 24.27 -24.94
C LYS B 435 -38.08 23.19 -23.90
N ALA B 436 -38.83 22.10 -23.95
CA ALA B 436 -38.66 20.97 -23.06
C ALA B 436 -37.24 20.40 -23.16
N SER B 437 -36.70 20.31 -24.36
CA SER B 437 -35.36 19.77 -24.47
C SER B 437 -34.51 20.63 -23.52
N ILE B 438 -34.66 21.95 -23.62
CA ILE B 438 -33.88 22.86 -22.77
C ILE B 438 -34.12 22.60 -21.29
N ASP B 439 -35.39 22.61 -20.92
CA ASP B 439 -35.82 22.41 -19.55
C ASP B 439 -35.39 21.12 -18.91
N GLN B 440 -35.71 20.01 -19.56
CA GLN B 440 -35.37 18.70 -19.06
C GLN B 440 -33.87 18.52 -18.86
N SER B 441 -33.07 19.12 -19.73
CA SER B 441 -31.61 19.06 -19.63
C SER B 441 -31.13 19.73 -18.37
N ARG B 442 -31.83 20.79 -17.96
CA ARG B 442 -31.50 21.55 -16.75
C ARG B 442 -32.02 20.74 -15.56
N GLU B 443 -33.13 20.06 -15.79
CA GLU B 443 -33.80 19.22 -14.81
C GLU B 443 -32.86 18.05 -14.42
N MET B 444 -32.20 17.50 -15.42
CA MET B 444 -31.27 16.40 -15.22
C MET B 444 -29.88 16.91 -14.84
N LYS B 445 -29.83 18.15 -14.36
CA LYS B 445 -28.58 18.75 -13.93
C LYS B 445 -27.40 18.57 -14.87
N TYR B 446 -27.62 18.81 -16.17
CA TYR B 446 -26.54 18.70 -17.16
C TYR B 446 -25.38 19.65 -16.86
N GLN B 447 -24.21 19.35 -17.40
CA GLN B 447 -23.05 20.20 -17.20
C GLN B 447 -22.95 21.08 -18.43
N SER B 448 -22.22 22.20 -18.30
CA SER B 448 -22.07 23.15 -19.40
C SER B 448 -21.51 22.57 -20.69
N LEU B 449 -21.72 23.30 -21.80
CA LEU B 449 -21.25 22.85 -23.10
C LEU B 449 -19.75 22.69 -23.18
N ASN B 450 -18.99 23.47 -22.40
CA ASN B 450 -17.54 23.35 -22.47
C ASN B 450 -17.04 22.19 -21.63
N GLU B 451 -17.87 21.78 -20.68
CA GLU B 451 -17.56 20.64 -19.83
C GLU B 451 -17.62 19.40 -20.73
N TYR B 452 -18.68 19.29 -21.55
CA TYR B 452 -18.86 18.18 -22.46
C TYR B 452 -17.86 18.25 -23.62
N ARG B 453 -17.45 19.46 -24.00
CA ARG B 453 -16.49 19.62 -25.09
C ARG B 453 -15.16 19.07 -24.62
N LYS B 454 -14.79 19.46 -23.40
CA LYS B 454 -13.55 19.04 -22.76
C LYS B 454 -13.55 17.53 -22.59
N ARG B 455 -14.67 17.00 -22.16
CA ARG B 455 -14.85 15.57 -21.94
C ARG B 455 -14.64 14.77 -23.22
N PHE B 456 -15.01 15.36 -24.37
CA PHE B 456 -14.86 14.65 -25.63
C PHE B 456 -13.65 15.07 -26.44
N SER B 457 -12.61 15.51 -25.72
CA SER B 457 -11.33 15.90 -26.31
C SER B 457 -11.40 17.09 -27.25
N LEU B 458 -12.28 18.02 -26.95
CA LEU B 458 -12.43 19.21 -27.77
C LEU B 458 -11.98 20.42 -26.94
N LYS B 459 -11.55 21.48 -27.61
CA LYS B 459 -11.09 22.70 -26.94
C LYS B 459 -12.28 23.58 -26.60
N PRO B 460 -12.40 23.99 -25.33
CA PRO B 460 -13.54 24.84 -24.97
C PRO B 460 -13.60 26.16 -25.72
N TYR B 461 -14.82 26.58 -26.05
CA TYR B 461 -15.03 27.84 -26.78
C TYR B 461 -14.74 28.98 -25.84
N THR B 462 -14.02 29.98 -26.35
CA THR B 462 -13.64 31.12 -25.53
C THR B 462 -14.60 32.30 -25.59
N SER B 463 -15.51 32.28 -26.57
CA SER B 463 -16.51 33.35 -26.74
C SER B 463 -17.74 32.82 -27.44
N PHE B 464 -18.87 33.53 -27.35
CA PHE B 464 -20.08 33.09 -28.02
C PHE B 464 -19.95 33.25 -29.51
N GLU B 465 -19.01 34.10 -29.93
CA GLU B 465 -18.78 34.37 -31.35
C GLU B 465 -18.01 33.22 -31.99
N GLU B 466 -17.22 32.54 -31.18
CA GLU B 466 -16.43 31.42 -31.66
C GLU B 466 -17.32 30.22 -31.80
N LEU B 467 -18.30 30.16 -30.90
CA LEU B 467 -19.26 29.09 -30.87
C LEU B 467 -20.19 29.17 -32.11
N THR B 468 -20.76 30.36 -32.36
CA THR B 468 -21.68 30.57 -33.48
C THR B 468 -21.03 30.89 -34.81
N GLY B 469 -19.88 31.55 -34.76
CA GLY B 469 -19.19 31.90 -35.99
C GLY B 469 -19.74 33.18 -36.64
N GLU B 470 -20.67 33.84 -35.95
CA GLU B 470 -21.25 35.07 -36.46
C GLU B 470 -21.27 36.13 -35.33
N LYS B 471 -22.10 37.16 -35.45
CA LYS B 471 -22.12 38.23 -34.45
C LYS B 471 -23.44 38.48 -33.78
N GLU B 472 -24.54 38.33 -34.51
CA GLU B 472 -25.88 38.59 -33.96
C GLU B 472 -26.38 37.62 -32.88
N MET B 473 -26.45 36.32 -33.21
CA MET B 473 -26.89 35.32 -32.26
C MET B 473 -25.94 35.28 -31.07
N ALA B 474 -24.65 35.50 -31.35
CA ALA B 474 -23.61 35.51 -30.31
C ALA B 474 -23.89 36.61 -29.29
N ALA B 475 -24.27 37.78 -29.82
CA ALA B 475 -24.60 38.92 -28.98
C ALA B 475 -25.78 38.56 -28.13
N GLU B 476 -26.76 37.94 -28.77
CA GLU B 476 -28.00 37.53 -28.12
C GLU B 476 -27.74 36.57 -27.00
N LEU B 477 -26.87 35.61 -27.28
CA LEU B 477 -26.51 34.59 -26.30
C LEU B 477 -25.71 35.20 -25.17
N LYS B 478 -24.75 36.05 -25.54
CA LYS B 478 -23.88 36.68 -24.55
C LYS B 478 -24.67 37.54 -23.59
N ALA B 479 -25.76 38.11 -24.07
CA ALA B 479 -26.61 38.95 -23.24
C ALA B 479 -27.47 38.10 -22.29
N LEU B 480 -27.70 36.84 -22.67
CA LEU B 480 -28.51 35.92 -21.88
C LEU B 480 -27.67 35.15 -20.86
N TYR B 481 -26.56 34.56 -21.31
CA TYR B 481 -25.73 33.74 -20.43
C TYR B 481 -24.59 34.49 -19.72
N SER B 482 -23.97 35.44 -20.42
CA SER B 482 -22.85 36.20 -19.86
C SER B 482 -21.52 35.48 -20.05
N ASP B 483 -21.41 34.29 -19.46
CA ASP B 483 -20.19 33.48 -19.53
C ASP B 483 -20.37 32.41 -20.61
N ILE B 484 -19.32 32.16 -21.41
CA ILE B 484 -19.41 31.14 -22.45
C ILE B 484 -19.31 29.81 -21.71
N ASP B 485 -18.64 29.85 -20.55
CA ASP B 485 -18.46 28.68 -19.71
C ASP B 485 -19.74 28.30 -18.95
N VAL B 486 -20.85 28.99 -19.26
CA VAL B 486 -22.13 28.71 -18.60
C VAL B 486 -23.11 28.27 -19.69
N MET B 487 -22.67 28.43 -20.93
CA MET B 487 -23.48 28.05 -22.08
C MET B 487 -23.94 26.60 -21.99
N GLU B 488 -25.20 26.38 -22.33
CA GLU B 488 -25.76 25.04 -22.28
C GLU B 488 -25.55 24.25 -23.54
N LEU B 489 -25.31 22.96 -23.36
CA LEU B 489 -25.07 22.02 -24.43
C LEU B 489 -26.12 22.01 -25.53
N TYR B 490 -27.32 21.55 -25.21
CA TYR B 490 -28.41 21.45 -26.21
C TYR B 490 -28.59 22.65 -27.16
N PRO B 491 -28.86 23.85 -26.61
CA PRO B 491 -29.03 24.99 -27.51
C PRO B 491 -27.75 25.16 -28.33
N ALA B 492 -26.62 25.18 -27.64
CA ALA B 492 -25.33 25.35 -28.29
C ALA B 492 -25.18 24.47 -29.54
N LEU B 493 -25.74 23.28 -29.51
CA LEU B 493 -25.62 22.38 -30.65
C LEU B 493 -26.39 22.86 -31.88
N LEU B 494 -27.59 23.41 -31.66
CA LEU B 494 -28.42 23.90 -32.75
C LEU B 494 -28.00 25.29 -33.28
N VAL B 495 -27.13 25.95 -32.54
CA VAL B 495 -26.67 27.30 -32.86
C VAL B 495 -25.18 27.35 -33.26
N GLU B 496 -24.49 26.24 -33.06
CA GLU B 496 -23.06 26.13 -33.38
C GLU B 496 -22.73 26.41 -34.84
N LYS B 497 -21.57 27.00 -35.08
CA LYS B 497 -21.14 27.29 -36.43
C LYS B 497 -20.98 25.97 -37.20
N PRO B 498 -21.82 25.78 -38.22
CA PRO B 498 -21.76 24.56 -39.02
C PRO B 498 -20.41 24.41 -39.67
N ARG B 499 -20.03 23.18 -40.01
CA ARG B 499 -18.76 22.95 -40.69
C ARG B 499 -19.08 23.45 -42.11
N PRO B 500 -18.06 23.71 -42.94
CA PRO B 500 -18.27 24.19 -44.31
C PRO B 500 -19.30 23.42 -45.14
N ASP B 501 -20.48 24.03 -45.35
CA ASP B 501 -21.58 23.44 -46.13
C ASP B 501 -22.10 22.15 -45.52
N ALA B 502 -21.88 22.01 -44.21
CA ALA B 502 -22.29 20.84 -43.47
C ALA B 502 -23.56 21.17 -42.69
N ILE B 503 -24.26 20.13 -42.26
CA ILE B 503 -25.50 20.29 -41.53
C ILE B 503 -25.28 20.44 -40.02
N PHE B 504 -24.15 19.89 -39.54
CA PHE B 504 -23.77 19.88 -38.12
C PHE B 504 -22.48 20.62 -37.78
N GLY B 505 -22.32 20.87 -36.49
CA GLY B 505 -21.12 21.49 -35.99
C GLY B 505 -20.19 20.40 -35.49
N GLU B 506 -18.99 20.79 -35.06
CA GLU B 506 -18.00 19.83 -34.56
C GLU B 506 -18.47 19.07 -33.30
N THR B 507 -19.09 19.80 -32.37
CA THR B 507 -19.56 19.20 -31.12
C THR B 507 -20.57 18.08 -31.37
N MET B 508 -21.48 18.32 -32.33
CA MET B 508 -22.52 17.36 -32.70
C MET B 508 -21.91 16.08 -33.23
N VAL B 509 -20.95 16.22 -34.13
CA VAL B 509 -20.30 15.06 -34.71
C VAL B 509 -19.35 14.36 -33.74
N GLU B 510 -18.66 15.15 -32.92
CA GLU B 510 -17.69 14.64 -31.95
C GLU B 510 -18.30 13.91 -30.76
N LEU B 511 -19.52 14.26 -30.40
CA LEU B 511 -20.21 13.61 -29.29
C LEU B 511 -21.00 12.41 -29.79
N GLY B 512 -21.68 12.61 -30.92
CA GLY B 512 -22.53 11.58 -31.48
C GLY B 512 -21.88 10.35 -32.08
N ALA B 513 -20.73 10.51 -32.72
CA ALA B 513 -20.05 9.38 -33.33
C ALA B 513 -19.67 8.28 -32.29
N PRO B 514 -19.02 8.67 -31.18
CA PRO B 514 -18.67 7.62 -30.21
C PRO B 514 -19.88 6.82 -29.73
N PHE B 515 -20.90 7.53 -29.22
CA PHE B 515 -22.13 6.91 -28.73
C PHE B 515 -22.76 6.05 -29.82
N SER B 516 -22.69 6.54 -31.04
CA SER B 516 -23.27 5.85 -32.17
C SER B 516 -22.60 4.53 -32.50
N LEU B 517 -21.32 4.54 -32.82
CA LEU B 517 -20.63 3.31 -33.19
C LEU B 517 -20.63 2.34 -32.02
N LYS B 518 -20.50 2.85 -30.82
CA LYS B 518 -20.51 1.97 -29.66
C LYS B 518 -21.78 1.09 -29.67
N GLY B 519 -22.93 1.70 -29.93
CA GLY B 519 -24.15 0.91 -29.95
C GLY B 519 -24.42 0.11 -31.22
N LEU B 520 -23.78 0.51 -32.30
CA LEU B 520 -23.91 -0.16 -33.60
C LEU B 520 -22.98 -1.38 -33.64
N MET B 521 -21.73 -1.15 -33.25
CA MET B 521 -20.73 -2.22 -33.23
C MET B 521 -20.84 -3.02 -31.92
N GLY B 522 -21.41 -2.39 -30.90
CA GLY B 522 -21.56 -3.04 -29.60
C GLY B 522 -22.61 -4.15 -29.61
N ASN B 523 -23.40 -4.23 -30.67
CA ASN B 523 -24.43 -5.27 -30.75
C ASN B 523 -23.86 -6.70 -30.77
N PRO B 524 -24.53 -7.63 -30.07
CA PRO B 524 -24.09 -9.03 -29.99
C PRO B 524 -23.87 -9.68 -31.36
N ILE B 525 -24.74 -9.42 -32.34
CA ILE B 525 -24.56 -10.06 -33.64
C ILE B 525 -23.21 -9.74 -34.30
N CYS B 526 -22.49 -8.78 -33.75
CA CYS B 526 -21.20 -8.37 -34.30
C CYS B 526 -20.07 -9.06 -33.58
N SER B 527 -20.41 -9.78 -32.50
CA SER B 527 -19.41 -10.51 -31.74
C SER B 527 -19.00 -11.73 -32.56
N PRO B 528 -17.78 -12.22 -32.37
CA PRO B 528 -17.28 -13.39 -33.10
C PRO B 528 -18.20 -14.60 -33.09
N GLN B 529 -18.73 -14.97 -31.92
CA GLN B 529 -19.62 -16.14 -31.85
C GLN B 529 -20.88 -15.96 -32.67
N TYR B 530 -21.23 -14.71 -32.98
CA TYR B 530 -22.43 -14.43 -33.75
C TYR B 530 -22.20 -14.17 -35.25
N TRP B 531 -21.08 -13.53 -35.58
CA TRP B 531 -20.78 -13.20 -36.97
C TRP B 531 -20.33 -14.36 -37.86
N LYS B 532 -21.31 -15.11 -38.37
CA LYS B 532 -21.05 -16.25 -39.24
C LYS B 532 -22.36 -16.65 -39.87
N PRO B 533 -22.30 -17.26 -41.05
CA PRO B 533 -23.46 -17.70 -41.81
C PRO B 533 -24.57 -18.41 -41.05
N SER B 534 -24.20 -19.46 -40.30
CA SER B 534 -25.17 -20.25 -39.56
C SER B 534 -26.12 -19.41 -38.71
N THR B 535 -25.64 -18.31 -38.15
CA THR B 535 -26.48 -17.46 -37.31
C THR B 535 -27.63 -16.86 -38.08
N PHE B 536 -27.40 -16.68 -39.38
CA PHE B 536 -28.41 -16.06 -40.23
C PHE B 536 -29.02 -17.03 -41.24
N GLY B 537 -29.09 -18.30 -40.85
CA GLY B 537 -29.65 -19.32 -41.69
C GLY B 537 -28.77 -19.70 -42.88
N GLY B 538 -27.47 -19.44 -42.78
CA GLY B 538 -26.61 -19.80 -43.88
C GLY B 538 -26.05 -18.64 -44.69
N GLU B 539 -25.41 -18.96 -45.81
CA GLU B 539 -24.79 -17.95 -46.64
C GLU B 539 -25.83 -17.12 -47.38
N VAL B 540 -27.05 -17.64 -47.50
CA VAL B 540 -28.10 -16.90 -48.18
C VAL B 540 -28.58 -15.77 -47.26
N GLY B 541 -28.77 -16.08 -45.97
CA GLY B 541 -29.19 -15.08 -45.02
C GLY B 541 -28.08 -14.08 -44.77
N PHE B 542 -26.86 -14.58 -44.62
CA PHE B 542 -25.70 -13.73 -44.39
C PHE B 542 -25.58 -12.69 -45.52
N LYS B 543 -25.78 -13.13 -46.75
CA LYS B 543 -25.69 -12.24 -47.93
C LYS B 543 -26.72 -11.13 -47.89
N ILE B 544 -27.93 -11.43 -47.43
CA ILE B 544 -28.96 -10.42 -47.36
C ILE B 544 -28.42 -9.19 -46.61
N ILE B 545 -27.73 -9.47 -45.51
CA ILE B 545 -27.15 -8.46 -44.65
C ILE B 545 -26.00 -7.74 -45.31
N ASN B 546 -25.02 -8.50 -45.76
CA ASN B 546 -23.84 -7.93 -46.36
C ASN B 546 -24.05 -7.20 -47.68
N THR B 547 -25.27 -7.21 -48.22
CA THR B 547 -25.60 -6.51 -49.47
C THR B 547 -26.71 -5.48 -49.26
N ALA B 548 -27.21 -5.37 -48.04
CA ALA B 548 -28.27 -4.41 -47.76
C ALA B 548 -27.87 -2.99 -48.14
N SER B 549 -28.87 -2.21 -48.58
CA SER B 549 -28.71 -0.80 -48.95
C SER B 549 -30.08 -0.15 -48.78
N ILE B 550 -30.13 1.17 -48.54
CA ILE B 550 -31.42 1.83 -48.36
C ILE B 550 -32.16 1.81 -49.67
N GLN B 551 -31.42 1.56 -50.75
CA GLN B 551 -32.01 1.51 -52.06
C GLN B 551 -32.63 0.14 -52.25
N SER B 552 -31.85 -0.90 -51.99
CA SER B 552 -32.39 -2.25 -52.16
C SER B 552 -33.48 -2.51 -51.12
N LEU B 553 -33.51 -1.70 -50.05
CA LEU B 553 -34.55 -1.88 -49.02
C LEU B 553 -35.89 -1.37 -49.58
N ILE B 554 -35.81 -0.33 -50.40
CA ILE B 554 -36.99 0.26 -51.02
C ILE B 554 -37.40 -0.49 -52.27
N CYS B 555 -36.40 -0.90 -53.03
CA CYS B 555 -36.60 -1.62 -54.28
C CYS B 555 -37.36 -2.93 -54.08
N ASN B 556 -36.90 -3.78 -53.17
CA ASN B 556 -37.58 -5.05 -52.90
C ASN B 556 -39.00 -4.97 -52.31
N ASN B 557 -39.31 -3.90 -51.59
CA ASN B 557 -40.63 -3.77 -50.98
C ASN B 557 -41.59 -2.72 -51.50
N VAL B 558 -41.08 -1.65 -52.11
CA VAL B 558 -42.01 -0.67 -52.63
C VAL B 558 -42.26 -0.97 -54.11
N LYS B 559 -43.54 -0.93 -54.50
CA LYS B 559 -43.97 -1.18 -55.87
C LYS B 559 -43.33 -0.19 -56.83
N GLY B 560 -42.82 -0.71 -57.94
CA GLY B 560 -42.17 0.12 -58.92
C GLY B 560 -40.71 0.30 -58.57
N CYS B 561 -40.28 -0.34 -57.49
CA CYS B 561 -38.88 -0.23 -57.06
C CYS B 561 -38.51 1.21 -57.41
N PRO B 562 -39.04 2.17 -56.63
CA PRO B 562 -38.71 3.55 -56.95
C PRO B 562 -37.30 3.84 -56.51
N PHE B 563 -36.67 4.81 -57.15
CA PHE B 563 -35.32 5.19 -56.76
C PHE B 563 -35.42 5.99 -55.46
N THR B 564 -34.47 5.76 -54.56
CA THR B 564 -34.44 6.44 -53.27
C THR B 564 -33.00 6.76 -52.90
N SER B 565 -32.83 7.74 -52.01
CA SER B 565 -31.51 8.17 -51.55
C SER B 565 -31.64 9.05 -50.29
N PHE B 566 -30.55 9.23 -49.56
CA PHE B 566 -30.59 10.05 -48.35
C PHE B 566 -30.28 11.51 -48.66
N ASN B 567 -30.27 11.86 -49.94
CA ASN B 567 -30.01 13.23 -50.34
C ASN B 567 -30.77 13.61 -51.59
N VAL B 568 -31.19 14.87 -51.62
CA VAL B 568 -31.92 15.46 -52.72
C VAL B 568 -31.06 15.36 -53.97
N GLN B 569 -31.34 14.35 -54.79
CA GLN B 569 -30.57 14.15 -56.01
C GLN B 569 -30.41 15.49 -56.73
N ALA C 18 53.83 -12.52 14.88
CA ALA C 18 54.83 -11.48 14.48
C ALA C 18 54.50 -10.18 15.20
N ASN C 19 53.22 -9.91 15.36
CA ASN C 19 52.75 -8.70 16.04
C ASN C 19 53.33 -8.66 17.46
N PRO C 20 54.34 -7.80 17.71
CA PRO C 20 54.98 -7.66 19.02
C PRO C 20 54.02 -7.48 20.21
N CYS C 21 52.76 -7.20 19.92
CA CYS C 21 51.79 -7.02 21.00
C CYS C 21 50.99 -8.30 21.25
N CYS C 22 51.39 -9.35 20.53
CA CYS C 22 50.80 -10.68 20.62
C CYS C 22 50.91 -11.19 22.04
N SER C 23 51.85 -10.65 22.80
CA SER C 23 52.09 -11.09 24.18
C SER C 23 51.32 -10.32 25.27
N ASN C 24 50.40 -9.44 24.87
CA ASN C 24 49.63 -8.64 25.84
C ASN C 24 50.64 -8.05 26.80
N PRO C 25 51.67 -7.39 26.27
CA PRO C 25 52.69 -6.82 27.16
C PRO C 25 52.13 -5.88 28.20
N CYS C 26 51.28 -4.96 27.74
CA CYS C 26 50.71 -3.92 28.60
C CYS C 26 49.66 -4.29 29.62
N GLN C 27 49.95 -3.91 30.86
CA GLN C 27 49.06 -4.16 31.98
C GLN C 27 48.20 -2.95 32.37
N ASN C 28 47.26 -3.17 33.28
CA ASN C 28 46.39 -2.12 33.78
C ASN C 28 45.58 -1.27 32.79
N ARG C 29 45.13 -1.85 31.69
CA ARG C 29 44.32 -1.11 30.71
C ARG C 29 45.07 -0.18 29.75
N GLY C 30 46.40 -0.17 29.85
CA GLY C 30 47.19 0.64 28.95
C GLY C 30 47.02 0.04 27.57
N GLU C 31 47.37 0.79 26.53
CA GLU C 31 47.20 0.30 25.19
C GLU C 31 48.51 -0.05 24.52
N CYS C 32 48.56 -1.21 23.87
CA CYS C 32 49.75 -1.65 23.16
C CYS C 32 49.67 -1.16 21.73
N MET C 33 50.79 -0.66 21.22
CA MET C 33 50.83 -0.17 19.86
C MET C 33 52.19 -0.56 19.34
N SER C 34 52.21 -1.14 18.14
CA SER C 34 53.44 -1.61 17.50
C SER C 34 54.30 -0.50 16.95
N THR C 35 55.45 -0.28 17.59
CA THR C 35 56.39 0.75 17.20
C THR C 35 57.59 0.20 16.41
N GLY C 36 57.32 -0.37 15.25
CA GLY C 36 58.39 -0.97 14.46
C GLY C 36 58.02 -2.43 14.23
N PHE C 37 58.86 -3.18 13.52
CA PHE C 37 58.54 -4.58 13.21
C PHE C 37 58.68 -5.58 14.34
N ASP C 38 59.37 -5.21 15.40
CA ASP C 38 59.57 -6.11 16.52
C ASP C 38 59.70 -5.34 17.83
N GLN C 39 59.03 -4.18 17.88
CA GLN C 39 59.04 -3.36 19.07
C GLN C 39 57.60 -2.90 19.28
N TYR C 40 57.32 -2.35 20.46
CA TYR C 40 55.98 -1.90 20.77
C TYR C 40 56.10 -0.81 21.84
N LYS C 41 54.97 -0.23 22.21
CA LYS C 41 54.96 0.79 23.25
C LYS C 41 53.57 0.81 23.90
N CYS C 42 53.51 1.09 25.19
CA CYS C 42 52.20 1.11 25.84
C CYS C 42 51.79 2.51 26.28
N ASP C 43 50.55 2.86 25.97
CA ASP C 43 49.96 4.14 26.30
C ASP C 43 49.37 4.02 27.70
N CYS C 44 50.08 4.55 28.68
CA CYS C 44 49.62 4.47 30.05
C CYS C 44 48.73 5.66 30.37
N THR C 45 48.39 6.42 29.33
CA THR C 45 47.52 7.58 29.48
C THR C 45 46.33 7.28 30.40
N ARG C 46 46.30 7.92 31.56
CA ARG C 46 45.20 7.75 32.50
C ARG C 46 45.00 6.38 33.16
N THR C 47 46.03 5.54 33.22
CA THR C 47 45.89 4.22 33.86
C THR C 47 46.15 4.24 35.39
N GLY C 48 47.14 5.02 35.81
CA GLY C 48 47.51 5.08 37.22
C GLY C 48 48.94 4.56 37.31
N PHE C 49 49.42 3.98 36.21
CA PHE C 49 50.76 3.40 36.14
C PHE C 49 51.56 3.91 34.94
N TYR C 50 52.88 3.86 35.07
CA TYR C 50 53.80 4.25 34.00
C TYR C 50 54.73 3.04 33.87
N GLY C 51 55.79 3.17 33.09
CA GLY C 51 56.70 2.05 32.91
C GLY C 51 56.47 1.34 31.58
N GLU C 52 57.54 0.79 31.02
CA GLU C 52 57.45 0.12 29.75
C GLU C 52 56.13 -0.61 29.54
N ASN C 53 55.62 -1.23 30.61
CA ASN C 53 54.38 -2.02 30.54
C ASN C 53 53.22 -1.58 31.44
N CYS C 54 53.20 -0.32 31.88
CA CYS C 54 52.11 0.16 32.73
C CYS C 54 52.02 -0.61 34.04
N THR C 55 53.17 -0.91 34.65
CA THR C 55 53.13 -1.65 35.91
C THR C 55 53.54 -0.84 37.14
N THR C 56 54.26 0.25 36.95
CA THR C 56 54.68 1.08 38.08
C THR C 56 53.52 1.99 38.53
N PRO C 57 53.01 1.77 39.75
CA PRO C 57 51.91 2.62 40.22
C PRO C 57 52.36 3.99 40.67
N GLU C 58 51.49 4.97 40.46
CA GLU C 58 51.77 6.33 40.86
C GLU C 58 51.36 6.35 42.31
N PHE C 59 51.89 7.30 43.06
CA PHE C 59 51.56 7.39 44.46
C PHE C 59 50.07 7.16 44.73
N LEU C 60 49.23 8.13 44.39
CA LEU C 60 47.78 8.03 44.62
C LEU C 60 47.19 6.66 44.25
N THR C 61 47.82 5.98 43.29
CA THR C 61 47.37 4.67 42.86
C THR C 61 47.59 3.63 43.96
N ARG C 62 48.75 3.69 44.62
CA ARG C 62 49.09 2.76 45.70
C ARG C 62 48.22 2.95 46.93
N ILE C 63 47.82 4.19 47.18
CA ILE C 63 46.94 4.49 48.29
C ILE C 63 45.62 3.79 48.03
N LYS C 64 45.03 4.11 46.88
CA LYS C 64 43.75 3.54 46.48
C LYS C 64 43.80 2.02 46.44
N LEU C 65 44.92 1.47 46.02
CA LEU C 65 45.08 0.01 45.94
C LEU C 65 44.99 -0.67 47.31
N LEU C 66 45.52 -0.01 48.34
CA LEU C 66 45.50 -0.56 49.69
C LEU C 66 44.08 -0.51 50.26
N LEU C 67 43.41 0.61 50.05
CA LEU C 67 42.06 0.80 50.56
C LEU C 67 41.03 0.06 49.73
N LYS C 68 41.49 -0.67 48.72
CA LYS C 68 40.58 -1.39 47.85
C LYS C 68 40.32 -2.82 48.31
N PRO C 69 39.10 -3.08 48.79
CA PRO C 69 38.72 -4.42 49.25
C PRO C 69 38.51 -5.30 48.03
N THR C 70 38.74 -6.60 48.20
CA THR C 70 38.57 -7.53 47.09
C THR C 70 37.09 -7.78 46.84
N PRO C 71 36.71 -8.06 45.57
CA PRO C 71 35.32 -8.32 45.18
C PRO C 71 34.64 -9.35 46.09
N ASN C 72 35.42 -10.33 46.54
CA ASN C 72 34.91 -11.38 47.41
C ASN C 72 34.60 -10.86 48.81
N THR C 73 35.39 -9.90 49.26
CA THR C 73 35.17 -9.30 50.56
C THR C 73 33.80 -8.65 50.51
N VAL C 74 33.63 -7.78 49.52
CA VAL C 74 32.38 -7.07 49.33
C VAL C 74 31.20 -8.05 49.26
N HIS C 75 31.26 -8.95 48.28
CA HIS C 75 30.21 -9.95 48.11
C HIS C 75 29.87 -10.54 49.47
N TYR C 76 30.90 -10.82 50.26
CA TYR C 76 30.68 -11.38 51.58
C TYR C 76 29.79 -10.46 52.42
N ILE C 77 30.14 -9.18 52.45
CA ILE C 77 29.39 -8.19 53.22
C ILE C 77 27.99 -7.90 52.70
N LEU C 78 27.80 -8.05 51.39
CA LEU C 78 26.50 -7.80 50.76
C LEU C 78 25.51 -8.93 50.98
N THR C 79 26.05 -10.12 51.24
CA THR C 79 25.24 -11.31 51.48
C THR C 79 25.23 -11.73 52.94
N HIS C 80 25.93 -10.98 53.80
CA HIS C 80 25.98 -11.29 55.23
C HIS C 80 25.41 -10.15 56.07
N PHE C 81 25.45 -10.31 57.40
CA PHE C 81 24.93 -9.29 58.30
C PHE C 81 23.53 -8.85 57.88
N LYS C 82 22.65 -9.82 57.68
CA LYS C 82 21.28 -9.55 57.27
C LYS C 82 20.56 -8.57 58.20
N GLY C 83 21.03 -8.47 59.44
CA GLY C 83 20.41 -7.57 60.38
C GLY C 83 20.74 -6.13 60.06
N VAL C 84 22.01 -5.90 59.72
CA VAL C 84 22.48 -4.57 59.38
C VAL C 84 21.78 -4.05 58.13
N TRP C 85 21.62 -4.95 57.17
CA TRP C 85 20.98 -4.63 55.91
C TRP C 85 19.51 -4.34 56.17
N ASN C 86 18.95 -4.96 57.19
CA ASN C 86 17.56 -4.75 57.53
C ASN C 86 17.34 -3.28 57.87
N ILE C 87 18.39 -2.66 58.40
CA ILE C 87 18.34 -1.26 58.78
C ILE C 87 18.68 -0.38 57.57
N VAL C 88 19.86 -0.58 57.01
CA VAL C 88 20.25 0.18 55.83
C VAL C 88 19.08 0.25 54.87
N ASN C 89 18.47 -0.90 54.63
CA ASN C 89 17.34 -1.03 53.71
C ASN C 89 16.12 -0.21 54.05
N ASN C 90 15.94 0.10 55.33
CA ASN C 90 14.77 0.87 55.74
C ASN C 90 15.14 2.30 56.07
N ILE C 91 16.23 2.75 55.46
CA ILE C 91 16.71 4.10 55.63
C ILE C 91 16.96 4.72 54.26
N PRO C 92 15.88 5.18 53.61
CA PRO C 92 15.89 5.81 52.29
C PRO C 92 17.22 6.41 51.85
N PHE C 93 17.68 7.44 52.53
CA PHE C 93 18.93 8.05 52.13
C PHE C 93 20.14 7.10 52.25
N LEU C 94 20.13 6.24 53.25
CA LEU C 94 21.23 5.29 53.43
C LEU C 94 21.21 4.31 52.26
N ARG C 95 20.05 3.70 52.05
CA ARG C 95 19.87 2.76 50.96
C ARG C 95 20.24 3.42 49.63
N SER C 96 19.84 4.68 49.47
CA SER C 96 20.11 5.41 48.24
C SER C 96 21.58 5.69 48.09
N LEU C 97 22.30 5.61 49.20
CA LEU C 97 23.74 5.84 49.21
C LEU C 97 24.44 4.61 48.66
N ILE C 98 24.00 3.45 49.14
CA ILE C 98 24.55 2.16 48.72
C ILE C 98 24.35 1.96 47.21
N MET C 99 23.10 1.89 46.77
CA MET C 99 22.80 1.65 45.39
C MET C 99 23.52 2.59 44.46
N LYS C 100 23.78 3.80 44.93
CA LYS C 100 24.46 4.77 44.09
C LYS C 100 25.89 4.30 43.90
N TYR C 101 26.45 3.74 44.97
CA TYR C 101 27.82 3.23 44.94
C TYR C 101 27.87 1.95 44.09
N VAL C 102 26.82 1.12 44.13
CA VAL C 102 26.79 -0.11 43.35
C VAL C 102 26.62 0.18 41.84
N LEU C 103 25.94 1.28 41.54
CA LEU C 103 25.70 1.73 40.16
C LEU C 103 26.94 2.38 39.52
N THR C 104 27.75 3.06 40.33
CA THR C 104 28.91 3.80 39.80
C THR C 104 30.23 3.09 39.89
N SER C 105 30.44 2.36 40.98
CA SER C 105 31.67 1.61 41.18
C SER C 105 31.84 0.63 40.04
N ARG C 106 30.73 0.14 39.52
CA ARG C 106 30.69 -0.83 38.43
C ARG C 106 31.00 -0.21 37.06
N SER C 107 30.12 0.69 36.64
CA SER C 107 30.20 1.37 35.34
C SER C 107 31.56 1.77 34.79
N TYR C 108 32.49 2.15 35.65
CA TYR C 108 33.82 2.58 35.20
C TYR C 108 34.63 1.48 34.49
N LEU C 109 34.15 0.23 34.55
CA LEU C 109 34.83 -0.89 33.91
C LEU C 109 34.46 -1.05 32.43
N ILE C 110 33.45 -0.31 31.97
CA ILE C 110 32.99 -0.40 30.58
C ILE C 110 33.55 0.77 29.76
N ASP C 111 33.89 0.51 28.50
CA ASP C 111 34.42 1.55 27.62
C ASP C 111 33.16 2.13 26.93
N SER C 112 32.91 3.43 27.09
CA SER C 112 31.72 4.02 26.46
C SER C 112 31.92 5.49 26.14
N PRO C 113 31.86 5.86 24.85
CA PRO C 113 31.63 5.06 23.63
C PRO C 113 32.52 3.83 23.47
N PRO C 114 31.99 2.78 22.77
CA PRO C 114 32.68 1.52 22.51
C PRO C 114 33.97 1.65 21.72
N THR C 115 34.82 0.63 21.84
CA THR C 115 36.11 0.57 21.21
C THR C 115 36.29 -0.50 20.13
N TYR C 116 36.78 -1.68 20.51
CA TYR C 116 37.03 -2.77 19.55
C TYR C 116 35.86 -3.68 19.20
N ASN C 117 36.09 -4.54 18.21
CA ASN C 117 35.10 -5.53 17.82
C ASN C 117 35.86 -6.77 17.29
N VAL C 118 35.15 -7.76 16.76
CA VAL C 118 35.83 -8.96 16.29
C VAL C 118 36.87 -8.72 15.20
N HIS C 119 36.69 -7.66 14.42
CA HIS C 119 37.61 -7.36 13.34
C HIS C 119 38.65 -6.27 13.62
N TYR C 120 38.46 -5.51 14.70
CA TYR C 120 39.38 -4.42 15.04
C TYR C 120 39.97 -4.48 16.45
N GLY C 121 41.31 -4.61 16.50
CA GLY C 121 42.04 -4.66 17.76
C GLY C 121 42.64 -3.31 18.10
N TYR C 122 42.32 -2.32 17.27
CA TYR C 122 42.75 -0.95 17.46
C TYR C 122 41.50 -0.10 17.16
N LYS C 123 41.34 1.04 17.86
CA LYS C 123 40.19 1.91 17.65
C LYS C 123 40.13 2.43 16.23
N SER C 124 38.96 2.34 15.62
CA SER C 124 38.77 2.82 14.26
C SER C 124 37.36 3.34 14.14
N TRP C 125 37.09 4.14 13.10
CA TRP C 125 35.75 4.68 12.95
C TRP C 125 34.79 3.60 12.55
N GLU C 126 35.30 2.65 11.78
CA GLU C 126 34.51 1.55 11.32
C GLU C 126 33.99 0.81 12.53
N ALA C 127 34.90 0.55 13.49
CA ALA C 127 34.56 -0.17 14.74
C ALA C 127 33.53 0.63 15.49
N PHE C 128 33.84 1.88 15.80
CA PHE C 128 32.90 2.72 16.52
C PHE C 128 31.54 3.00 15.85
N SER C 129 31.49 3.08 14.52
CA SER C 129 30.22 3.41 13.87
C SER C 129 29.34 2.25 13.40
N ASN C 130 29.96 1.11 13.09
CA ASN C 130 29.17 -0.03 12.64
C ASN C 130 28.40 -0.72 13.78
N LEU C 131 27.09 -0.54 13.74
CA LEU C 131 26.18 -1.08 14.73
C LEU C 131 25.88 -2.58 14.56
N SER C 132 26.36 -3.16 13.46
CA SER C 132 26.10 -4.56 13.19
C SER C 132 26.99 -5.52 13.98
N TYR C 133 28.04 -4.98 14.57
CA TYR C 133 29.00 -5.74 15.35
C TYR C 133 28.65 -5.74 16.83
N TYR C 134 29.07 -6.79 17.52
CA TYR C 134 28.91 -6.85 18.96
C TYR C 134 30.24 -6.16 19.31
N THR C 135 30.26 -5.30 20.32
CA THR C 135 31.53 -4.67 20.70
C THR C 135 32.41 -5.67 21.49
N ARG C 136 33.61 -5.27 21.89
CA ARG C 136 34.51 -6.18 22.63
C ARG C 136 35.23 -5.55 23.82
N ALA C 137 35.14 -6.21 24.98
CA ALA C 137 35.81 -5.74 26.19
C ALA C 137 37.34 -5.83 26.03
N LEU C 138 37.78 -6.82 25.26
CA LEU C 138 39.20 -6.97 25.00
C LEU C 138 39.37 -7.25 23.54
N PRO C 139 40.33 -6.55 22.92
CA PRO C 139 40.64 -6.69 21.50
C PRO C 139 40.90 -8.14 21.12
N PRO C 140 40.49 -8.55 19.92
CA PRO C 140 40.75 -9.95 19.60
C PRO C 140 42.28 -10.18 19.46
N VAL C 141 42.71 -11.44 19.49
CA VAL C 141 44.12 -11.76 19.35
C VAL C 141 44.47 -11.59 17.87
N ALA C 142 45.60 -10.94 17.59
CA ALA C 142 46.03 -10.73 16.22
C ALA C 142 46.05 -12.05 15.43
N ASP C 143 45.73 -11.98 14.14
CA ASP C 143 45.68 -13.16 13.30
C ASP C 143 47.05 -13.74 13.06
N ASP C 144 48.08 -12.90 13.11
CA ASP C 144 49.43 -13.38 12.87
C ASP C 144 50.17 -13.75 14.16
N CYS C 145 49.41 -13.98 15.22
CA CYS C 145 50.00 -14.37 16.49
C CYS C 145 50.40 -15.86 16.36
N PRO C 146 51.47 -16.29 17.07
CA PRO C 146 51.95 -17.68 17.01
C PRO C 146 51.03 -18.74 17.64
N THR C 147 50.27 -18.36 18.67
CA THR C 147 49.35 -19.29 19.30
C THR C 147 47.96 -18.66 19.38
N PRO C 148 46.92 -19.49 19.60
CA PRO C 148 45.53 -19.04 19.71
C PRO C 148 45.29 -17.96 20.76
N MET C 149 46.01 -18.03 21.89
CA MET C 149 45.86 -17.04 22.94
C MET C 149 47.00 -16.04 22.98
N GLY C 150 47.76 -15.95 21.90
CA GLY C 150 48.87 -15.00 21.86
C GLY C 150 50.21 -15.65 21.61
N VAL C 151 50.95 -15.91 22.70
CA VAL C 151 52.26 -16.54 22.61
C VAL C 151 52.36 -17.80 23.49
N LYS C 152 51.47 -17.89 24.49
CA LYS C 152 51.46 -19.01 25.41
C LYS C 152 50.63 -20.18 24.88
N GLY C 153 50.98 -21.39 25.33
CA GLY C 153 50.27 -22.58 24.90
C GLY C 153 50.77 -23.19 23.59
N ASN C 154 50.00 -24.12 23.03
CA ASN C 154 50.39 -24.78 21.79
C ASN C 154 49.68 -24.16 20.58
N LYS C 155 50.12 -24.55 19.39
CA LYS C 155 49.54 -24.03 18.16
C LYS C 155 48.03 -24.20 18.17
N GLU C 156 47.55 -25.16 18.95
CA GLU C 156 46.12 -25.39 19.01
C GLU C 156 45.58 -25.63 20.40
N LEU C 157 44.41 -25.05 20.67
CA LEU C 157 43.73 -25.23 21.95
C LEU C 157 43.25 -26.69 21.99
N PRO C 158 42.91 -27.18 23.19
CA PRO C 158 42.44 -28.57 23.36
C PRO C 158 41.14 -28.81 22.64
N ASP C 159 40.94 -30.03 22.18
CA ASP C 159 39.71 -30.38 21.50
C ASP C 159 38.51 -29.87 22.29
N SER C 160 37.65 -29.10 21.64
CA SER C 160 36.46 -28.57 22.30
C SER C 160 35.52 -29.72 22.72
N LYS C 161 35.45 -30.79 21.93
CA LYS C 161 34.62 -31.93 22.25
C LYS C 161 35.12 -32.62 23.50
N GLU C 162 36.45 -32.63 23.69
CA GLU C 162 37.10 -33.23 24.86
C GLU C 162 36.78 -32.36 26.07
N VAL C 163 36.88 -31.05 25.88
CA VAL C 163 36.58 -30.11 26.95
C VAL C 163 35.13 -30.27 27.34
N LEU C 164 34.29 -30.30 26.31
CA LEU C 164 32.84 -30.45 26.45
C LEU C 164 32.49 -31.66 27.30
N GLU C 165 32.95 -32.84 26.88
CA GLU C 165 32.65 -34.08 27.59
C GLU C 165 33.33 -34.27 28.96
N LYS C 166 34.58 -33.88 29.10
CA LYS C 166 35.29 -34.06 30.36
C LYS C 166 34.83 -33.20 31.54
N VAL C 167 34.46 -31.94 31.33
CA VAL C 167 34.05 -31.10 32.45
C VAL C 167 32.77 -30.32 32.28
N LEU C 168 32.15 -30.39 31.11
CA LEU C 168 30.92 -29.64 30.88
C LEU C 168 29.60 -30.44 30.89
N LEU C 169 29.54 -31.56 30.17
CA LEU C 169 28.33 -32.39 30.13
C LEU C 169 27.90 -32.86 31.51
N ARG C 170 26.61 -32.84 31.74
CA ARG C 170 26.07 -33.23 33.04
C ARG C 170 25.80 -34.70 33.18
N ARG C 171 26.28 -35.30 34.26
CA ARG C 171 26.01 -36.71 34.52
C ARG C 171 24.73 -36.77 35.39
N GLU C 172 24.75 -36.04 36.49
CA GLU C 172 23.59 -36.01 37.35
C GLU C 172 23.16 -34.56 37.48
N PHE C 173 21.85 -34.32 37.48
CA PHE C 173 21.34 -32.97 37.58
C PHE C 173 21.73 -32.34 38.94
N ILE C 174 22.42 -31.20 38.87
CA ILE C 174 22.83 -30.46 40.07
C ILE C 174 21.91 -29.25 40.24
N PRO C 175 21.03 -29.27 41.25
CA PRO C 175 20.12 -28.14 41.48
C PRO C 175 20.85 -26.89 41.91
N ASP C 176 20.22 -25.74 41.70
CA ASP C 176 20.83 -24.50 42.11
C ASP C 176 20.59 -24.27 43.60
N PRO C 177 21.68 -24.12 44.39
CA PRO C 177 21.58 -23.87 45.83
C PRO C 177 20.80 -22.60 46.17
N GLN C 178 20.72 -21.68 45.20
CA GLN C 178 20.00 -20.41 45.38
C GLN C 178 18.48 -20.51 45.22
N GLY C 179 18.00 -21.66 44.74
CA GLY C 179 16.58 -21.84 44.58
C GLY C 179 16.00 -21.38 43.26
N SER C 180 16.85 -20.95 42.34
CA SER C 180 16.39 -20.49 41.04
C SER C 180 15.44 -21.51 40.42
N ASN C 181 14.24 -21.06 40.04
CA ASN C 181 13.26 -21.95 39.43
C ASN C 181 13.22 -21.70 37.93
N MET C 182 12.16 -22.17 37.27
CA MET C 182 12.03 -22.00 35.84
C MET C 182 11.47 -20.62 35.42
N MET C 183 10.77 -19.94 36.32
CA MET C 183 10.26 -18.61 36.02
C MET C 183 11.49 -17.71 35.87
N PHE C 184 12.55 -18.05 36.60
CA PHE C 184 13.79 -17.30 36.54
C PHE C 184 14.56 -17.66 35.28
N ALA C 185 14.78 -18.95 35.04
CA ALA C 185 15.53 -19.39 33.88
C ALA C 185 14.96 -18.90 32.56
N PHE C 186 13.63 -19.02 32.39
CA PHE C 186 12.97 -18.57 31.17
C PHE C 186 12.86 -17.06 31.08
N PHE C 187 12.82 -16.39 32.24
CA PHE C 187 12.74 -14.94 32.26
C PHE C 187 14.03 -14.43 31.67
N ALA C 188 15.16 -14.89 32.21
CA ALA C 188 16.49 -14.54 31.75
C ALA C 188 16.66 -14.81 30.24
N GLN C 189 16.11 -15.93 29.77
CA GLN C 189 16.18 -16.30 28.36
C GLN C 189 15.33 -15.35 27.49
N HIS C 190 14.07 -15.16 27.87
CA HIS C 190 13.16 -14.26 27.17
C HIS C 190 13.75 -12.84 27.10
N PHE C 191 14.17 -12.33 28.25
CA PHE C 191 14.75 -10.99 28.38
C PHE C 191 16.09 -10.80 27.65
N THR C 192 17.07 -11.64 27.94
CA THR C 192 18.38 -11.51 27.29
C THR C 192 18.28 -11.69 25.78
N HIS C 193 17.17 -12.23 25.29
CA HIS C 193 17.05 -12.48 23.85
C HIS C 193 16.57 -11.34 22.98
N GLN C 194 16.49 -10.17 23.56
CA GLN C 194 16.11 -9.01 22.79
C GLN C 194 17.40 -8.37 22.36
N PHE C 195 18.47 -8.49 23.16
CA PHE C 195 19.74 -7.90 22.79
C PHE C 195 20.83 -8.89 22.37
N PHE C 196 20.54 -10.18 22.52
CA PHE C 196 21.48 -11.24 22.10
C PHE C 196 20.78 -11.89 20.91
N LYS C 197 21.08 -11.39 19.73
CA LYS C 197 20.45 -11.91 18.51
C LYS C 197 21.55 -11.98 17.45
N THR C 198 22.42 -12.99 17.61
CA THR C 198 23.53 -13.15 16.70
C THR C 198 23.03 -13.25 15.27
N ASP C 199 23.72 -12.53 14.37
CA ASP C 199 23.39 -12.56 12.95
C ASP C 199 24.31 -13.64 12.36
N HIS C 200 23.83 -14.87 12.42
CA HIS C 200 24.57 -16.03 11.94
C HIS C 200 24.94 -15.98 10.46
N LYS C 201 24.25 -15.14 9.70
CA LYS C 201 24.54 -15.02 8.27
C LYS C 201 25.87 -14.29 8.12
N ARG C 202 26.18 -13.41 9.07
CA ARG C 202 27.43 -12.66 9.02
C ARG C 202 28.56 -13.32 9.81
N GLY C 203 28.27 -13.78 11.02
CA GLY C 203 29.29 -14.38 11.84
C GLY C 203 28.93 -14.22 13.30
N PRO C 204 29.60 -14.92 14.21
CA PRO C 204 29.31 -14.81 15.65
C PRO C 204 29.51 -13.42 16.27
N GLY C 205 30.44 -12.65 15.70
CA GLY C 205 30.68 -11.33 16.22
C GLY C 205 29.69 -10.29 15.73
N PHE C 206 28.64 -10.72 15.02
CA PHE C 206 27.63 -9.80 14.51
C PHE C 206 26.27 -9.96 15.17
N THR C 207 25.53 -8.85 15.30
CA THR C 207 24.22 -8.85 15.95
C THR C 207 23.12 -8.30 15.04
N ARG C 208 21.87 -8.66 15.35
CA ARG C 208 20.72 -8.17 14.60
C ARG C 208 19.92 -7.20 15.48
N GLY C 209 20.28 -7.16 16.77
CA GLY C 209 19.63 -6.27 17.70
C GLY C 209 20.36 -4.93 17.63
N LEU C 210 20.05 -4.17 16.57
CA LEU C 210 20.66 -2.86 16.34
C LEU C 210 20.29 -1.79 17.38
N GLY C 211 19.54 -2.16 18.41
CA GLY C 211 19.17 -1.22 19.44
C GLY C 211 20.18 -1.33 20.57
N HIS C 212 20.94 -2.42 20.55
CA HIS C 212 21.96 -2.66 21.55
C HIS C 212 21.50 -2.51 23.01
N GLY C 213 20.28 -2.94 23.29
CA GLY C 213 19.78 -2.87 24.65
C GLY C 213 18.32 -3.24 24.80
N VAL C 214 17.77 -2.85 25.95
CA VAL C 214 16.36 -3.12 26.29
C VAL C 214 15.42 -2.18 25.52
N ASP C 215 15.19 -2.44 24.24
CA ASP C 215 14.27 -1.57 23.49
C ASP C 215 12.97 -2.34 23.31
N LEU C 216 12.94 -3.53 23.91
CA LEU C 216 11.79 -4.44 23.86
C LEU C 216 11.40 -4.79 22.43
N ASN C 217 12.39 -5.02 21.58
CA ASN C 217 12.07 -5.38 20.22
C ASN C 217 11.55 -6.80 20.17
N HIS C 218 11.78 -7.57 21.22
CA HIS C 218 11.33 -8.96 21.23
C HIS C 218 9.82 -9.05 21.40
N ILE C 219 9.17 -7.91 21.61
CA ILE C 219 7.73 -7.84 21.79
C ILE C 219 7.13 -7.11 20.60
N TYR C 220 7.77 -5.98 20.28
CA TYR C 220 7.36 -5.06 19.22
C TYR C 220 8.01 -5.22 17.83
N GLY C 221 9.13 -5.91 17.75
CA GLY C 221 9.78 -6.08 16.47
C GLY C 221 10.93 -5.10 16.31
N GLU C 222 11.95 -5.50 15.54
CA GLU C 222 13.12 -4.65 15.28
C GLU C 222 12.73 -3.60 14.25
N THR C 223 11.96 -4.02 13.25
CA THR C 223 11.54 -3.13 12.20
C THR C 223 10.12 -2.59 12.34
N LEU C 224 9.96 -1.35 11.88
CA LEU C 224 8.70 -0.63 11.84
C LEU C 224 7.71 -1.48 11.04
N ASP C 225 8.24 -2.14 10.02
CA ASP C 225 7.45 -3.00 9.16
C ASP C 225 6.84 -4.16 9.95
N ARG C 226 7.67 -4.75 10.80
CA ARG C 226 7.24 -5.86 11.64
C ARG C 226 6.30 -5.32 12.72
N GLN C 227 6.66 -4.16 13.28
CA GLN C 227 5.86 -3.55 14.34
C GLN C 227 4.44 -3.24 13.90
N HIS C 228 4.30 -2.77 12.67
CA HIS C 228 2.99 -2.45 12.16
C HIS C 228 2.16 -3.68 11.85
N LYS C 229 2.82 -4.80 11.59
CA LYS C 229 2.13 -6.05 11.29
C LYS C 229 1.57 -6.65 12.55
N LEU C 230 2.22 -6.36 13.68
CA LEU C 230 1.82 -6.84 15.00
C LEU C 230 0.78 -5.95 15.68
N ARG C 231 0.66 -4.70 15.22
CA ARG C 231 -0.27 -3.74 15.82
C ARG C 231 -1.72 -3.80 15.35
N LEU C 232 -2.60 -3.56 16.29
CA LEU C 232 -4.01 -3.57 16.06
C LEU C 232 -4.44 -2.25 15.43
N PHE C 233 -3.78 -1.18 15.83
CA PHE C 233 -4.08 0.16 15.30
C PHE C 233 -5.39 0.74 15.78
N LYS C 234 -5.71 0.43 17.02
CA LYS C 234 -6.90 0.91 17.70
C LYS C 234 -6.53 0.86 19.18
N ASP C 235 -6.46 2.03 19.81
CA ASP C 235 -6.12 2.13 21.22
C ASP C 235 -4.66 1.81 21.53
N GLY C 236 -3.84 1.79 20.50
CA GLY C 236 -2.41 1.52 20.68
C GLY C 236 -2.09 0.09 21.01
N LYS C 237 -3.09 -0.77 20.87
CA LYS C 237 -2.95 -2.19 21.19
C LYS C 237 -2.20 -3.06 20.20
N LEU C 238 -1.74 -4.21 20.70
CA LEU C 238 -1.04 -5.21 19.92
C LEU C 238 -2.09 -6.25 19.51
N LYS C 239 -2.03 -6.71 18.26
CA LYS C 239 -2.97 -7.72 17.78
C LYS C 239 -2.87 -8.95 18.68
N TYR C 240 -3.96 -9.70 18.79
CA TYR C 240 -3.97 -10.89 19.63
C TYR C 240 -5.15 -11.77 19.22
N GLN C 241 -5.26 -12.95 19.81
CA GLN C 241 -6.36 -13.86 19.52
C GLN C 241 -6.89 -14.43 20.83
N VAL C 242 -8.14 -14.86 20.83
CA VAL C 242 -8.74 -15.45 22.02
C VAL C 242 -9.01 -16.93 21.77
N ILE C 243 -8.34 -17.78 22.55
CA ILE C 243 -8.49 -19.23 22.45
C ILE C 243 -9.00 -19.77 23.76
N GLY C 244 -10.17 -20.41 23.72
CA GLY C 244 -10.72 -20.93 24.95
C GLY C 244 -10.81 -19.85 25.98
N GLY C 245 -11.33 -18.69 25.59
CA GLY C 245 -11.47 -17.58 26.51
C GLY C 245 -10.18 -16.97 27.04
N GLU C 246 -9.04 -17.32 26.43
CA GLU C 246 -7.75 -16.81 26.85
C GLU C 246 -7.07 -16.01 25.76
N VAL C 247 -6.34 -14.97 26.14
CA VAL C 247 -5.64 -14.12 25.18
C VAL C 247 -4.23 -14.61 24.84
N TYR C 248 -3.99 -14.86 23.56
CA TYR C 248 -2.69 -15.31 23.08
C TYR C 248 -2.24 -14.48 21.85
N PRO C 249 -0.95 -14.56 21.51
CA PRO C 249 -0.47 -13.81 20.35
C PRO C 249 -1.20 -14.26 19.10
N PRO C 250 -1.26 -13.39 18.09
CA PRO C 250 -1.93 -13.67 16.82
C PRO C 250 -1.15 -14.73 16.07
N THR C 251 -1.69 -15.18 14.94
CA THR C 251 -1.01 -16.19 14.14
C THR C 251 -0.23 -15.57 13.00
N VAL C 252 0.74 -16.33 12.48
CA VAL C 252 1.55 -15.88 11.37
C VAL C 252 0.70 -15.78 10.10
N LYS C 253 -0.39 -16.54 10.05
CA LYS C 253 -1.26 -16.50 8.89
C LYS C 253 -2.08 -15.22 8.88
N ASP C 254 -2.30 -14.65 10.06
CA ASP C 254 -3.10 -13.44 10.16
C ASP C 254 -2.32 -12.14 10.16
N THR C 255 -1.07 -12.19 10.58
CA THR C 255 -0.24 -11.00 10.68
C THR C 255 0.78 -10.86 9.58
N GLN C 256 1.22 -12.00 9.06
CA GLN C 256 2.22 -12.06 7.99
C GLN C 256 3.66 -11.83 8.48
N VAL C 257 3.84 -11.76 9.79
CA VAL C 257 5.18 -11.55 10.32
C VAL C 257 5.89 -12.89 10.33
N GLU C 258 7.15 -12.89 9.88
CA GLU C 258 7.96 -14.12 9.81
C GLU C 258 8.42 -14.64 11.17
N MET C 259 8.22 -15.94 11.38
CA MET C 259 8.58 -16.62 12.61
C MET C 259 9.32 -17.88 12.20
N ILE C 260 10.11 -18.43 13.10
CA ILE C 260 10.82 -19.67 12.79
C ILE C 260 10.10 -20.84 13.44
N TYR C 261 9.50 -21.69 12.61
CA TYR C 261 8.75 -22.85 13.05
C TYR C 261 9.10 -24.03 12.16
N PRO C 262 9.20 -25.23 12.74
CA PRO C 262 9.51 -26.37 11.87
C PRO C 262 8.31 -26.56 10.93
N PRO C 263 8.54 -27.14 9.74
CA PRO C 263 7.50 -27.37 8.74
C PRO C 263 6.24 -28.10 9.19
N HIS C 264 6.33 -28.87 10.27
CA HIS C 264 5.17 -29.63 10.73
C HIS C 264 4.22 -28.90 11.68
N ILE C 265 4.48 -27.63 11.96
CA ILE C 265 3.62 -26.88 12.87
C ILE C 265 2.40 -26.31 12.17
N PRO C 266 1.20 -26.64 12.68
CA PRO C 266 -0.09 -26.19 12.14
C PRO C 266 -0.23 -24.67 12.24
N GLU C 267 -0.68 -24.05 11.15
CA GLU C 267 -0.85 -22.61 11.09
C GLU C 267 -1.49 -21.98 12.31
N ASN C 268 -2.46 -22.67 12.92
CA ASN C 268 -3.17 -22.17 14.08
C ASN C 268 -2.33 -22.21 15.37
N LEU C 269 -1.13 -22.75 15.26
CA LEU C 269 -0.21 -22.87 16.39
C LEU C 269 1.02 -22.00 16.17
N GLN C 270 1.18 -21.50 14.96
CA GLN C 270 2.30 -20.64 14.64
C GLN C 270 2.00 -19.25 15.16
N PHE C 271 2.41 -18.96 16.38
CA PHE C 271 2.18 -17.66 16.99
C PHE C 271 3.16 -16.62 16.48
N ALA C 272 2.68 -15.39 16.34
CA ALA C 272 3.48 -14.29 15.82
C ALA C 272 3.80 -13.31 16.94
N VAL C 273 5.09 -13.20 17.28
CA VAL C 273 5.52 -12.31 18.35
C VAL C 273 6.69 -11.45 17.86
N GLY C 274 7.16 -10.57 18.73
CA GLY C 274 8.26 -9.70 18.37
C GLY C 274 9.51 -10.44 17.88
N GLN C 275 10.00 -11.37 18.69
CA GLN C 275 11.19 -12.15 18.34
C GLN C 275 10.76 -13.33 17.50
N GLU C 276 11.34 -13.44 16.31
CA GLU C 276 10.99 -14.51 15.38
C GLU C 276 11.32 -15.91 15.89
N VAL C 277 12.12 -15.99 16.93
CA VAL C 277 12.52 -17.29 17.46
C VAL C 277 11.80 -17.77 18.73
N PHE C 278 10.95 -16.95 19.33
CA PHE C 278 10.24 -17.31 20.56
C PHE C 278 9.15 -18.37 20.42
N GLY C 279 8.96 -18.90 19.23
CA GLY C 279 7.92 -19.92 19.06
C GLY C 279 8.49 -21.31 19.23
N LEU C 280 9.81 -21.37 19.41
CA LEU C 280 10.51 -22.62 19.54
C LEU C 280 10.59 -23.16 20.96
N VAL C 281 10.10 -22.39 21.91
CA VAL C 281 10.12 -22.83 23.31
C VAL C 281 8.92 -22.27 24.04
N PRO C 282 8.00 -23.14 24.44
CA PRO C 282 6.78 -22.76 25.18
C PRO C 282 7.04 -21.84 26.40
N GLY C 283 8.24 -21.94 26.97
CA GLY C 283 8.59 -21.10 28.11
C GLY C 283 8.81 -19.68 27.65
N LEU C 284 9.38 -19.55 26.46
CA LEU C 284 9.63 -18.25 25.83
C LEU C 284 8.30 -17.67 25.42
N MET C 285 7.42 -18.49 24.85
CA MET C 285 6.11 -18.03 24.42
C MET C 285 5.17 -17.72 25.61
N MET C 286 5.51 -18.25 26.77
CA MET C 286 4.70 -17.99 27.95
C MET C 286 4.90 -16.52 28.32
N TYR C 287 6.16 -16.08 28.39
CA TYR C 287 6.48 -14.71 28.76
C TYR C 287 6.03 -13.75 27.69
N ALA C 288 6.13 -14.18 26.44
CA ALA C 288 5.69 -13.42 25.28
C ALA C 288 4.21 -13.01 25.38
N THR C 289 3.37 -13.95 25.81
CA THR C 289 1.93 -13.72 25.98
C THR C 289 1.68 -12.81 27.20
N ILE C 290 2.40 -13.06 28.28
CA ILE C 290 2.26 -12.27 29.49
C ILE C 290 2.58 -10.80 29.22
N TRP C 291 3.61 -10.54 28.42
CA TRP C 291 4.03 -9.17 28.10
C TRP C 291 3.14 -8.54 27.04
N LEU C 292 2.51 -9.35 26.20
CA LEU C 292 1.58 -8.84 25.19
C LEU C 292 0.35 -8.37 25.96
N ARG C 293 -0.12 -9.23 26.86
CA ARG C 293 -1.28 -8.94 27.69
C ARG C 293 -1.06 -7.66 28.47
N GLU C 294 0.18 -7.46 28.93
CA GLU C 294 0.53 -6.27 29.69
C GLU C 294 0.51 -5.01 28.83
N HIS C 295 1.04 -5.09 27.61
CA HIS C 295 1.04 -3.91 26.76
C HIS C 295 -0.37 -3.39 26.59
N ASN C 296 -1.31 -4.23 26.16
CA ASN C 296 -2.71 -3.80 26.00
C ASN C 296 -3.40 -3.40 27.32
N ARG C 297 -2.98 -4.02 28.42
CA ARG C 297 -3.53 -3.73 29.72
C ARG C 297 -3.24 -2.27 30.01
N VAL C 298 -1.98 -1.88 29.83
CA VAL C 298 -1.57 -0.50 30.08
C VAL C 298 -2.22 0.44 29.04
N CYS C 299 -2.53 -0.10 27.88
CA CYS C 299 -3.17 0.69 26.82
C CYS C 299 -4.55 1.10 27.29
N ASP C 300 -5.19 0.25 28.10
CA ASP C 300 -6.52 0.56 28.60
C ASP C 300 -6.37 1.60 29.67
N ILE C 301 -5.32 1.43 30.48
CA ILE C 301 -5.08 2.38 31.55
C ILE C 301 -4.90 3.77 30.98
N LEU C 302 -4.07 3.87 29.93
CA LEU C 302 -3.77 5.15 29.28
C LEU C 302 -4.97 5.80 28.60
N LYS C 303 -5.77 5.02 27.89
CA LYS C 303 -6.96 5.55 27.22
C LYS C 303 -7.93 6.11 28.24
N GLN C 304 -7.94 5.48 29.41
CA GLN C 304 -8.79 5.87 30.50
C GLN C 304 -8.44 7.29 30.94
N GLU C 305 -7.15 7.55 31.10
CA GLU C 305 -6.69 8.86 31.52
C GLU C 305 -6.65 9.88 30.36
N HIS C 306 -6.44 9.37 29.14
CA HIS C 306 -6.31 10.21 27.96
C HIS C 306 -7.27 9.87 26.84
N PRO C 307 -8.57 10.16 27.03
CA PRO C 307 -9.60 9.88 26.02
C PRO C 307 -9.32 10.64 24.72
N GLU C 308 -8.49 11.68 24.82
CA GLU C 308 -8.13 12.52 23.69
C GLU C 308 -6.95 11.98 22.90
N TRP C 309 -6.33 10.92 23.40
CA TRP C 309 -5.20 10.34 22.70
C TRP C 309 -5.56 9.39 21.57
N GLY C 310 -4.73 9.42 20.53
CA GLY C 310 -4.93 8.56 19.38
C GLY C 310 -4.23 7.21 19.52
N ASP C 311 -4.45 6.34 18.55
CA ASP C 311 -3.83 5.04 18.61
C ASP C 311 -2.29 5.08 18.67
N GLU C 312 -1.64 5.89 17.84
CA GLU C 312 -0.19 5.91 17.85
C GLU C 312 0.40 6.43 19.16
N GLN C 313 -0.20 7.46 19.75
CA GLN C 313 0.36 7.94 20.99
C GLN C 313 0.11 6.97 22.15
N LEU C 314 -1.00 6.22 22.12
CA LEU C 314 -1.26 5.27 23.19
C LEU C 314 -0.26 4.12 23.13
N PHE C 315 -0.09 3.54 21.94
CA PHE C 315 0.87 2.46 21.72
C PHE C 315 2.29 2.84 22.10
N GLN C 316 2.74 4.01 21.64
CA GLN C 316 4.11 4.49 21.89
C GLN C 316 4.37 4.71 23.37
N THR C 317 3.42 5.33 24.05
CA THR C 317 3.57 5.59 25.49
C THR C 317 3.62 4.27 26.26
N SER C 318 2.76 3.31 25.88
CA SER C 318 2.72 1.96 26.49
C SER C 318 4.13 1.36 26.37
N ARG C 319 4.65 1.32 25.16
CA ARG C 319 5.95 0.76 24.97
C ARG C 319 6.99 1.40 25.86
N LEU C 320 6.86 2.69 26.13
CA LEU C 320 7.83 3.37 27.00
C LEU C 320 7.67 2.92 28.45
N ILE C 321 6.42 2.64 28.83
CA ILE C 321 6.08 2.17 30.18
C ILE C 321 6.59 0.74 30.40
N LEU C 322 6.40 -0.14 29.40
CA LEU C 322 6.86 -1.54 29.50
C LEU C 322 8.39 -1.61 29.54
N ILE C 323 9.06 -0.67 28.88
CA ILE C 323 10.51 -0.63 28.93
C ILE C 323 10.90 -0.30 30.36
N GLY C 324 10.21 0.66 30.98
CA GLY C 324 10.50 1.03 32.35
C GLY C 324 10.20 -0.06 33.37
N GLU C 325 9.11 -0.78 33.16
CA GLU C 325 8.70 -1.88 34.03
C GLU C 325 9.79 -2.98 33.93
N THR C 326 10.21 -3.28 32.71
CA THR C 326 11.23 -4.28 32.50
C THR C 326 12.54 -3.94 33.25
N ILE C 327 12.97 -2.69 33.17
CA ILE C 327 14.22 -2.25 33.83
C ILE C 327 14.06 -2.34 35.36
N LYS C 328 12.84 -2.09 35.82
CA LYS C 328 12.51 -2.11 37.25
C LYS C 328 12.59 -3.53 37.82
N ILE C 329 11.90 -4.45 37.14
CA ILE C 329 11.84 -5.87 37.50
C ILE C 329 13.22 -6.53 37.38
N VAL C 330 13.93 -6.24 36.32
CA VAL C 330 15.24 -6.82 36.14
C VAL C 330 16.17 -6.41 37.28
N ILE C 331 16.01 -5.20 37.80
CA ILE C 331 16.91 -4.74 38.88
C ILE C 331 16.46 -5.05 40.33
N GLU C 332 15.15 -5.12 40.53
CA GLU C 332 14.66 -5.36 41.87
C GLU C 332 14.14 -6.77 42.18
N ASP C 333 13.95 -7.57 41.14
CA ASP C 333 13.48 -8.94 41.30
C ASP C 333 14.58 -9.87 40.83
N TYR C 334 14.74 -9.90 39.52
CA TYR C 334 15.71 -10.73 38.84
C TYR C 334 17.13 -10.65 39.43
N VAL C 335 17.78 -9.50 39.33
CA VAL C 335 19.13 -9.38 39.85
C VAL C 335 19.12 -9.53 41.36
N GLN C 336 18.05 -9.05 41.99
CA GLN C 336 17.94 -9.14 43.43
C GLN C 336 18.14 -10.59 43.90
N HIS C 337 17.47 -11.50 43.22
CA HIS C 337 17.54 -12.91 43.53
C HIS C 337 18.91 -13.44 43.15
N LEU C 338 19.34 -13.11 41.94
CA LEU C 338 20.61 -13.55 41.39
C LEU C 338 21.82 -13.24 42.26
N SER C 339 21.92 -11.99 42.70
CA SER C 339 23.03 -11.52 43.53
C SER C 339 23.09 -12.15 44.94
N GLY C 340 21.93 -12.43 45.52
CA GLY C 340 21.90 -13.02 46.86
C GLY C 340 22.17 -11.97 47.92
N TYR C 341 22.20 -10.71 47.50
CA TYR C 341 22.47 -9.61 48.40
C TYR C 341 21.32 -9.47 49.39
N HIS C 342 21.65 -8.98 50.58
CA HIS C 342 20.66 -8.73 51.63
C HIS C 342 20.28 -7.26 51.48
N PHE C 343 21.09 -6.54 50.72
CA PHE C 343 20.85 -5.14 50.44
C PHE C 343 19.78 -5.13 49.35
N LYS C 344 18.76 -4.31 49.56
CA LYS C 344 17.64 -4.19 48.63
C LYS C 344 17.98 -3.24 47.48
N LEU C 345 18.18 -3.82 46.30
CA LEU C 345 18.50 -3.06 45.11
C LEU C 345 17.38 -2.10 44.80
N LYS C 346 17.74 -0.98 44.17
CA LYS C 346 16.76 0.04 43.80
C LYS C 346 16.93 0.57 42.38
N PHE C 347 15.82 0.62 41.64
CA PHE C 347 15.83 1.15 40.28
C PHE C 347 15.36 2.58 40.44
N ASP C 348 16.31 3.50 40.37
CA ASP C 348 16.07 4.93 40.52
C ASP C 348 17.06 5.70 39.64
N PRO C 349 16.68 6.01 38.38
CA PRO C 349 17.59 6.75 37.49
C PRO C 349 18.15 8.06 38.07
N GLU C 350 17.48 8.61 39.07
CA GLU C 350 17.91 9.87 39.68
C GLU C 350 19.23 9.79 40.44
N LEU C 351 19.58 8.59 40.91
CA LEU C 351 20.82 8.37 41.67
C LEU C 351 22.05 8.67 40.83
N LEU C 352 21.89 8.69 39.50
CA LEU C 352 22.99 8.95 38.60
C LEU C 352 23.01 10.37 38.05
N PHE C 353 21.98 11.14 38.39
CA PHE C 353 21.81 12.52 37.93
C PHE C 353 22.90 13.50 38.30
N ASN C 354 23.60 13.24 39.39
CA ASN C 354 24.68 14.14 39.80
C ASN C 354 25.99 13.42 39.60
N GLN C 355 25.96 12.41 38.73
CA GLN C 355 27.13 11.59 38.44
C GLN C 355 27.54 11.71 37.00
N GLN C 356 28.75 11.26 36.68
CA GLN C 356 29.24 11.30 35.31
C GLN C 356 28.86 9.94 34.73
N PHE C 357 27.92 9.92 33.79
CA PHE C 357 27.47 8.64 33.24
C PHE C 357 27.01 8.80 31.79
N GLN C 358 27.40 7.86 30.93
CA GLN C 358 27.02 7.90 29.52
C GLN C 358 25.72 7.16 29.30
N TYR C 359 24.70 7.89 28.85
CA TYR C 359 23.39 7.29 28.60
C TYR C 359 23.38 6.64 27.24
N GLN C 360 24.23 5.63 27.09
CA GLN C 360 24.32 4.90 25.85
C GLN C 360 24.89 3.50 26.09
N ASN C 361 24.77 2.61 25.10
CA ASN C 361 25.26 1.26 25.25
C ASN C 361 25.56 0.55 23.93
N ARG C 362 26.38 -0.48 24.04
CA ARG C 362 26.79 -1.30 22.91
C ARG C 362 26.99 -2.71 23.48
N ILE C 363 26.08 -3.62 23.12
CA ILE C 363 26.11 -5.00 23.59
C ILE C 363 27.46 -5.64 23.27
N ALA C 364 28.10 -6.17 24.31
CA ALA C 364 29.42 -6.80 24.20
C ALA C 364 29.33 -8.25 23.78
N SER C 365 30.35 -8.75 23.07
CA SER C 365 30.34 -10.14 22.68
C SER C 365 30.57 -10.99 23.92
N GLU C 366 31.50 -10.60 24.76
CA GLU C 366 31.79 -11.35 25.97
C GLU C 366 30.56 -11.46 26.88
N PHE C 367 29.75 -10.41 26.92
CA PHE C 367 28.56 -10.45 27.75
C PHE C 367 27.68 -11.58 27.20
N ASN C 368 27.52 -11.60 25.89
CA ASN C 368 26.73 -12.61 25.22
C ASN C 368 27.27 -14.00 25.54
N THR C 369 28.59 -14.17 25.49
CA THR C 369 29.20 -15.47 25.78
C THR C 369 28.97 -15.87 27.25
N LEU C 370 29.18 -14.94 28.18
CA LEU C 370 29.00 -15.25 29.60
C LEU C 370 27.53 -15.54 29.98
N TYR C 371 26.60 -15.30 29.05
CA TYR C 371 25.17 -15.50 29.34
C TYR C 371 24.56 -16.80 28.85
N HIS C 372 25.37 -17.65 28.23
CA HIS C 372 24.89 -18.94 27.75
C HIS C 372 24.72 -19.80 29.00
N TRP C 373 23.60 -19.57 29.68
CA TRP C 373 23.24 -20.26 30.90
C TRP C 373 22.45 -21.55 30.69
N HIS C 374 22.85 -22.36 29.72
CA HIS C 374 22.19 -23.64 29.43
C HIS C 374 22.20 -24.64 30.61
N PRO C 375 23.21 -24.56 31.50
CA PRO C 375 23.20 -25.50 32.62
C PRO C 375 21.93 -25.28 33.47
N LEU C 376 21.28 -24.14 33.28
CA LEU C 376 20.05 -23.79 34.02
C LEU C 376 18.92 -24.79 33.78
N LEU C 377 18.75 -25.18 32.53
CA LEU C 377 17.72 -26.13 32.12
C LEU C 377 17.75 -27.47 32.83
N PRO C 378 16.56 -28.03 33.12
CA PRO C 378 16.39 -29.32 33.79
C PRO C 378 16.41 -30.46 32.77
N ASP C 379 16.20 -31.69 33.23
CA ASP C 379 16.22 -32.85 32.36
C ASP C 379 14.87 -33.11 31.72
N THR C 380 13.84 -32.59 32.39
CA THR C 380 12.48 -32.66 31.90
C THR C 380 11.70 -31.41 32.40
N PHE C 381 10.76 -30.94 31.58
CA PHE C 381 9.96 -29.79 31.94
C PHE C 381 8.64 -30.30 32.50
N ASN C 382 8.44 -30.12 33.81
CA ASN C 382 7.25 -30.63 34.48
C ASN C 382 6.16 -29.61 34.70
N ILE C 383 5.14 -29.67 33.85
CA ILE C 383 4.00 -28.77 33.91
C ILE C 383 2.81 -29.59 34.38
N GLU C 384 2.36 -29.33 35.60
CA GLU C 384 1.24 -30.04 36.20
C GLU C 384 1.62 -31.50 36.49
N ASP C 385 0.90 -32.41 35.85
CA ASP C 385 1.12 -33.84 36.03
C ASP C 385 2.25 -34.37 35.17
N GLN C 386 2.44 -33.74 34.01
CA GLN C 386 3.46 -34.15 33.05
C GLN C 386 4.92 -33.94 33.43
N GLU C 387 5.77 -34.42 32.53
CA GLU C 387 7.22 -34.34 32.62
C GLU C 387 7.67 -34.49 31.16
N TYR C 388 7.85 -33.37 30.49
CA TYR C 388 8.23 -33.38 29.08
C TYR C 388 9.72 -33.41 28.82
N SER C 389 10.11 -34.21 27.86
CA SER C 389 11.51 -34.31 27.48
C SER C 389 11.77 -33.13 26.58
N PHE C 390 13.04 -32.87 26.28
CA PHE C 390 13.39 -31.76 25.39
C PHE C 390 12.66 -31.96 24.06
N LYS C 391 12.82 -33.15 23.51
CA LYS C 391 12.20 -33.52 22.24
C LYS C 391 10.72 -33.12 22.17
N GLN C 392 9.97 -33.36 23.26
CA GLN C 392 8.54 -33.04 23.29
C GLN C 392 8.26 -31.59 23.59
N PHE C 393 9.16 -30.92 24.31
CA PHE C 393 8.95 -29.52 24.69
C PHE C 393 9.21 -28.52 23.57
N LEU C 394 10.26 -28.75 22.79
CA LEU C 394 10.64 -27.85 21.71
C LEU C 394 9.53 -27.62 20.69
N TYR C 395 9.40 -26.37 20.27
CA TYR C 395 8.38 -25.93 19.31
C TYR C 395 7.02 -26.57 19.53
N ASN C 396 6.61 -26.71 20.78
CA ASN C 396 5.32 -27.31 21.03
C ASN C 396 4.43 -26.40 21.82
N ASN C 397 3.67 -25.58 21.12
CA ASN C 397 2.78 -24.62 21.79
C ASN C 397 1.43 -25.22 22.18
N SER C 398 1.20 -26.47 21.82
CA SER C 398 -0.04 -27.13 22.18
C SER C 398 0.02 -27.32 23.69
N ILE C 399 1.22 -27.55 24.19
CA ILE C 399 1.44 -27.73 25.62
C ILE C 399 0.95 -26.50 26.35
N LEU C 400 1.34 -25.33 25.85
CA LEU C 400 0.93 -24.07 26.47
C LEU C 400 -0.59 -23.98 26.42
N LEU C 401 -1.16 -24.13 25.23
CA LEU C 401 -2.61 -24.08 25.05
C LEU C 401 -3.30 -25.14 25.88
N GLU C 402 -2.55 -26.18 26.22
CA GLU C 402 -3.06 -27.31 26.99
C GLU C 402 -3.33 -26.95 28.46
N HIS C 403 -2.26 -26.59 29.15
CA HIS C 403 -2.34 -26.26 30.57
C HIS C 403 -2.69 -24.82 30.87
N GLY C 404 -2.35 -23.90 29.96
CA GLY C 404 -2.66 -22.51 30.21
C GLY C 404 -1.58 -21.79 30.97
N LEU C 405 -1.62 -20.46 30.89
CA LEU C 405 -0.63 -19.62 31.54
C LEU C 405 -0.59 -19.79 33.06
N THR C 406 -1.75 -20.00 33.68
CA THR C 406 -1.83 -20.16 35.12
C THR C 406 -1.09 -21.41 35.58
N GLN C 407 -1.28 -22.50 34.83
CA GLN C 407 -0.63 -23.77 35.12
C GLN C 407 0.88 -23.69 34.90
N PHE C 408 1.28 -22.98 33.84
CA PHE C 408 2.70 -22.80 33.51
C PHE C 408 3.39 -22.01 34.61
N VAL C 409 2.77 -20.89 35.01
CA VAL C 409 3.31 -20.05 36.07
C VAL C 409 3.43 -20.84 37.39
N GLU C 410 2.38 -21.58 37.76
CA GLU C 410 2.43 -22.36 38.99
C GLU C 410 3.45 -23.48 38.93
N SER C 411 3.51 -24.17 37.81
CA SER C 411 4.45 -25.29 37.63
C SER C 411 5.89 -24.86 37.53
N PHE C 412 6.15 -23.78 36.79
CA PHE C 412 7.52 -23.31 36.60
C PHE C 412 8.07 -22.58 37.81
N THR C 413 7.17 -22.12 38.68
CA THR C 413 7.54 -21.44 39.92
C THR C 413 7.96 -22.48 40.96
N ARG C 414 7.52 -23.72 40.73
CA ARG C 414 7.82 -24.85 41.61
C ARG C 414 9.04 -25.67 41.19
N GLN C 415 9.36 -25.68 39.90
CA GLN C 415 10.50 -26.46 39.42
C GLN C 415 11.86 -25.80 39.54
N ILE C 416 12.75 -26.41 40.32
CA ILE C 416 14.09 -25.88 40.48
C ILE C 416 14.88 -25.98 39.17
N ALA C 417 15.82 -25.05 38.98
CA ALA C 417 16.65 -25.03 37.79
C ALA C 417 18.07 -25.41 38.19
N GLY C 418 18.87 -25.83 37.21
CA GLY C 418 20.25 -26.23 37.50
C GLY C 418 21.25 -25.15 37.90
N ARG C 419 22.33 -25.59 38.53
CA ARG C 419 23.41 -24.69 38.95
C ARG C 419 24.20 -24.41 37.69
N VAL C 420 24.85 -23.25 37.62
CA VAL C 420 25.63 -22.93 36.44
C VAL C 420 27.16 -23.06 36.61
N ALA C 421 27.70 -22.57 37.72
CA ALA C 421 29.13 -22.62 37.96
C ALA C 421 29.74 -23.86 38.64
N GLY C 422 28.93 -24.81 39.06
CA GLY C 422 29.51 -25.98 39.71
C GLY C 422 30.43 -26.85 38.86
N GLY C 423 30.09 -26.98 37.59
CA GLY C 423 30.87 -27.81 36.68
C GLY C 423 29.93 -28.91 36.19
N ARG C 424 30.33 -29.61 35.14
CA ARG C 424 29.54 -30.71 34.56
C ARG C 424 28.01 -30.69 34.78
N ASN C 425 27.33 -29.66 34.31
CA ASN C 425 25.88 -29.60 34.46
C ASN C 425 25.16 -29.12 33.22
N VAL C 426 25.81 -29.24 32.07
CA VAL C 426 25.17 -28.84 30.82
C VAL C 426 24.33 -30.02 30.33
N PRO C 427 23.02 -29.81 30.16
CA PRO C 427 22.14 -30.90 29.69
C PRO C 427 22.65 -31.46 28.37
N ILE C 428 22.72 -32.78 28.26
CA ILE C 428 23.19 -33.42 27.03
C ILE C 428 22.32 -33.14 25.80
N ALA C 429 21.06 -32.80 26.05
CA ALA C 429 20.10 -32.52 24.99
C ALA C 429 20.45 -31.22 24.29
N VAL C 430 21.39 -30.47 24.88
CA VAL C 430 21.80 -29.17 24.34
C VAL C 430 23.34 -29.07 24.19
N GLN C 431 24.01 -30.20 24.02
CA GLN C 431 25.47 -30.17 23.93
C GLN C 431 26.04 -29.51 22.68
N ALA C 432 25.30 -29.48 21.60
CA ALA C 432 25.79 -28.82 20.40
C ALA C 432 26.00 -27.32 20.71
N VAL C 433 25.02 -26.73 21.38
CA VAL C 433 25.03 -25.32 21.75
C VAL C 433 26.32 -24.99 22.55
N ALA C 434 26.67 -25.87 23.49
CA ALA C 434 27.85 -25.69 24.33
C ALA C 434 29.16 -25.81 23.55
N LYS C 435 29.20 -26.79 22.65
CA LYS C 435 30.40 -27.00 21.82
C LYS C 435 30.66 -25.74 21.00
N ALA C 436 29.61 -25.25 20.34
CA ALA C 436 29.69 -24.04 19.54
C ALA C 436 30.11 -22.83 20.39
N SER C 437 29.61 -22.73 21.62
CA SER C 437 30.01 -21.59 22.43
C SER C 437 31.52 -21.61 22.46
N ILE C 438 32.08 -22.79 22.72
CA ILE C 438 33.54 -22.93 22.78
C ILE C 438 34.24 -22.55 21.47
N ASP C 439 33.75 -23.15 20.37
CA ASP C 439 34.30 -22.94 19.05
C ASP C 439 34.22 -21.51 18.57
N GLN C 440 33.02 -20.94 18.57
CA GLN C 440 32.84 -19.56 18.14
C GLN C 440 33.73 -18.60 18.91
N SER C 441 33.92 -18.84 20.20
CA SER C 441 34.76 -17.97 21.04
C SER C 441 36.19 -18.00 20.53
N ARG C 442 36.62 -19.16 20.04
CA ARG C 442 37.95 -19.34 19.51
C ARG C 442 38.01 -18.68 18.14
N GLU C 443 36.87 -18.78 17.45
CA GLU C 443 36.68 -18.23 16.12
C GLU C 443 36.85 -16.69 16.17
N MET C 444 36.29 -16.07 17.20
CA MET C 444 36.38 -14.64 17.35
C MET C 444 37.66 -14.23 18.07
N LYS C 445 38.64 -15.13 18.04
CA LYS C 445 39.93 -14.88 18.67
C LYS C 445 39.89 -14.29 20.09
N TYR C 446 39.09 -14.88 20.97
CA TYR C 446 39.00 -14.42 22.35
C TYR C 446 40.33 -14.55 23.06
N GLN C 447 40.50 -13.77 24.12
CA GLN C 447 41.73 -13.80 24.91
C GLN C 447 41.49 -14.74 26.09
N SER C 448 42.56 -15.19 26.74
CA SER C 448 42.46 -16.13 27.85
C SER C 448 41.63 -15.65 29.04
N LEU C 449 41.22 -16.60 29.88
CA LEU C 449 40.41 -16.28 31.03
C LEU C 449 41.11 -15.38 32.02
N ASN C 450 42.43 -15.43 32.06
CA ASN C 450 43.13 -14.58 33.02
C ASN C 450 43.32 -13.19 32.48
N GLU C 451 43.26 -13.07 31.15
CA GLU C 451 43.37 -11.80 30.45
C GLU C 451 42.10 -11.03 30.80
N TYR C 452 40.94 -11.69 30.70
CA TYR C 452 39.66 -11.07 31.02
C TYR C 452 39.52 -10.83 32.54
N ARG C 453 40.12 -11.69 33.36
CA ARG C 453 40.06 -11.52 34.81
C ARG C 453 40.83 -10.26 35.15
N LYS C 454 42.04 -10.13 34.58
CA LYS C 454 42.90 -8.96 34.81
C LYS C 454 42.21 -7.70 34.36
N ARG C 455 41.56 -7.78 33.20
CA ARG C 455 40.85 -6.66 32.61
C ARG C 455 39.70 -6.19 33.51
N PHE C 456 39.08 -7.12 34.23
CA PHE C 456 37.99 -6.73 35.11
C PHE C 456 38.38 -6.56 36.58
N SER C 457 39.66 -6.24 36.81
CA SER C 457 40.21 -5.99 38.14
C SER C 457 40.20 -7.20 39.07
N LEU C 458 40.44 -8.37 38.49
CA LEU C 458 40.45 -9.60 39.27
C LEU C 458 41.86 -10.15 39.20
N LYS C 459 42.23 -10.96 40.19
CA LYS C 459 43.56 -11.55 40.25
C LYS C 459 43.57 -12.84 39.44
N PRO C 460 44.53 -12.97 38.53
CA PRO C 460 44.56 -14.19 37.73
C PRO C 460 44.74 -15.47 38.56
N TYR C 461 44.09 -16.54 38.11
CA TYR C 461 44.18 -17.84 38.77
C TYR C 461 45.56 -18.42 38.50
N THR C 462 46.18 -18.94 39.55
CA THR C 462 47.51 -19.50 39.46
C THR C 462 47.55 -21.00 39.17
N SER C 463 46.42 -21.68 39.30
CA SER C 463 46.31 -23.13 39.04
C SER C 463 44.88 -23.50 38.67
N PHE C 464 44.70 -24.67 38.05
CA PHE C 464 43.36 -25.10 37.67
C PHE C 464 42.56 -25.48 38.89
N GLU C 465 43.26 -25.76 39.98
CA GLU C 465 42.62 -26.16 41.22
C GLU C 465 42.04 -24.96 41.92
N GLU C 466 42.65 -23.80 41.69
CA GLU C 466 42.19 -22.56 42.31
C GLU C 466 40.96 -22.08 41.56
N LEU C 467 40.95 -22.37 40.26
CA LEU C 467 39.85 -22.00 39.40
C LEU C 467 38.60 -22.83 39.76
N THR C 468 38.75 -24.15 39.81
CA THR C 468 37.63 -25.05 40.13
C THR C 468 37.33 -25.26 41.61
N GLY C 469 38.36 -25.16 42.45
CA GLY C 469 38.17 -25.35 43.87
C GLY C 469 38.13 -26.83 44.28
N GLU C 470 38.40 -27.70 43.32
CA GLU C 470 38.41 -29.12 43.59
C GLU C 470 39.65 -29.76 42.94
N LYS C 471 39.67 -31.09 42.78
CA LYS C 471 40.85 -31.75 42.23
C LYS C 471 40.67 -32.54 40.95
N GLU C 472 39.50 -33.15 40.77
CA GLU C 472 39.25 -33.96 39.58
C GLU C 472 39.15 -33.20 38.25
N MET C 473 38.22 -32.24 38.17
CA MET C 473 38.04 -31.44 36.97
C MET C 473 39.32 -30.64 36.69
N ALA C 474 39.98 -30.21 37.76
CA ALA C 474 41.22 -29.43 37.65
C ALA C 474 42.27 -30.27 36.95
N ALA C 475 42.37 -31.51 37.37
CA ALA C 475 43.31 -32.47 36.79
C ALA C 475 42.99 -32.65 35.31
N GLU C 476 41.70 -32.78 35.03
CA GLU C 476 41.22 -32.97 33.67
C GLU C 476 41.60 -31.80 32.80
N LEU C 477 41.38 -30.60 33.32
CA LEU C 477 41.67 -29.38 32.59
C LEU C 477 43.16 -29.19 32.42
N LYS C 478 43.91 -29.44 33.50
CA LYS C 478 45.36 -29.29 33.46
C LYS C 478 45.98 -30.21 32.41
N ALA C 479 45.38 -31.39 32.22
CA ALA C 479 45.88 -32.35 31.25
C ALA C 479 45.55 -31.88 29.82
N LEU C 480 44.49 -31.07 29.70
CA LEU C 480 44.04 -30.58 28.40
C LEU C 480 44.74 -29.29 27.99
N TYR C 481 44.76 -28.31 28.88
CA TYR C 481 45.36 -27.01 28.59
C TYR C 481 46.83 -26.85 28.97
N SER C 482 47.25 -27.47 30.08
CA SER C 482 48.63 -27.40 30.57
C SER C 482 48.89 -26.14 31.38
N ASP C 483 48.68 -24.98 30.75
CA ASP C 483 48.88 -23.68 31.39
C ASP C 483 47.53 -23.13 31.84
N ILE C 484 47.47 -22.55 33.04
CA ILE C 484 46.22 -21.96 33.52
C ILE C 484 46.05 -20.64 32.74
N ASP C 485 47.19 -20.09 32.30
CA ASP C 485 47.21 -18.84 31.53
C ASP C 485 46.77 -19.06 30.08
N VAL C 486 46.31 -20.27 29.76
CA VAL C 486 45.85 -20.60 28.41
C VAL C 486 44.38 -20.99 28.48
N MET C 487 43.92 -21.13 29.72
CA MET C 487 42.55 -21.51 29.99
C MET C 487 41.60 -20.56 29.28
N GLU C 488 40.55 -21.12 28.71
CA GLU C 488 39.58 -20.31 28.02
C GLU C 488 38.49 -19.82 28.93
N LEU C 489 38.04 -18.59 28.65
CA LEU C 489 36.98 -17.95 29.40
C LEU C 489 35.66 -18.73 29.52
N TYR C 490 34.95 -18.93 28.41
CA TYR C 490 33.67 -19.63 28.45
C TYR C 490 33.60 -20.88 29.31
N PRO C 491 34.42 -21.92 29.01
CA PRO C 491 34.38 -23.14 29.83
C PRO C 491 34.65 -22.77 31.28
N ALA C 492 35.72 -22.02 31.50
CA ALA C 492 36.13 -21.61 32.82
C ALA C 492 34.95 -21.09 33.64
N LEU C 493 34.03 -20.40 32.99
CA LEU C 493 32.88 -19.84 33.71
C LEU C 493 31.92 -20.90 34.26
N LEU C 494 31.70 -21.95 33.47
CA LEU C 494 30.83 -23.06 33.83
C LEU C 494 31.46 -24.05 34.82
N VAL C 495 32.78 -23.99 34.96
CA VAL C 495 33.53 -24.90 35.79
C VAL C 495 34.11 -24.24 37.04
N GLU C 496 34.03 -22.92 37.09
CA GLU C 496 34.56 -22.12 38.20
C GLU C 496 33.98 -22.47 39.57
N LYS C 497 34.81 -22.37 40.60
CA LYS C 497 34.35 -22.68 41.94
C LYS C 497 33.25 -21.72 42.32
N PRO C 498 32.03 -22.23 42.50
CA PRO C 498 30.89 -21.37 42.88
C PRO C 498 31.16 -20.65 44.19
N ARG C 499 30.47 -19.53 44.39
CA ARG C 499 30.63 -18.80 45.65
C ARG C 499 29.83 -19.69 46.60
N PRO C 500 30.01 -19.51 47.92
CA PRO C 500 29.29 -20.33 48.91
C PRO C 500 27.77 -20.43 48.71
N ASP C 501 27.32 -21.60 48.24
CA ASP C 501 25.90 -21.88 48.00
C ASP C 501 25.32 -20.97 46.93
N ALA C 502 26.19 -20.45 46.08
CA ALA C 502 25.82 -19.56 45.01
C ALA C 502 25.75 -20.33 43.70
N ILE C 503 25.07 -19.76 42.72
CA ILE C 503 24.92 -20.37 41.41
C ILE C 503 26.07 -20.05 40.46
N PHE C 504 26.75 -18.92 40.71
CA PHE C 504 27.87 -18.43 39.90
C PHE C 504 29.19 -18.29 40.64
N GLY C 505 30.24 -18.10 39.85
CA GLY C 505 31.55 -17.86 40.40
C GLY C 505 31.80 -16.36 40.37
N GLU C 506 32.95 -15.93 40.88
CA GLU C 506 33.31 -14.51 40.93
C GLU C 506 33.50 -13.87 39.52
N THR C 507 34.09 -14.62 38.59
CA THR C 507 34.30 -14.12 37.22
C THR C 507 32.98 -13.81 36.53
N MET C 508 32.01 -14.70 36.70
CA MET C 508 30.69 -14.53 36.10
C MET C 508 30.02 -13.26 36.59
N VAL C 509 30.04 -13.06 37.90
CA VAL C 509 29.42 -11.89 38.50
C VAL C 509 30.18 -10.61 38.23
N GLU C 510 31.50 -10.71 38.21
CA GLU C 510 32.37 -9.57 38.01
C GLU C 510 32.40 -9.06 36.58
N LEU C 511 32.12 -9.92 35.62
CA LEU C 511 32.11 -9.50 34.20
C LEU C 511 30.71 -9.04 33.80
N GLY C 512 29.72 -9.81 34.24
CA GLY C 512 28.34 -9.51 33.90
C GLY C 512 27.66 -8.29 34.51
N ALA C 513 28.01 -7.95 35.74
CA ALA C 513 27.42 -6.80 36.41
C ALA C 513 27.70 -5.49 35.64
N PRO C 514 28.97 -5.24 35.26
CA PRO C 514 29.27 -3.99 34.53
C PRO C 514 28.49 -3.83 33.21
N PHE C 515 28.58 -4.86 32.37
CA PHE C 515 27.89 -4.90 31.09
C PHE C 515 26.39 -4.77 31.30
N SER C 516 25.90 -5.39 32.37
CA SER C 516 24.49 -5.39 32.72
C SER C 516 23.91 -4.05 33.10
N LEU C 517 24.44 -3.42 34.14
CA LEU C 517 23.94 -2.13 34.58
C LEU C 517 24.17 -1.06 33.51
N LYS C 518 25.27 -1.17 32.79
CA LYS C 518 25.54 -0.20 31.74
C LYS C 518 24.35 -0.17 30.78
N GLY C 519 23.87 -1.33 30.35
CA GLY C 519 22.76 -1.34 29.42
C GLY C 519 21.39 -1.09 30.02
N LEU C 520 21.26 -1.30 31.31
CA LEU C 520 20.01 -1.10 32.04
C LEU C 520 19.87 0.37 32.38
N MET C 521 20.94 0.93 32.93
CA MET C 521 20.96 2.34 33.32
C MET C 521 21.28 3.21 32.10
N GLY C 522 21.95 2.61 31.12
CA GLY C 522 22.33 3.34 29.93
C GLY C 522 21.15 3.71 29.05
N ASN C 523 19.99 3.11 29.29
CA ASN C 523 18.80 3.39 28.49
C ASN C 523 18.33 4.86 28.55
N PRO C 524 17.94 5.42 27.40
CA PRO C 524 17.48 6.81 27.33
C PRO C 524 16.40 7.18 28.33
N ILE C 525 15.43 6.30 28.57
CA ILE C 525 14.33 6.62 29.50
C ILE C 525 14.82 6.94 30.91
N CYS C 526 16.09 6.64 31.19
CA CYS C 526 16.66 6.90 32.50
C CYS C 526 17.37 8.24 32.51
N SER C 527 17.53 8.84 31.33
CA SER C 527 18.19 10.15 31.24
C SER C 527 17.25 11.17 31.86
N PRO C 528 17.80 12.30 32.32
CA PRO C 528 17.00 13.36 32.94
C PRO C 528 15.83 13.87 32.09
N GLN C 529 16.08 14.16 30.81
CA GLN C 529 15.00 14.64 29.96
C GLN C 529 13.86 13.63 29.85
N TYR C 530 14.16 12.36 30.11
CA TYR C 530 13.12 11.34 29.97
C TYR C 530 12.45 10.94 31.26
N TRP C 531 13.21 10.92 32.36
CA TRP C 531 12.68 10.50 33.65
C TRP C 531 11.76 11.50 34.32
N LYS C 532 10.50 11.50 33.89
CA LYS C 532 9.49 12.38 34.45
C LYS C 532 8.12 11.86 34.01
N PRO C 533 7.08 12.16 34.80
CA PRO C 533 5.72 11.72 34.54
C PRO C 533 5.18 11.89 33.10
N SER C 534 5.35 13.07 32.56
CA SER C 534 4.85 13.36 31.24
C SER C 534 5.28 12.36 30.21
N THR C 535 6.50 11.83 30.36
CA THR C 535 7.00 10.86 29.36
C THR C 535 6.21 9.59 29.34
N PHE C 536 5.58 9.27 30.46
CA PHE C 536 4.81 8.05 30.59
C PHE C 536 3.31 8.28 30.72
N GLY C 537 2.86 9.39 30.14
CA GLY C 537 1.45 9.76 30.18
C GLY C 537 0.98 10.29 31.53
N GLY C 538 1.89 10.81 32.35
CA GLY C 538 1.48 11.32 33.63
C GLY C 538 1.90 10.49 34.83
N GLU C 539 1.41 10.87 36.01
CA GLU C 539 1.76 10.18 37.24
C GLU C 539 1.16 8.78 37.32
N VAL C 540 0.12 8.51 36.53
CA VAL C 540 -0.51 7.20 36.52
C VAL C 540 0.42 6.20 35.79
N GLY C 541 0.96 6.62 34.64
CA GLY C 541 1.87 5.78 33.88
C GLY C 541 3.21 5.63 34.60
N PHE C 542 3.70 6.74 35.16
CA PHE C 542 4.94 6.71 35.91
C PHE C 542 4.84 5.68 37.06
N LYS C 543 3.70 5.68 37.76
CA LYS C 543 3.47 4.75 38.86
C LYS C 543 3.52 3.29 38.44
N ILE C 544 2.96 2.98 37.27
CA ILE C 544 2.98 1.60 36.77
C ILE C 544 4.40 1.06 36.81
N ILE C 545 5.34 1.90 36.36
CA ILE C 545 6.75 1.57 36.33
C ILE C 545 7.35 1.46 37.71
N ASN C 546 7.16 2.51 38.49
CA ASN C 546 7.75 2.56 39.82
C ASN C 546 7.24 1.56 40.83
N THR C 547 6.16 0.85 40.47
CA THR C 547 5.59 -0.16 41.36
C THR C 547 5.54 -1.53 40.68
N ALA C 548 6.29 -1.72 39.60
CA ALA C 548 6.29 -2.99 38.90
C ALA C 548 7.10 -4.03 39.68
N SER C 549 6.78 -5.31 39.45
CA SER C 549 7.43 -6.44 40.10
C SER C 549 7.08 -7.68 39.29
N ILE C 550 7.89 -8.73 39.37
CA ILE C 550 7.58 -9.92 38.61
C ILE C 550 6.23 -10.49 39.01
N GLN C 551 5.87 -10.32 40.28
CA GLN C 551 4.60 -10.82 40.78
C GLN C 551 3.41 -10.05 40.23
N SER C 552 3.47 -8.71 40.28
CA SER C 552 2.36 -7.91 39.77
C SER C 552 2.18 -8.14 38.27
N LEU C 553 3.27 -8.44 37.57
CA LEU C 553 3.20 -8.70 36.15
C LEU C 553 2.31 -9.93 35.94
N ILE C 554 2.65 -11.02 36.63
CA ILE C 554 1.91 -12.29 36.53
C ILE C 554 0.51 -12.14 37.13
N CYS C 555 0.40 -11.43 38.24
CA CYS C 555 -0.91 -11.25 38.87
C CYS C 555 -1.88 -10.55 37.93
N ASN C 556 -1.52 -9.33 37.52
CA ASN C 556 -2.33 -8.51 36.61
C ASN C 556 -2.71 -9.19 35.30
N ASN C 557 -1.88 -10.14 34.86
CA ASN C 557 -2.12 -10.79 33.59
C ASN C 557 -2.41 -12.27 33.54
N VAL C 558 -2.28 -12.97 34.66
CA VAL C 558 -2.57 -14.39 34.65
C VAL C 558 -3.84 -14.65 35.48
N LYS C 559 -4.74 -15.46 34.92
CA LYS C 559 -6.01 -15.79 35.56
C LYS C 559 -5.75 -16.43 36.89
N GLY C 560 -6.43 -15.95 37.92
CA GLY C 560 -6.24 -16.51 39.24
C GLY C 560 -5.14 -15.79 39.96
N CYS C 561 -4.40 -14.96 39.24
CA CYS C 561 -3.31 -14.21 39.84
C CYS C 561 -2.53 -15.16 40.76
N PRO C 562 -1.91 -16.18 40.16
CA PRO C 562 -1.14 -17.16 40.92
C PRO C 562 0.07 -16.49 41.52
N PHE C 563 0.60 -17.08 42.59
CA PHE C 563 1.78 -16.54 43.20
C PHE C 563 2.99 -16.94 42.35
N THR C 564 4.01 -16.10 42.35
CA THR C 564 5.21 -16.36 41.58
C THR C 564 6.39 -15.70 42.27
N SER C 565 7.57 -16.06 41.82
CA SER C 565 8.82 -15.56 42.38
C SER C 565 9.93 -16.20 41.55
N PHE C 566 11.17 -15.77 41.74
CA PHE C 566 12.29 -16.32 40.98
C PHE C 566 13.02 -17.45 41.68
N ASN C 567 12.54 -17.87 42.85
CA ASN C 567 13.19 -18.96 43.55
C ASN C 567 12.11 -19.87 44.10
N VAL C 568 12.39 -21.18 44.07
CA VAL C 568 11.42 -22.11 44.58
C VAL C 568 11.16 -21.81 46.04
N GLN C 569 9.95 -21.28 46.28
CA GLN C 569 9.49 -20.89 47.60
C GLN C 569 10.04 -21.84 48.65
N ALA D 18 -7.76 21.67 18.45
CA ALA D 18 -8.48 21.04 19.60
C ALA D 18 -7.49 20.74 20.71
N ASN D 19 -6.23 20.60 20.30
CA ASN D 19 -5.14 20.30 21.22
C ASN D 19 -4.88 21.45 22.15
N PRO D 20 -5.27 21.30 23.43
CA PRO D 20 -5.09 22.30 24.48
C PRO D 20 -3.63 22.72 24.65
N CYS D 21 -2.71 21.93 24.14
CA CYS D 21 -1.30 22.27 24.27
C CYS D 21 -0.89 23.03 23.03
N CYS D 22 -1.88 23.37 22.20
CA CYS D 22 -1.67 24.10 20.93
C CYS D 22 -1.08 25.49 21.14
N SER D 23 -1.49 26.14 22.22
CA SER D 23 -1.05 27.50 22.53
C SER D 23 0.35 27.62 23.15
N ASN D 24 1.03 26.48 23.32
CA ASN D 24 2.38 26.42 23.92
C ASN D 24 2.39 27.01 25.30
N PRO D 25 1.47 26.54 26.16
CA PRO D 25 1.28 26.98 27.55
C PRO D 25 2.47 26.93 28.51
N CYS D 26 3.23 25.83 28.48
CA CYS D 26 4.35 25.67 29.40
C CYS D 26 5.54 26.52 29.11
N GLN D 27 6.06 27.17 30.15
CA GLN D 27 7.23 28.03 30.02
C GLN D 27 8.44 27.33 30.63
N ASN D 28 9.62 27.87 30.31
CA ASN D 28 10.88 27.39 30.84
C ASN D 28 11.28 25.93 30.64
N ARG D 29 10.83 25.37 29.52
CA ARG D 29 11.13 24.00 29.16
C ARG D 29 10.17 22.98 29.77
N GLY D 30 9.08 23.49 30.31
CA GLY D 30 8.08 22.63 30.91
C GLY D 30 7.46 21.88 29.75
N GLU D 31 7.01 20.65 30.01
CA GLU D 31 6.41 19.84 28.96
C GLU D 31 4.90 19.77 29.14
N CYS D 32 4.16 20.16 28.09
CA CYS D 32 2.71 20.15 28.14
C CYS D 32 2.12 18.79 27.72
N MET D 33 1.16 18.30 28.53
CA MET D 33 0.49 17.04 28.29
C MET D 33 -1.02 17.20 28.36
N SER D 34 -1.71 16.76 27.31
CA SER D 34 -3.17 16.87 27.24
C SER D 34 -3.94 15.95 28.22
N THR D 35 -4.27 16.52 29.37
CA THR D 35 -4.98 15.81 30.41
C THR D 35 -6.52 15.83 30.24
N GLY D 36 -6.99 15.38 29.09
CA GLY D 36 -8.41 15.36 28.82
C GLY D 36 -8.59 16.03 27.48
N PHE D 37 -9.83 16.09 26.99
CA PHE D 37 -10.11 16.71 25.70
C PHE D 37 -9.82 18.19 25.62
N ASP D 38 -10.10 18.94 26.68
CA ASP D 38 -9.85 20.36 26.62
C ASP D 38 -9.14 20.94 27.82
N GLN D 39 -8.24 20.15 28.41
CA GLN D 39 -7.47 20.62 29.55
C GLN D 39 -6.05 20.19 29.28
N TYR D 40 -5.12 20.70 30.07
CA TYR D 40 -3.71 20.33 29.90
C TYR D 40 -3.00 20.41 31.23
N LYS D 41 -1.76 19.95 31.25
CA LYS D 41 -0.95 19.99 32.46
C LYS D 41 0.48 20.18 31.99
N CYS D 42 1.28 20.84 32.81
CA CYS D 42 2.67 21.04 32.43
C CYS D 42 3.55 20.26 33.42
N ASP D 43 4.55 19.56 32.89
CA ASP D 43 5.46 18.80 33.73
C ASP D 43 6.60 19.76 34.03
N CYS D 44 6.66 20.22 35.28
CA CYS D 44 7.68 21.18 35.69
C CYS D 44 8.93 20.51 36.21
N THR D 45 8.98 19.18 36.10
CA THR D 45 10.11 18.40 36.59
C THR D 45 11.49 18.91 36.17
N ARG D 46 12.25 19.33 37.18
CA ARG D 46 13.61 19.81 37.04
C ARG D 46 13.82 21.13 36.33
N THR D 47 12.75 21.88 36.09
CA THR D 47 12.89 23.16 35.41
C THR D 47 13.35 24.33 36.31
N GLY D 48 12.92 24.33 37.56
CA GLY D 48 13.31 25.40 38.47
C GLY D 48 12.10 26.27 38.72
N PHE D 49 11.02 25.94 38.04
CA PHE D 49 9.79 26.67 38.17
C PHE D 49 8.65 25.72 38.52
N TYR D 50 7.61 26.27 39.15
CA TYR D 50 6.42 25.49 39.49
C TYR D 50 5.26 26.37 39.08
N GLY D 51 4.06 25.82 39.08
CA GLY D 51 2.90 26.60 38.69
C GLY D 51 2.24 25.97 37.48
N GLU D 52 0.98 26.30 37.22
CA GLU D 52 0.26 25.74 36.08
C GLU D 52 1.02 25.80 34.74
N ASN D 53 1.85 26.83 34.58
CA ASN D 53 2.62 27.02 33.35
C ASN D 53 4.12 27.08 33.61
N CYS D 54 4.54 26.53 34.74
CA CYS D 54 5.95 26.53 35.14
C CYS D 54 6.57 27.90 34.95
N THR D 55 6.03 28.89 35.65
CA THR D 55 6.56 30.25 35.54
C THR D 55 6.98 30.83 36.89
N THR D 56 6.40 30.33 37.97
CA THR D 56 6.78 30.80 39.30
C THR D 56 8.16 30.21 39.56
N PRO D 57 9.19 31.06 39.80
CA PRO D 57 10.56 30.58 40.04
C PRO D 57 10.80 30.08 41.45
N GLU D 58 11.68 29.10 41.57
CA GLU D 58 12.02 28.59 42.88
C GLU D 58 13.04 29.57 43.39
N PHE D 59 13.20 29.66 44.70
CA PHE D 59 14.14 30.62 45.29
C PHE D 59 15.50 30.68 44.59
N LEU D 60 16.18 29.53 44.50
CA LEU D 60 17.50 29.47 43.88
C LEU D 60 17.44 29.83 42.39
N THR D 61 16.25 29.68 41.80
CA THR D 61 16.04 30.01 40.40
C THR D 61 16.08 31.52 40.25
N ARG D 62 15.62 32.23 41.28
CA ARG D 62 15.62 33.68 41.28
C ARG D 62 17.02 34.26 41.43
N ILE D 63 17.79 33.68 42.37
CA ILE D 63 19.17 34.11 42.60
C ILE D 63 19.93 33.95 41.30
N LYS D 64 19.88 32.73 40.77
CA LYS D 64 20.54 32.40 39.52
C LYS D 64 20.15 33.36 38.41
N LEU D 65 18.85 33.67 38.30
CA LEU D 65 18.35 34.58 37.27
C LEU D 65 18.99 35.97 37.34
N LEU D 66 19.09 36.52 38.54
CA LEU D 66 19.68 37.84 38.75
C LEU D 66 21.16 37.89 38.40
N LEU D 67 21.89 36.90 38.89
CA LEU D 67 23.33 36.82 38.66
C LEU D 67 23.69 36.29 37.27
N LYS D 68 22.74 36.27 36.34
CA LYS D 68 23.03 35.78 35.00
C LYS D 68 23.11 36.92 33.99
N PRO D 69 24.31 37.17 33.47
CA PRO D 69 24.46 38.25 32.49
C PRO D 69 23.87 37.83 31.14
N THR D 70 23.20 38.75 30.46
CA THR D 70 22.58 38.47 29.17
C THR D 70 23.59 38.01 28.09
N PRO D 71 23.08 37.39 26.99
CA PRO D 71 23.92 36.90 25.90
C PRO D 71 24.68 37.99 25.15
N ASN D 72 24.14 39.20 25.16
CA ASN D 72 24.75 40.36 24.49
C ASN D 72 25.75 41.02 25.42
N THR D 73 25.60 40.80 26.72
CA THR D 73 26.52 41.34 27.71
C THR D 73 27.79 40.51 27.58
N VAL D 74 27.62 39.20 27.68
CA VAL D 74 28.71 38.26 27.56
C VAL D 74 29.45 38.53 26.25
N HIS D 75 28.73 38.40 25.14
CA HIS D 75 29.32 38.66 23.83
C HIS D 75 30.22 39.91 23.90
N TYR D 76 29.64 41.04 24.34
CA TYR D 76 30.35 42.31 24.47
C TYR D 76 31.71 42.18 25.14
N ILE D 77 31.75 41.51 26.29
CA ILE D 77 33.00 41.32 27.02
C ILE D 77 34.01 40.47 26.22
N LEU D 78 33.50 39.46 25.53
CA LEU D 78 34.34 38.56 24.75
C LEU D 78 34.94 39.24 23.54
N THR D 79 34.26 40.27 23.04
CA THR D 79 34.74 40.98 21.86
C THR D 79 35.35 42.33 22.18
N HIS D 80 35.44 42.64 23.48
CA HIS D 80 36.03 43.88 23.94
C HIS D 80 37.12 43.61 25.00
N PHE D 81 37.82 44.65 25.41
CA PHE D 81 38.89 44.54 26.40
C PHE D 81 40.02 43.66 25.85
N LYS D 82 40.45 44.01 24.65
CA LYS D 82 41.50 43.29 23.94
C LYS D 82 42.79 43.09 24.72
N GLY D 83 43.20 44.10 25.48
CA GLY D 83 44.41 43.97 26.28
C GLY D 83 44.24 42.80 27.25
N VAL D 84 43.18 42.84 28.05
CA VAL D 84 42.86 41.80 29.03
C VAL D 84 42.88 40.41 28.39
N TRP D 85 42.17 40.29 27.28
CA TRP D 85 42.11 39.03 26.57
C TRP D 85 43.53 38.63 26.21
N ASN D 86 44.37 39.64 26.04
CA ASN D 86 45.74 39.36 25.70
C ASN D 86 46.48 38.76 26.86
N ILE D 87 46.10 39.12 28.07
CA ILE D 87 46.76 38.59 29.24
C ILE D 87 46.28 37.17 29.49
N VAL D 88 44.96 37.04 29.63
CA VAL D 88 44.32 35.75 29.87
C VAL D 88 44.80 34.71 28.87
N ASN D 89 44.73 35.05 27.60
CA ASN D 89 45.13 34.14 26.55
C ASN D 89 46.52 33.62 26.72
N ASN D 90 47.29 34.24 27.62
CA ASN D 90 48.66 33.81 27.84
C ASN D 90 48.92 33.13 29.16
N ILE D 91 47.86 32.96 29.94
CA ILE D 91 47.92 32.28 31.22
C ILE D 91 47.17 30.97 31.00
N PRO D 92 47.92 29.90 30.69
CA PRO D 92 47.40 28.56 30.44
C PRO D 92 46.17 28.14 31.24
N PHE D 93 46.27 28.15 32.56
CA PHE D 93 45.12 27.74 33.36
C PHE D 93 43.95 28.73 33.30
N LEU D 94 44.26 30.01 33.07
CA LEU D 94 43.20 31.00 33.01
C LEU D 94 42.42 30.84 31.70
N ARG D 95 43.14 30.51 30.63
CA ARG D 95 42.52 30.30 29.35
C ARG D 95 41.62 29.08 29.54
N SER D 96 42.23 28.01 30.02
CA SER D 96 41.53 26.75 30.27
C SER D 96 40.29 26.98 31.11
N LEU D 97 40.43 27.81 32.14
CA LEU D 97 39.31 28.10 33.01
C LEU D 97 38.13 28.62 32.20
N ILE D 98 38.41 29.52 31.27
CA ILE D 98 37.37 30.13 30.42
C ILE D 98 36.73 29.14 29.43
N MET D 99 37.50 28.68 28.46
CA MET D 99 37.05 27.75 27.43
C MET D 99 36.20 26.60 27.98
N LYS D 100 36.53 26.18 29.20
CA LYS D 100 35.79 25.11 29.83
C LYS D 100 34.38 25.60 30.09
N TYR D 101 34.27 26.86 30.50
CA TYR D 101 33.00 27.49 30.78
C TYR D 101 32.24 27.71 29.47
N VAL D 102 32.97 28.06 28.41
CA VAL D 102 32.37 28.26 27.10
C VAL D 102 31.78 26.91 26.68
N LEU D 103 32.58 25.86 26.84
CA LEU D 103 32.17 24.49 26.50
C LEU D 103 30.93 24.02 27.26
N THR D 104 30.93 24.17 28.58
CA THR D 104 29.84 23.69 29.41
C THR D 104 28.58 24.55 29.45
N SER D 105 28.73 25.85 29.71
CA SER D 105 27.61 26.80 29.81
C SER D 105 26.64 26.63 28.68
N ARG D 106 27.19 26.29 27.52
CA ARG D 106 26.44 26.08 26.29
C ARG D 106 25.63 24.79 26.30
N SER D 107 26.37 23.67 26.33
CA SER D 107 25.83 22.31 26.29
C SER D 107 24.53 21.98 27.00
N TYR D 108 24.27 22.64 28.13
CA TYR D 108 23.05 22.36 28.88
C TYR D 108 21.76 22.71 28.16
N LEU D 109 21.87 23.43 27.04
CA LEU D 109 20.71 23.84 26.25
C LEU D 109 20.24 22.76 25.27
N ILE D 110 21.01 21.69 25.13
CA ILE D 110 20.67 20.60 24.20
C ILE D 110 20.11 19.39 24.92
N ASP D 111 19.13 18.73 24.31
CA ASP D 111 18.53 17.55 24.91
C ASP D 111 19.38 16.37 24.41
N SER D 112 19.97 15.62 25.32
CA SER D 112 20.81 14.48 24.91
C SER D 112 20.83 13.38 25.96
N PRO D 113 20.32 12.17 25.64
CA PRO D 113 19.72 11.73 24.38
C PRO D 113 18.61 12.62 23.80
N PRO D 114 18.45 12.61 22.46
CA PRO D 114 17.44 13.40 21.75
C PRO D 114 15.99 13.06 22.12
N THR D 115 15.10 14.01 21.84
CA THR D 115 13.69 13.87 22.14
C THR D 115 12.76 13.80 20.92
N TYR D 116 12.25 14.95 20.47
CA TYR D 116 11.30 14.97 19.35
C TYR D 116 11.86 14.99 17.95
N ASN D 117 10.96 14.87 16.98
CA ASN D 117 11.33 14.97 15.57
C ASN D 117 10.11 15.55 14.79
N VAL D 118 10.20 15.67 13.47
CA VAL D 118 9.10 16.23 12.73
C VAL D 118 7.76 15.51 12.92
N HIS D 119 7.79 14.22 13.26
CA HIS D 119 6.55 13.44 13.44
C HIS D 119 6.11 13.21 14.88
N TYR D 120 6.95 13.53 15.85
CA TYR D 120 6.60 13.32 17.23
C TYR D 120 6.80 14.53 18.13
N GLY D 121 5.70 15.00 18.72
CA GLY D 121 5.74 16.11 19.64
C GLY D 121 5.78 15.67 21.10
N TYR D 122 5.83 14.35 21.27
CA TYR D 122 5.90 13.73 22.58
C TYR D 122 7.01 12.69 22.45
N LYS D 123 7.73 12.43 23.54
CA LYS D 123 8.82 11.44 23.50
C LYS D 123 8.28 10.05 23.22
N SER D 124 8.92 9.38 22.28
CA SER D 124 8.57 8.02 21.90
C SER D 124 9.82 7.25 21.54
N TRP D 125 9.72 5.93 21.52
CA TRP D 125 10.90 5.13 21.19
C TRP D 125 11.23 5.31 19.73
N GLU D 126 10.18 5.41 18.92
CA GLU D 126 10.35 5.58 17.49
C GLU D 126 11.19 6.82 17.28
N ALA D 127 10.82 7.88 17.98
CA ALA D 127 11.52 9.14 17.89
C ALA D 127 12.97 8.94 18.30
N PHE D 128 13.19 8.46 19.52
CA PHE D 128 14.54 8.26 19.99
C PHE D 128 15.42 7.26 19.21
N SER D 129 14.82 6.25 18.60
CA SER D 129 15.63 5.24 17.94
C SER D 129 15.86 5.41 16.46
N ASN D 130 14.91 6.01 15.74
CA ASN D 130 15.07 6.18 14.29
C ASN D 130 16.09 7.27 13.92
N LEU D 131 17.24 6.82 13.43
CA LEU D 131 18.34 7.68 13.03
C LEU D 131 18.13 8.41 11.70
N SER D 132 17.07 8.06 10.97
CA SER D 132 16.75 8.66 9.68
C SER D 132 16.19 10.07 9.78
N TYR D 133 15.74 10.45 10.98
CA TYR D 133 15.15 11.75 11.25
C TYR D 133 16.17 12.76 11.77
N TYR D 134 15.90 14.03 11.51
CA TYR D 134 16.72 15.10 12.05
C TYR D 134 15.94 15.25 13.37
N THR D 135 16.64 15.46 14.49
CA THR D 135 15.93 15.64 15.76
C THR D 135 15.33 17.05 15.82
N ARG D 136 14.64 17.39 16.89
CA ARG D 136 14.03 18.71 16.99
C ARG D 136 14.20 19.40 18.36
N ALA D 137 14.67 20.65 18.37
CA ALA D 137 14.85 21.42 19.60
C ALA D 137 13.47 21.75 20.21
N LEU D 138 12.47 21.90 19.36
CA LEU D 138 11.13 22.19 19.83
C LEU D 138 10.18 21.32 19.03
N PRO D 139 9.25 20.67 19.75
CA PRO D 139 8.26 19.78 19.15
C PRO D 139 7.50 20.50 18.07
N PRO D 140 7.15 19.79 17.00
CA PRO D 140 6.41 20.49 15.95
C PRO D 140 5.04 20.92 16.49
N VAL D 141 4.37 21.83 15.79
CA VAL D 141 3.03 22.26 16.20
C VAL D 141 2.03 21.14 15.81
N ALA D 142 1.14 20.80 16.73
CA ALA D 142 0.15 19.76 16.46
C ALA D 142 -0.54 20.02 15.12
N ASP D 143 -0.94 18.95 14.45
CA ASP D 143 -1.60 19.08 13.15
C ASP D 143 -3.01 19.62 13.30
N ASP D 144 -3.62 19.37 14.45
CA ASP D 144 -4.98 19.83 14.64
C ASP D 144 -5.07 21.20 15.32
N CYS D 145 -3.96 21.95 15.27
CA CYS D 145 -3.95 23.28 15.84
C CYS D 145 -4.70 24.21 14.88
N PRO D 146 -5.34 25.27 15.41
CA PRO D 146 -6.10 26.22 14.60
C PRO D 146 -5.28 27.09 13.63
N THR D 147 -4.06 27.44 14.01
CA THR D 147 -3.21 28.25 13.15
C THR D 147 -1.86 27.58 12.97
N PRO D 148 -1.10 28.02 11.95
CA PRO D 148 0.22 27.47 11.66
C PRO D 148 1.20 27.49 12.83
N MET D 149 1.15 28.54 13.64
CA MET D 149 2.04 28.67 14.79
C MET D 149 1.36 28.34 16.12
N GLY D 150 0.21 27.68 16.05
CA GLY D 150 -0.47 27.33 17.29
C GLY D 150 -1.88 27.89 17.38
N VAL D 151 -2.01 29.04 18.05
CA VAL D 151 -3.31 29.72 18.20
C VAL D 151 -3.25 31.18 17.74
N LYS D 152 -2.06 31.76 17.68
CA LYS D 152 -1.88 33.15 17.26
C LYS D 152 -1.75 33.26 15.75
N GLY D 153 -2.14 34.43 15.23
CA GLY D 153 -2.06 34.67 13.79
C GLY D 153 -3.25 34.20 12.99
N ASN D 154 -3.12 34.23 11.67
CA ASN D 154 -4.21 33.81 10.79
C ASN D 154 -4.06 32.36 10.34
N LYS D 155 -5.12 31.82 9.75
CA LYS D 155 -5.13 30.45 9.27
C LYS D 155 -3.91 30.18 8.41
N GLU D 156 -3.36 31.23 7.83
CA GLU D 156 -2.19 31.07 6.97
C GLU D 156 -1.10 32.11 7.16
N LEU D 157 0.15 31.66 7.11
CA LEU D 157 1.31 32.54 7.23
C LEU D 157 1.35 33.37 5.94
N PRO D 158 2.10 34.48 5.96
CA PRO D 158 2.21 35.34 4.78
C PRO D 158 2.87 34.62 3.63
N ASP D 159 2.54 35.04 2.42
CA ASP D 159 3.13 34.45 1.24
C ASP D 159 4.64 34.41 1.40
N SER D 160 5.22 33.24 1.23
CA SER D 160 6.67 33.08 1.32
C SER D 160 7.38 33.88 0.22
N LYS D 161 6.77 33.95 -0.96
CA LYS D 161 7.33 34.70 -2.08
C LYS D 161 7.38 36.19 -1.74
N GLU D 162 6.36 36.66 -1.04
CA GLU D 162 6.29 38.06 -0.63
C GLU D 162 7.36 38.33 0.41
N VAL D 163 7.54 37.38 1.32
CA VAL D 163 8.54 37.50 2.38
C VAL D 163 9.90 37.50 1.72
N LEU D 164 10.07 36.57 0.81
CA LEU D 164 11.29 36.40 0.05
C LEU D 164 11.67 37.72 -0.63
N GLU D 165 10.76 38.26 -1.43
CA GLU D 165 11.04 39.49 -2.15
C GLU D 165 11.13 40.77 -1.36
N LYS D 166 10.26 40.95 -0.40
CA LYS D 166 10.28 42.18 0.38
C LYS D 166 11.47 42.39 1.34
N VAL D 167 11.96 41.32 1.98
CA VAL D 167 13.06 41.52 2.92
C VAL D 167 14.25 40.59 2.78
N LEU D 168 14.18 39.63 1.87
CA LEU D 168 15.29 38.69 1.74
C LEU D 168 16.18 38.87 0.49
N LEU D 169 15.56 39.05 -0.68
CA LEU D 169 16.32 39.25 -1.93
C LEU D 169 17.26 40.45 -1.85
N ARG D 170 18.47 40.29 -2.36
CA ARG D 170 19.49 41.33 -2.32
C ARG D 170 19.45 42.26 -3.51
N ARG D 171 19.41 43.57 -3.23
CA ARG D 171 19.42 44.59 -4.29
C ARG D 171 20.89 44.95 -4.54
N GLU D 172 21.59 45.30 -3.48
CA GLU D 172 22.99 45.62 -3.62
C GLU D 172 23.75 44.70 -2.70
N PHE D 173 24.91 44.23 -3.15
CA PHE D 173 25.71 43.32 -2.33
C PHE D 173 26.21 43.98 -1.06
N ILE D 174 25.90 43.37 0.07
CA ILE D 174 26.34 43.91 1.36
C ILE D 174 27.50 43.05 1.90
N PRO D 175 28.73 43.58 1.87
CA PRO D 175 29.89 42.81 2.36
C PRO D 175 29.82 42.55 3.84
N ASP D 176 30.54 41.52 4.30
CA ASP D 176 30.53 41.20 5.71
C ASP D 176 31.52 42.09 6.46
N PRO D 177 31.03 42.82 7.48
CA PRO D 177 31.89 43.71 8.26
C PRO D 177 33.06 42.98 8.93
N GLN D 178 32.86 41.68 9.17
CA GLN D 178 33.87 40.82 9.81
C GLN D 178 35.01 40.39 8.89
N GLY D 179 34.89 40.63 7.59
CA GLY D 179 35.97 40.26 6.69
C GLY D 179 35.90 38.86 6.12
N SER D 180 34.83 38.15 6.45
CA SER D 180 34.66 36.80 5.94
C SER D 180 34.92 36.75 4.42
N ASN D 181 35.79 35.85 4.00
CA ASN D 181 36.08 35.72 2.58
C ASN D 181 35.42 34.44 2.06
N MET D 182 35.85 33.99 0.89
CA MET D 182 35.30 32.77 0.28
C MET D 182 35.91 31.46 0.83
N MET D 183 37.12 31.52 1.39
CA MET D 183 37.74 30.33 1.98
C MET D 183 36.85 29.98 3.17
N PHE D 184 36.27 31.01 3.78
CA PHE D 184 35.39 30.79 4.92
C PHE D 184 34.03 30.30 4.49
N ALA D 185 33.43 30.97 3.51
CA ALA D 185 32.10 30.58 3.05
C ALA D 185 32.06 29.17 2.53
N PHE D 186 33.04 28.79 1.72
CA PHE D 186 33.12 27.45 1.14
C PHE D 186 33.56 26.37 2.14
N PHE D 187 34.32 26.78 3.14
CA PHE D 187 34.76 25.86 4.17
C PHE D 187 33.50 25.42 4.93
N ALA D 188 32.73 26.41 5.38
CA ALA D 188 31.48 26.19 6.12
C ALA D 188 30.53 25.33 5.30
N GLN D 189 30.49 25.56 3.99
CA GLN D 189 29.63 24.76 3.12
C GLN D 189 30.12 23.29 3.02
N HIS D 190 31.39 23.13 2.70
CA HIS D 190 32.00 21.82 2.58
C HIS D 190 31.84 21.05 3.88
N PHE D 191 32.17 21.70 4.99
CA PHE D 191 32.10 21.06 6.31
C PHE D 191 30.68 20.72 6.78
N THR D 192 29.79 21.71 6.77
CA THR D 192 28.42 21.49 7.22
C THR D 192 27.72 20.48 6.34
N HIS D 193 28.25 20.21 5.16
CA HIS D 193 27.57 19.28 4.27
C HIS D 193 27.83 17.80 4.48
N GLN D 194 28.48 17.47 5.59
CA GLN D 194 28.72 16.07 5.89
C GLN D 194 27.60 15.65 6.83
N PHE D 195 27.09 16.58 7.64
CA PHE D 195 25.98 16.25 8.52
C PHE D 195 24.61 16.83 8.10
N PHE D 196 24.60 17.70 7.10
CA PHE D 196 23.36 18.29 6.58
C PHE D 196 23.19 17.63 5.23
N LYS D 197 22.47 16.52 5.21
CA LYS D 197 22.25 15.81 3.95
C LYS D 197 20.81 15.36 3.95
N THR D 198 19.91 16.31 3.74
CA THR D 198 18.49 16.01 3.74
C THR D 198 18.14 14.90 2.75
N ASP D 199 17.32 13.96 3.22
CA ASP D 199 16.87 12.86 2.37
C ASP D 199 15.56 13.34 1.74
N HIS D 200 15.69 14.02 0.61
CA HIS D 200 14.55 14.57 -0.08
C HIS D 200 13.52 13.54 -0.55
N LYS D 201 13.93 12.28 -0.64
CA LYS D 201 13.00 11.23 -1.05
C LYS D 201 11.99 11.00 0.08
N ARG D 202 12.42 11.23 1.32
CA ARG D 202 11.56 11.05 2.48
C ARG D 202 10.82 12.32 2.90
N GLY D 203 11.57 13.41 3.03
CA GLY D 203 10.97 14.66 3.43
C GLY D 203 12.05 15.54 4.03
N PRO D 204 11.75 16.80 4.27
CA PRO D 204 12.73 17.72 4.85
C PRO D 204 13.21 17.36 6.26
N GLY D 205 12.34 16.69 7.04
CA GLY D 205 12.73 16.31 8.38
C GLY D 205 13.56 15.04 8.45
N PHE D 206 14.00 14.52 7.30
CA PHE D 206 14.82 13.31 7.21
C PHE D 206 16.24 13.59 6.71
N THR D 207 17.20 12.81 7.24
CA THR D 207 18.61 12.96 6.87
C THR D 207 19.22 11.68 6.34
N ARG D 208 20.33 11.80 5.61
CA ARG D 208 21.02 10.65 5.06
C ARG D 208 22.34 10.50 5.78
N GLY D 209 22.70 11.52 6.55
CA GLY D 209 23.93 11.48 7.33
C GLY D 209 23.65 10.75 8.65
N LEU D 210 23.57 9.42 8.57
CA LEU D 210 23.27 8.60 9.72
C LEU D 210 24.36 8.59 10.77
N GLY D 211 25.40 9.41 10.59
CA GLY D 211 26.47 9.49 11.58
C GLY D 211 26.16 10.63 12.55
N HIS D 212 25.22 11.47 12.13
CA HIS D 212 24.79 12.62 12.90
C HIS D 212 25.95 13.48 13.45
N GLY D 213 27.00 13.66 12.64
CA GLY D 213 28.10 14.48 13.06
C GLY D 213 29.29 14.44 12.13
N VAL D 214 30.40 14.93 12.66
CA VAL D 214 31.68 14.98 11.96
C VAL D 214 32.32 13.59 11.86
N ASP D 215 31.83 12.76 10.95
CA ASP D 215 32.41 11.43 10.77
C ASP D 215 33.22 11.45 9.48
N LEU D 216 33.25 12.62 8.84
CA LEU D 216 33.96 12.85 7.59
C LEU D 216 33.49 11.94 6.49
N ASN D 217 32.20 11.68 6.45
CA ASN D 217 31.69 10.84 5.39
C ASN D 217 31.72 11.57 4.05
N HIS D 218 31.88 12.90 4.08
CA HIS D 218 31.92 13.65 2.83
C HIS D 218 33.25 13.48 2.08
N ILE D 219 34.17 12.76 2.72
CA ILE D 219 35.49 12.46 2.19
C ILE D 219 35.55 10.98 1.86
N TYR D 220 35.16 10.20 2.85
CA TYR D 220 35.19 8.73 2.80
C TYR D 220 33.93 7.99 2.35
N GLY D 221 32.77 8.64 2.40
CA GLY D 221 31.55 7.98 2.00
C GLY D 221 30.77 7.51 3.21
N GLU D 222 29.44 7.48 3.09
CA GLU D 222 28.55 7.04 4.15
C GLU D 222 28.60 5.52 4.23
N THR D 223 28.66 4.87 3.07
CA THR D 223 28.69 3.41 3.06
C THR D 223 30.07 2.80 2.82
N LEU D 224 30.28 1.64 3.43
CA LEU D 224 31.51 0.84 3.32
C LEU D 224 31.72 0.53 1.85
N ASP D 225 30.61 0.35 1.16
CA ASP D 225 30.64 0.05 -0.25
C ASP D 225 31.27 1.20 -1.01
N ARG D 226 30.83 2.43 -0.68
CA ARG D 226 31.34 3.63 -1.34
C ARG D 226 32.79 3.84 -0.90
N GLN D 227 33.07 3.63 0.38
CA GLN D 227 34.41 3.81 0.92
C GLN D 227 35.43 2.93 0.24
N HIS D 228 35.05 1.69 -0.05
CA HIS D 228 35.99 0.78 -0.68
C HIS D 228 36.22 1.15 -2.14
N LYS D 229 35.23 1.80 -2.76
CA LYS D 229 35.33 2.21 -4.15
C LYS D 229 36.28 3.38 -4.29
N LEU D 230 36.38 4.19 -3.22
CA LEU D 230 37.26 5.36 -3.18
C LEU D 230 38.67 5.05 -2.71
N ARG D 231 38.84 3.89 -2.07
CA ARG D 231 40.14 3.49 -1.55
C ARG D 231 41.10 2.81 -2.50
N LEU D 232 42.37 3.17 -2.35
CA LEU D 232 43.44 2.63 -3.17
C LEU D 232 43.81 1.21 -2.71
N PHE D 233 43.71 0.98 -1.41
CA PHE D 233 44.03 -0.31 -0.81
C PHE D 233 45.50 -0.64 -0.81
N LYS D 234 46.32 0.41 -0.62
CA LYS D 234 47.76 0.29 -0.56
C LYS D 234 48.16 1.50 0.26
N ASP D 235 48.74 1.24 1.43
CA ASP D 235 49.19 2.29 2.33
C ASP D 235 48.07 3.09 2.97
N GLY D 236 46.84 2.56 2.90
CA GLY D 236 45.68 3.21 3.50
C GLY D 236 45.21 4.44 2.74
N LYS D 237 45.75 4.62 1.54
CA LYS D 237 45.45 5.76 0.71
C LYS D 237 44.11 5.77 -0.01
N LEU D 238 43.71 6.97 -0.40
CA LEU D 238 42.48 7.22 -1.13
C LEU D 238 42.89 7.30 -2.62
N LYS D 239 42.09 6.69 -3.49
CA LYS D 239 42.36 6.74 -4.94
C LYS D 239 42.40 8.20 -5.41
N TYR D 240 43.23 8.48 -6.40
CA TYR D 240 43.35 9.84 -6.92
C TYR D 240 43.89 9.80 -8.35
N GLN D 241 44.00 10.96 -8.98
CA GLN D 241 44.53 11.04 -10.33
C GLN D 241 45.50 12.20 -10.41
N VAL D 242 46.40 12.16 -11.38
CA VAL D 242 47.36 13.25 -11.56
C VAL D 242 47.08 13.95 -12.89
N ILE D 243 46.72 15.23 -12.81
CA ILE D 243 46.44 16.04 -13.99
C ILE D 243 47.40 17.22 -14.03
N GLY D 244 48.18 17.29 -15.10
CA GLY D 244 49.14 18.36 -15.22
C GLY D 244 49.99 18.41 -13.97
N GLY D 245 50.52 17.27 -13.57
CA GLY D 245 51.36 17.21 -12.39
C GLY D 245 50.71 17.56 -11.06
N GLU D 246 49.38 17.60 -11.03
CA GLU D 246 48.63 17.93 -9.82
C GLU D 246 47.74 16.77 -9.42
N VAL D 247 47.55 16.60 -8.10
CA VAL D 247 46.69 15.53 -7.57
C VAL D 247 45.22 15.93 -7.39
N TYR D 248 44.33 15.21 -8.06
CA TYR D 248 42.89 15.47 -7.98
C TYR D 248 42.12 14.17 -7.72
N PRO D 249 40.87 14.29 -7.28
CA PRO D 249 40.06 13.10 -7.01
C PRO D 249 39.96 12.27 -8.26
N PRO D 250 39.73 10.97 -8.11
CA PRO D 250 39.59 10.05 -9.25
C PRO D 250 38.30 10.36 -10.00
N THR D 251 38.06 9.67 -11.11
CA THR D 251 36.85 9.91 -11.88
C THR D 251 35.79 8.87 -11.56
N VAL D 252 34.55 9.21 -11.90
CA VAL D 252 33.42 8.32 -11.68
C VAL D 252 33.52 7.10 -12.58
N LYS D 253 34.19 7.27 -13.71
CA LYS D 253 34.35 6.19 -14.66
C LYS D 253 35.37 5.17 -14.15
N ASP D 254 36.27 5.61 -13.28
CA ASP D 254 37.30 4.71 -12.74
C ASP D 254 36.97 4.09 -11.38
N THR D 255 36.11 4.76 -10.61
CA THR D 255 35.76 4.26 -9.27
C THR D 255 34.36 3.65 -9.18
N GLN D 256 33.47 4.10 -10.05
CA GLN D 256 32.11 3.61 -10.09
C GLN D 256 31.24 4.18 -8.98
N VAL D 257 31.78 5.14 -8.25
CA VAL D 257 31.01 5.75 -7.18
C VAL D 257 30.06 6.77 -7.79
N GLU D 258 28.80 6.74 -7.37
CA GLU D 258 27.78 7.67 -7.87
C GLU D 258 27.95 9.11 -7.43
N MET D 259 27.91 10.00 -8.41
CA MET D 259 28.05 11.43 -8.18
C MET D 259 26.92 12.12 -8.94
N ILE D 260 26.55 13.32 -8.51
CA ILE D 260 25.51 14.06 -9.20
C ILE D 260 26.12 15.10 -10.10
N TYR D 261 25.99 14.87 -11.40
CA TYR D 261 26.52 15.75 -12.43
C TYR D 261 25.50 15.90 -13.55
N PRO D 262 25.39 17.10 -14.12
CA PRO D 262 24.43 17.25 -15.21
C PRO D 262 24.92 16.37 -16.36
N PRO D 263 24.00 15.94 -17.24
CA PRO D 263 24.29 15.09 -18.39
C PRO D 263 25.39 15.56 -19.32
N HIS D 264 25.64 16.85 -19.37
CA HIS D 264 26.66 17.37 -20.28
C HIS D 264 28.11 17.38 -19.78
N ILE D 265 28.34 16.88 -18.56
CA ILE D 265 29.69 16.86 -18.04
C ILE D 265 30.50 15.66 -18.55
N PRO D 266 31.67 15.93 -19.16
CA PRO D 266 32.59 14.92 -19.72
C PRO D 266 33.15 14.01 -18.62
N GLU D 267 33.07 12.70 -18.86
CA GLU D 267 33.57 11.70 -17.90
C GLU D 267 34.89 12.05 -17.20
N ASN D 268 35.81 12.67 -17.93
CA ASN D 268 37.11 13.05 -17.41
C ASN D 268 37.05 14.22 -16.43
N LEU D 269 35.84 14.79 -16.31
CA LEU D 269 35.62 15.94 -15.43
C LEU D 269 34.72 15.56 -14.25
N GLN D 270 34.06 14.42 -14.37
CA GLN D 270 33.19 13.93 -13.31
C GLN D 270 34.06 13.35 -12.17
N PHE D 271 34.41 14.17 -11.19
CA PHE D 271 35.23 13.75 -10.07
C PHE D 271 34.43 12.96 -9.04
N ALA D 272 35.06 11.95 -8.46
CA ALA D 272 34.40 11.10 -7.49
C ALA D 272 34.94 11.40 -6.08
N VAL D 273 34.06 11.85 -5.20
CA VAL D 273 34.47 12.17 -3.86
C VAL D 273 33.47 11.57 -2.88
N GLY D 274 33.73 11.78 -1.60
CA GLY D 274 32.84 11.24 -0.57
C GLY D 274 31.39 11.64 -0.73
N GLN D 275 31.15 12.95 -0.76
CA GLN D 275 29.80 13.50 -0.90
C GLN D 275 29.42 13.55 -2.37
N GLU D 276 28.35 12.85 -2.72
CA GLU D 276 27.90 12.77 -4.11
C GLU D 276 27.53 14.10 -4.75
N VAL D 277 27.35 15.12 -3.93
CA VAL D 277 26.98 16.43 -4.45
C VAL D 277 28.08 17.50 -4.58
N PHE D 278 29.28 17.23 -4.09
CA PHE D 278 30.39 18.19 -4.16
C PHE D 278 30.97 18.47 -5.57
N GLY D 279 30.39 17.85 -6.59
CA GLY D 279 30.91 18.09 -7.92
C GLY D 279 30.16 19.24 -8.59
N LEU D 280 29.16 19.74 -7.89
CA LEU D 280 28.33 20.80 -8.42
C LEU D 280 28.84 22.20 -8.10
N VAL D 281 29.92 22.29 -7.36
CA VAL D 281 30.48 23.58 -7.04
C VAL D 281 32.00 23.44 -6.89
N PRO D 282 32.76 24.10 -7.78
CA PRO D 282 34.22 24.07 -7.77
C PRO D 282 34.83 24.48 -6.39
N GLY D 283 34.10 25.28 -5.61
CA GLY D 283 34.58 25.69 -4.29
C GLY D 283 34.52 24.49 -3.33
N LEU D 284 33.50 23.66 -3.51
CA LEU D 284 33.33 22.47 -2.71
C LEU D 284 34.36 21.43 -3.14
N MET D 285 34.62 21.35 -4.44
CA MET D 285 35.60 20.39 -4.97
C MET D 285 37.05 20.82 -4.67
N MET D 286 37.22 22.09 -4.33
CA MET D 286 38.54 22.61 -3.99
C MET D 286 38.91 22.00 -2.66
N TYR D 287 38.02 22.14 -1.67
CA TYR D 287 38.28 21.60 -0.32
C TYR D 287 38.36 20.09 -0.35
N ALA D 288 37.52 19.47 -1.18
CA ALA D 288 37.51 18.02 -1.35
C ALA D 288 38.91 17.49 -1.74
N THR D 289 39.56 18.18 -2.68
CA THR D 289 40.91 17.83 -3.17
C THR D 289 41.95 18.09 -2.08
N ILE D 290 41.79 19.20 -1.37
CA ILE D 290 42.71 19.55 -0.31
C ILE D 290 42.69 18.49 0.81
N TRP D 291 41.50 18.01 1.17
CA TRP D 291 41.35 17.01 2.22
C TRP D 291 41.72 15.60 1.77
N LEU D 292 41.62 15.33 0.47
CA LEU D 292 42.01 14.04 -0.09
C LEU D 292 43.55 14.01 0.01
N ARG D 293 44.16 15.08 -0.47
CA ARG D 293 45.62 15.24 -0.45
C ARG D 293 46.16 15.04 0.98
N GLU D 294 45.41 15.56 1.95
CA GLU D 294 45.78 15.47 3.36
C GLU D 294 45.66 14.04 3.86
N HIS D 295 44.60 13.34 3.49
CA HIS D 295 44.47 11.98 3.99
C HIS D 295 45.72 11.18 3.59
N ASN D 296 46.07 11.16 2.30
CA ASN D 296 47.23 10.40 1.85
C ASN D 296 48.55 10.98 2.40
N ARG D 297 48.57 12.28 2.66
CA ARG D 297 49.75 12.92 3.23
C ARG D 297 50.05 12.27 4.58
N VAL D 298 49.01 12.22 5.40
CA VAL D 298 49.12 11.63 6.73
C VAL D 298 49.41 10.13 6.62
N CYS D 299 48.96 9.52 5.53
CA CYS D 299 49.18 8.09 5.31
C CYS D 299 50.67 7.82 5.15
N ASP D 300 51.39 8.76 4.55
CA ASP D 300 52.81 8.61 4.37
C ASP D 300 53.48 8.77 5.72
N ILE D 301 53.00 9.75 6.48
CA ILE D 301 53.58 9.99 7.79
C ILE D 301 53.42 8.75 8.64
N LEU D 302 52.24 8.16 8.61
CA LEU D 302 51.96 6.95 9.40
C LEU D 302 52.81 5.73 8.98
N LYS D 303 52.95 5.51 7.68
CA LYS D 303 53.73 4.37 7.19
C LYS D 303 55.20 4.53 7.59
N GLN D 304 55.62 5.79 7.67
CA GLN D 304 56.98 6.12 8.04
C GLN D 304 57.26 5.66 9.45
N GLU D 305 56.31 5.90 10.33
CA GLU D 305 56.45 5.51 11.73
C GLU D 305 56.10 4.04 11.97
N HIS D 306 55.18 3.51 11.17
CA HIS D 306 54.71 2.14 11.29
C HIS D 306 54.87 1.28 10.05
N PRO D 307 56.12 0.94 9.71
CA PRO D 307 56.39 0.11 8.54
C PRO D 307 55.69 -1.24 8.63
N GLU D 308 55.34 -1.64 9.86
CA GLU D 308 54.68 -2.92 10.12
C GLU D 308 53.17 -2.87 9.93
N TRP D 309 52.63 -1.68 9.70
CA TRP D 309 51.19 -1.53 9.53
C TRP D 309 50.68 -1.85 8.14
N GLY D 310 49.47 -2.41 8.10
CA GLY D 310 48.87 -2.77 6.84
C GLY D 310 48.05 -1.64 6.27
N ASP D 311 47.48 -1.87 5.10
CA ASP D 311 46.66 -0.86 4.44
C ASP D 311 45.45 -0.46 5.26
N GLU D 312 44.72 -1.44 5.81
CA GLU D 312 43.53 -1.08 6.57
C GLU D 312 43.81 -0.26 7.82
N GLN D 313 44.83 -0.63 8.57
CA GLN D 313 45.15 0.12 9.77
C GLN D 313 45.69 1.52 9.47
N LEU D 314 46.39 1.69 8.35
CA LEU D 314 46.91 3.01 8.00
C LEU D 314 45.73 3.93 7.62
N PHE D 315 44.87 3.41 6.75
CA PHE D 315 43.69 4.15 6.31
C PHE D 315 42.81 4.56 7.45
N GLN D 316 42.50 3.62 8.33
CA GLN D 316 41.61 3.86 9.48
C GLN D 316 42.16 4.87 10.48
N THR D 317 43.47 4.80 10.73
CA THR D 317 44.10 5.72 11.66
C THR D 317 44.15 7.13 11.08
N SER D 318 44.39 7.24 9.77
CA SER D 318 44.41 8.55 9.09
C SER D 318 43.03 9.17 9.27
N ARG D 319 41.98 8.45 8.92
CA ARG D 319 40.65 8.98 9.06
C ARG D 319 40.39 9.50 10.47
N LEU D 320 40.94 8.84 11.47
CA LEU D 320 40.74 9.29 12.85
C LEU D 320 41.48 10.62 13.08
N ILE D 321 42.66 10.76 12.46
CA ILE D 321 43.49 11.95 12.58
C ILE D 321 42.81 13.13 11.86
N LEU D 322 42.29 12.90 10.65
CA LEU D 322 41.63 13.95 9.90
C LEU D 322 40.37 14.43 10.63
N ILE D 323 39.69 13.51 11.31
CA ILE D 323 38.52 13.89 12.08
C ILE D 323 38.98 14.86 13.20
N GLY D 324 40.10 14.53 13.85
CA GLY D 324 40.61 15.38 14.91
C GLY D 324 41.12 16.73 14.44
N GLU D 325 41.72 16.75 13.25
CA GLU D 325 42.23 17.99 12.67
C GLU D 325 41.03 18.89 12.35
N THR D 326 39.99 18.28 11.78
CA THR D 326 38.76 18.98 11.42
C THR D 326 38.12 19.65 12.65
N ILE D 327 38.05 18.93 13.77
CA ILE D 327 37.45 19.44 15.01
C ILE D 327 38.33 20.58 15.55
N LYS D 328 39.64 20.44 15.38
CA LYS D 328 40.63 21.43 15.81
C LYS D 328 40.48 22.76 15.07
N ILE D 329 40.47 22.66 13.75
CA ILE D 329 40.34 23.81 12.85
C ILE D 329 38.98 24.50 12.98
N VAL D 330 37.92 23.71 13.10
CA VAL D 330 36.60 24.29 13.22
C VAL D 330 36.50 25.11 14.50
N ILE D 331 37.20 24.71 15.55
CA ILE D 331 37.08 25.43 16.81
C ILE D 331 38.11 26.56 16.99
N GLU D 332 39.29 26.42 16.41
CA GLU D 332 40.29 27.46 16.61
C GLU D 332 40.54 28.42 15.46
N ASP D 333 39.98 28.13 14.30
CA ASP D 333 40.14 28.97 13.13
C ASP D 333 38.76 29.48 12.77
N TYR D 334 37.94 28.58 12.24
CA TYR D 334 36.59 28.86 11.79
C TYR D 334 35.73 29.57 12.81
N VAL D 335 35.43 28.94 13.93
CA VAL D 335 34.59 29.59 14.95
C VAL D 335 35.32 30.80 15.55
N GLN D 336 36.64 30.69 15.66
CA GLN D 336 37.42 31.79 16.21
C GLN D 336 37.13 33.08 15.45
N HIS D 337 37.08 32.98 14.12
CA HIS D 337 36.85 34.12 13.24
C HIS D 337 35.40 34.53 13.35
N LEU D 338 34.52 33.54 13.27
CA LEU D 338 33.08 33.74 13.32
C LEU D 338 32.60 34.49 14.55
N SER D 339 33.06 34.04 15.72
CA SER D 339 32.67 34.64 16.98
C SER D 339 33.15 36.07 17.18
N GLY D 340 34.34 36.38 16.69
CA GLY D 340 34.85 37.73 16.86
C GLY D 340 35.41 37.91 18.27
N TYR D 341 35.47 36.83 19.02
CA TYR D 341 35.98 36.86 20.38
C TYR D 341 37.47 37.19 20.37
N HIS D 342 37.91 37.84 21.44
CA HIS D 342 39.30 38.22 21.61
C HIS D 342 39.91 37.12 22.42
N PHE D 343 39.04 36.32 23.02
CA PHE D 343 39.46 35.16 23.80
C PHE D 343 39.82 34.08 22.79
N LYS D 344 41.00 33.47 22.95
CA LYS D 344 41.46 32.42 22.05
C LYS D 344 40.86 31.08 22.37
N LEU D 345 39.96 30.62 21.50
CA LEU D 345 39.29 29.35 21.68
C LEU D 345 40.29 28.21 21.70
N LYS D 346 39.97 27.14 22.42
CA LYS D 346 40.86 26.00 22.50
C LYS D 346 40.16 24.66 22.32
N PHE D 347 40.75 23.81 21.47
CA PHE D 347 40.21 22.48 21.26
C PHE D 347 41.04 21.55 22.16
N ASP D 348 40.43 21.16 23.26
CA ASP D 348 41.06 20.31 24.24
C ASP D 348 39.99 19.46 24.92
N PRO D 349 39.73 18.23 24.40
CA PRO D 349 38.72 17.35 24.98
C PRO D 349 38.86 17.10 26.50
N GLU D 350 40.07 17.28 27.03
CA GLU D 350 40.33 17.07 28.45
C GLU D 350 39.59 18.03 29.39
N LEU D 351 39.21 19.21 28.89
CA LEU D 351 38.51 20.21 29.69
C LEU D 351 37.13 19.73 30.14
N LEU D 352 36.63 18.68 29.48
CA LEU D 352 35.32 18.13 29.80
C LEU D 352 35.42 16.85 30.61
N PHE D 353 36.63 16.34 30.79
CA PHE D 353 36.85 15.09 31.50
C PHE D 353 36.38 15.02 32.94
N ASN D 354 36.27 16.15 33.61
CA ASN D 354 35.81 16.16 35.00
C ASN D 354 34.44 16.80 35.04
N GLN D 355 33.79 16.82 33.88
CA GLN D 355 32.47 17.41 33.72
C GLN D 355 31.41 16.35 33.35
N GLN D 356 30.16 16.75 33.46
CA GLN D 356 29.07 15.86 33.11
C GLN D 356 28.76 16.17 31.65
N PHE D 357 29.09 15.24 30.75
CA PHE D 357 28.88 15.49 29.33
C PHE D 357 28.58 14.21 28.57
N GLN D 358 27.62 14.26 27.66
CA GLN D 358 27.24 13.10 26.86
C GLN D 358 28.01 13.07 25.56
N TYR D 359 28.82 12.04 25.39
CA TYR D 359 29.61 11.87 24.18
C TYR D 359 28.77 11.28 23.05
N GLN D 360 27.74 12.00 22.66
CA GLN D 360 26.87 11.59 21.56
C GLN D 360 26.19 12.80 20.95
N ASN D 361 25.57 12.61 19.78
CA ASN D 361 24.91 13.71 19.11
C ASN D 361 23.81 13.26 18.15
N ARG D 362 22.95 14.22 17.81
CA ARG D 362 21.85 14.01 16.92
C ARG D 362 21.61 15.35 16.24
N ILE D 363 21.95 15.42 14.95
CA ILE D 363 21.78 16.63 14.17
C ILE D 363 20.33 17.15 14.19
N ALA D 364 20.20 18.41 14.63
CA ALA D 364 18.91 19.06 14.75
C ALA D 364 18.44 19.68 13.44
N SER D 365 17.13 19.65 13.20
CA SER D 365 16.59 20.24 12.00
C SER D 365 16.83 21.73 12.07
N GLU D 366 16.55 22.33 13.23
CA GLU D 366 16.72 23.77 13.40
C GLU D 366 18.14 24.22 13.10
N PHE D 367 19.11 23.41 13.49
CA PHE D 367 20.49 23.74 13.26
C PHE D 367 20.66 23.85 11.75
N ASN D 368 20.13 22.85 11.06
CA ASN D 368 20.19 22.77 9.61
C ASN D 368 19.55 24.00 9.01
N THR D 369 18.40 24.42 9.53
CA THR D 369 17.70 25.60 9.02
C THR D 369 18.51 26.87 9.25
N LEU D 370 19.04 27.04 10.46
CA LEU D 370 19.82 28.22 10.77
C LEU D 370 21.14 28.31 10.03
N TYR D 371 21.51 27.26 9.31
CA TYR D 371 22.79 27.23 8.62
C TYR D 371 22.73 27.52 7.14
N HIS D 372 21.54 27.82 6.65
CA HIS D 372 21.38 28.16 5.24
C HIS D 372 21.94 29.59 5.06
N TRP D 373 23.28 29.64 4.99
CA TRP D 373 24.04 30.87 4.86
C TRP D 373 24.28 31.35 3.42
N HIS D 374 23.26 31.23 2.58
CA HIS D 374 23.36 31.65 1.19
C HIS D 374 23.70 33.15 1.00
N PRO D 375 23.29 34.03 1.95
CA PRO D 375 23.63 35.45 1.76
C PRO D 375 25.15 35.62 1.68
N LEU D 376 25.88 34.59 2.11
CA LEU D 376 27.35 34.60 2.11
C LEU D 376 27.93 34.77 0.71
N LEU D 377 27.32 34.08 -0.25
CA LEU D 377 27.76 34.08 -1.63
C LEU D 377 27.73 35.44 -2.30
N PRO D 378 28.73 35.71 -3.13
CA PRO D 378 28.86 36.97 -3.87
C PRO D 378 28.02 36.92 -5.17
N ASP D 379 28.12 37.97 -5.99
CA ASP D 379 27.37 38.04 -7.24
C ASP D 379 28.15 37.40 -8.38
N THR D 380 29.46 37.28 -8.19
CA THR D 380 30.34 36.62 -9.16
C THR D 380 31.53 36.03 -8.39
N PHE D 381 32.07 34.94 -8.89
CA PHE D 381 33.20 34.30 -8.26
C PHE D 381 34.43 34.72 -9.05
N ASN D 382 35.29 35.49 -8.40
CA ASN D 382 36.48 36.01 -9.05
C ASN D 382 37.74 35.25 -8.72
N ILE D 383 38.15 34.41 -9.67
CA ILE D 383 39.36 33.60 -9.56
C ILE D 383 40.40 34.15 -10.55
N GLU D 384 41.45 34.78 -10.01
CA GLU D 384 42.51 35.38 -10.82
C GLU D 384 42.00 36.60 -11.58
N ASP D 385 42.03 36.52 -12.91
CA ASP D 385 41.57 37.59 -13.80
C ASP D 385 40.08 37.58 -14.03
N GLN D 386 39.49 36.39 -13.98
CA GLN D 386 38.05 36.20 -14.22
C GLN D 386 37.09 36.72 -13.15
N GLU D 387 35.82 36.58 -13.49
CA GLU D 387 34.66 36.96 -12.68
C GLU D 387 33.53 36.08 -13.22
N TYR D 388 33.32 34.92 -12.60
CA TYR D 388 32.30 34.00 -13.08
C TYR D 388 30.93 34.21 -12.49
N SER D 389 29.92 34.12 -13.33
CA SER D 389 28.55 34.24 -12.89
C SER D 389 28.16 32.89 -12.31
N PHE D 390 27.06 32.83 -11.58
CA PHE D 390 26.64 31.57 -11.02
C PHE D 390 26.51 30.56 -12.16
N LYS D 391 25.80 30.96 -13.20
CA LYS D 391 25.58 30.09 -14.37
C LYS D 391 26.87 29.42 -14.84
N GLN D 392 27.96 30.17 -14.86
CA GLN D 392 29.23 29.61 -15.32
C GLN D 392 29.99 28.84 -14.25
N PHE D 393 29.78 29.20 -12.99
CA PHE D 393 30.47 28.55 -11.90
C PHE D 393 29.94 27.17 -11.53
N LEU D 394 28.63 26.99 -11.57
CA LEU D 394 28.02 25.72 -11.22
C LEU D 394 28.49 24.52 -12.04
N TYR D 395 28.74 23.40 -11.36
CA TYR D 395 29.20 22.18 -11.98
C TYR D 395 30.27 22.39 -13.03
N ASN D 396 31.20 23.29 -12.79
CA ASN D 396 32.24 23.52 -13.78
C ASN D 396 33.60 23.29 -13.17
N ASN D 397 34.10 22.07 -13.29
CA ASN D 397 35.40 21.75 -12.71
C ASN D 397 36.58 22.07 -13.63
N SER D 398 36.28 22.53 -14.84
CA SER D 398 37.32 22.92 -15.78
C SER D 398 37.95 24.16 -15.20
N ILE D 399 37.13 24.96 -14.53
CA ILE D 399 37.60 26.18 -13.90
C ILE D 399 38.69 25.83 -12.90
N LEU D 400 38.41 24.84 -12.07
CA LEU D 400 39.39 24.42 -11.08
C LEU D 400 40.65 23.95 -11.79
N LEU D 401 40.49 23.03 -12.73
CA LEU D 401 41.64 22.49 -13.47
C LEU D 401 42.35 23.59 -14.22
N GLU D 402 41.63 24.69 -14.44
CA GLU D 402 42.15 25.82 -15.17
C GLU D 402 43.19 26.59 -14.36
N HIS D 403 42.74 27.13 -13.26
CA HIS D 403 43.60 27.93 -12.42
C HIS D 403 44.42 27.14 -11.40
N GLY D 404 43.90 26.01 -10.95
CA GLY D 404 44.62 25.22 -9.98
C GLY D 404 44.28 25.61 -8.54
N LEU D 405 44.63 24.73 -7.61
CA LEU D 405 44.36 24.94 -6.19
C LEU D 405 45.01 26.17 -5.59
N THR D 406 46.23 26.47 -6.03
CA THR D 406 46.96 27.62 -5.51
C THR D 406 46.27 28.92 -5.88
N GLN D 407 45.79 28.98 -7.11
CA GLN D 407 45.10 30.16 -7.61
C GLN D 407 43.75 30.34 -6.91
N PHE D 408 43.05 29.22 -6.66
CA PHE D 408 41.76 29.23 -5.99
C PHE D 408 41.91 29.69 -4.56
N VAL D 409 42.92 29.18 -3.88
CA VAL D 409 43.22 29.55 -2.49
C VAL D 409 43.56 31.04 -2.39
N GLU D 410 44.42 31.51 -3.29
CA GLU D 410 44.81 32.92 -3.32
C GLU D 410 43.63 33.85 -3.64
N SER D 411 42.86 33.46 -4.65
CA SER D 411 41.71 34.22 -5.11
C SER D 411 40.57 34.26 -4.11
N PHE D 412 40.25 33.11 -3.53
CA PHE D 412 39.15 33.02 -2.58
C PHE D 412 39.49 33.59 -1.21
N THR D 413 40.79 33.70 -0.91
CA THR D 413 41.28 34.29 0.35
C THR D 413 41.14 35.82 0.25
N ARG D 414 41.10 36.32 -0.98
CA ARG D 414 40.99 37.75 -1.27
C ARG D 414 39.57 38.26 -1.49
N GLN D 415 38.64 37.39 -1.87
CA GLN D 415 37.28 37.81 -2.12
C GLN D 415 36.35 37.82 -0.91
N ILE D 416 35.87 39.02 -0.56
CA ILE D 416 34.97 39.17 0.57
C ILE D 416 33.64 38.47 0.26
N ALA D 417 32.99 37.97 1.30
CA ALA D 417 31.72 37.29 1.16
C ALA D 417 30.63 38.17 1.82
N GLY D 418 29.37 37.95 1.46
CA GLY D 418 28.30 38.76 2.02
C GLY D 418 27.96 38.65 3.50
N ARG D 419 27.21 39.64 3.99
CA ARG D 419 26.77 39.65 5.38
C ARG D 419 25.57 38.73 5.40
N VAL D 420 25.27 38.12 6.54
CA VAL D 420 24.11 37.22 6.60
C VAL D 420 22.88 37.81 7.34
N ALA D 421 23.10 38.46 8.48
CA ALA D 421 22.00 39.01 9.28
C ALA D 421 21.52 40.44 8.98
N GLY D 422 22.18 41.15 8.06
CA GLY D 422 21.75 42.50 7.77
C GLY D 422 20.33 42.65 7.23
N GLY D 423 19.96 41.73 6.35
CA GLY D 423 18.65 41.78 5.72
C GLY D 423 18.92 41.89 4.23
N ARG D 424 17.89 41.66 3.42
CA ARG D 424 17.99 41.72 1.94
C ARG D 424 19.38 41.48 1.32
N ASN D 425 19.94 40.30 1.52
CA ASN D 425 21.25 40.01 0.94
C ASN D 425 21.34 38.62 0.35
N VAL D 426 20.19 38.03 0.02
CA VAL D 426 20.19 36.70 -0.57
C VAL D 426 20.38 36.85 -2.09
N PRO D 427 21.44 36.24 -2.65
CA PRO D 427 21.67 36.38 -4.09
C PRO D 427 20.45 35.89 -4.84
N ILE D 428 20.02 36.64 -5.84
CA ILE D 428 18.85 36.26 -6.62
C ILE D 428 19.05 34.98 -7.39
N ALA D 429 20.31 34.69 -7.71
CA ALA D 429 20.65 33.47 -8.45
C ALA D 429 20.32 32.21 -7.66
N VAL D 430 20.03 32.39 -6.38
CA VAL D 430 19.74 31.28 -5.47
C VAL D 430 18.40 31.49 -4.69
N GLN D 431 17.47 32.25 -5.25
CA GLN D 431 16.21 32.52 -4.56
C GLN D 431 15.28 31.33 -4.34
N ALA D 432 15.35 30.31 -5.19
CA ALA D 432 14.50 29.13 -5.01
C ALA D 432 14.85 28.47 -3.68
N VAL D 433 16.15 28.33 -3.43
CA VAL D 433 16.68 27.75 -2.19
C VAL D 433 16.12 28.46 -0.95
N ALA D 434 16.11 29.79 -0.98
CA ALA D 434 15.58 30.57 0.13
C ALA D 434 14.06 30.42 0.30
N LYS D 435 13.34 30.38 -0.81
CA LYS D 435 11.89 30.24 -0.75
C LYS D 435 11.55 28.90 -0.05
N ALA D 436 12.22 27.84 -0.49
CA ALA D 436 12.04 26.51 0.06
C ALA D 436 12.40 26.48 1.54
N SER D 437 13.47 27.17 1.93
CA SER D 437 13.83 27.16 3.33
C SER D 437 12.57 27.59 4.06
N ILE D 438 11.94 28.66 3.59
CA ILE D 438 10.73 29.18 4.22
C ILE D 438 9.60 28.14 4.25
N ASP D 439 9.31 27.59 3.07
CA ASP D 439 8.25 26.60 2.88
C ASP D 439 8.44 25.34 3.72
N GLN D 440 9.58 24.68 3.54
CA GLN D 440 9.89 23.47 4.25
C GLN D 440 9.79 23.60 5.77
N SER D 441 10.16 24.78 6.28
CA SER D 441 10.09 25.08 7.71
C SER D 441 8.65 25.10 8.20
N ARG D 442 7.75 25.54 7.32
CA ARG D 442 6.32 25.62 7.60
C ARG D 442 5.76 24.20 7.48
N GLU D 443 6.32 23.47 6.52
CA GLU D 443 5.95 22.10 6.21
C GLU D 443 6.23 21.23 7.43
N MET D 444 7.38 21.45 8.07
CA MET D 444 7.78 20.72 9.28
C MET D 444 7.16 21.29 10.56
N LYS D 445 6.08 22.08 10.38
CA LYS D 445 5.36 22.70 11.47
C LYS D 445 6.23 23.38 12.52
N TYR D 446 7.20 24.18 12.08
CA TYR D 446 8.08 24.88 13.03
C TYR D 446 7.29 25.80 13.96
N GLN D 447 7.90 26.16 15.08
CA GLN D 447 7.26 27.06 16.03
C GLN D 447 7.80 28.45 15.76
N SER D 448 7.10 29.48 16.19
CA SER D 448 7.51 30.86 15.96
C SER D 448 8.92 31.23 16.48
N LEU D 449 9.45 32.33 15.95
CA LEU D 449 10.78 32.79 16.32
C LEU D 449 10.91 33.10 17.81
N ASN D 450 9.83 33.52 18.46
CA ASN D 450 9.94 33.85 19.87
C ASN D 450 9.87 32.60 20.72
N GLU D 451 9.29 31.54 20.16
CA GLU D 451 9.18 30.26 20.84
C GLU D 451 10.60 29.73 20.96
N TYR D 452 11.35 29.78 19.86
CA TYR D 452 12.74 29.31 19.87
C TYR D 452 13.64 30.24 20.65
N ARG D 453 13.33 31.52 20.67
CA ARG D 453 14.15 32.47 21.42
C ARG D 453 13.99 32.16 22.89
N LYS D 454 12.75 31.94 23.31
CA LYS D 454 12.41 31.60 24.71
C LYS D 454 13.08 30.29 25.09
N ARG D 455 13.01 29.32 24.19
CA ARG D 455 13.58 28.00 24.40
C ARG D 455 15.09 28.09 24.59
N PHE D 456 15.76 29.05 23.93
CA PHE D 456 17.20 29.17 24.08
C PHE D 456 17.64 30.28 25.06
N SER D 457 16.80 30.52 26.06
CA SER D 457 17.06 31.50 27.11
C SER D 457 17.24 32.94 26.65
N LEU D 458 16.50 33.31 25.61
CA LEU D 458 16.55 34.65 25.07
C LEU D 458 15.19 35.30 25.32
N LYS D 459 15.18 36.63 25.39
CA LYS D 459 13.93 37.37 25.63
C LYS D 459 13.20 37.58 24.31
N PRO D 460 11.91 37.25 24.26
CA PRO D 460 11.16 37.42 23.01
C PRO D 460 11.09 38.89 22.53
N TYR D 461 11.15 39.08 21.22
CA TYR D 461 11.09 40.42 20.63
C TYR D 461 9.68 40.93 20.78
N THR D 462 9.57 42.19 21.15
CA THR D 462 8.28 42.80 21.37
C THR D 462 7.70 43.52 20.16
N SER D 463 8.54 43.77 19.15
CA SER D 463 8.12 44.45 17.92
C SER D 463 9.02 44.03 16.77
N PHE D 464 8.58 44.25 15.53
CA PHE D 464 9.41 43.91 14.38
C PHE D 464 10.58 44.87 14.27
N GLU D 465 10.47 46.04 14.90
CA GLU D 465 11.51 47.06 14.87
C GLU D 465 12.66 46.68 15.79
N GLU D 466 12.34 45.93 16.84
CA GLU D 466 13.34 45.49 17.80
C GLU D 466 14.08 44.32 17.22
N LEU D 467 13.37 43.58 16.38
CA LEU D 467 13.96 42.42 15.73
C LEU D 467 14.97 42.86 14.66
N THR D 468 14.57 43.79 13.79
CA THR D 468 15.43 44.28 12.70
C THR D 468 16.36 45.43 13.08
N GLY D 469 15.93 46.23 14.06
CA GLY D 469 16.74 47.36 14.49
C GLY D 469 16.63 48.58 13.57
N GLU D 470 15.72 48.52 12.60
CA GLU D 470 15.50 49.62 11.68
C GLU D 470 14.00 49.88 11.56
N LYS D 471 13.57 50.59 10.52
CA LYS D 471 12.14 50.91 10.36
C LYS D 471 11.46 50.37 9.11
N GLU D 472 12.18 50.36 7.98
CA GLU D 472 11.60 49.90 6.71
C GLU D 472 11.22 48.41 6.60
N MET D 473 12.19 47.52 6.81
CA MET D 473 11.94 46.09 6.75
C MET D 473 10.93 45.69 7.82
N ALA D 474 11.04 46.34 9.00
CA ALA D 474 10.13 46.09 10.13
C ALA D 474 8.68 46.41 9.72
N ALA D 475 8.50 47.52 9.00
CA ALA D 475 7.19 47.92 8.53
C ALA D 475 6.70 46.87 7.56
N GLU D 476 7.60 46.43 6.69
CA GLU D 476 7.29 45.43 5.67
C GLU D 476 6.84 44.13 6.30
N LEU D 477 7.57 43.71 7.34
CA LEU D 477 7.27 42.47 8.04
C LEU D 477 5.98 42.63 8.83
N LYS D 478 5.81 43.77 9.48
CA LYS D 478 4.62 44.01 10.30
C LYS D 478 3.35 43.99 9.47
N ALA D 479 3.47 44.43 8.22
CA ALA D 479 2.32 44.43 7.33
C ALA D 479 2.02 43.02 6.84
N LEU D 480 3.03 42.13 6.87
CA LEU D 480 2.88 40.76 6.42
C LEU D 480 2.43 39.80 7.54
N TYR D 481 3.10 39.87 8.68
CA TYR D 481 2.78 38.98 9.79
C TYR D 481 1.78 39.52 10.81
N SER D 482 1.85 40.83 11.08
CA SER D 482 0.95 41.47 12.04
C SER D 482 1.46 41.36 13.48
N ASP D 483 1.60 40.12 13.95
CA ASP D 483 2.08 39.83 15.31
C ASP D 483 3.57 39.48 15.23
N ILE D 484 4.37 39.97 16.17
CA ILE D 484 5.80 39.65 16.20
C ILE D 484 5.88 38.21 16.73
N ASP D 485 4.84 37.82 17.48
CA ASP D 485 4.72 36.48 18.07
C ASP D 485 4.32 35.44 17.02
N VAL D 486 4.22 35.85 15.77
CA VAL D 486 3.86 34.93 14.69
C VAL D 486 5.02 34.89 13.69
N MET D 487 5.98 35.78 13.92
CA MET D 487 7.17 35.86 13.08
C MET D 487 7.88 34.50 13.00
N GLU D 488 8.31 34.15 11.80
CA GLU D 488 8.99 32.89 11.56
C GLU D 488 10.48 32.98 11.81
N LEU D 489 11.01 31.88 12.34
CA LEU D 489 12.42 31.75 12.66
C LEU D 489 13.38 32.04 11.50
N TYR D 490 13.40 31.16 10.50
CA TYR D 490 14.30 31.31 9.36
C TYR D 490 14.46 32.73 8.79
N PRO D 491 13.36 33.33 8.29
CA PRO D 491 13.49 34.69 7.76
C PRO D 491 14.07 35.60 8.84
N ALA D 492 13.46 35.53 10.03
CA ALA D 492 13.90 36.34 11.15
C ALA D 492 15.41 36.35 11.34
N LEU D 493 16.07 35.20 11.11
CA LEU D 493 17.53 35.12 11.27
C LEU D 493 18.31 35.93 10.23
N LEU D 494 17.82 35.94 9.00
CA LEU D 494 18.46 36.66 7.91
C LEU D 494 18.17 38.17 7.91
N VAL D 495 17.18 38.56 8.70
CA VAL D 495 16.74 39.96 8.78
C VAL D 495 17.04 40.62 10.14
N GLU D 496 17.44 39.81 11.12
CA GLU D 496 17.75 40.26 12.47
C GLU D 496 18.82 41.33 12.53
N LYS D 497 18.69 42.24 13.49
CA LYS D 497 19.67 43.30 13.65
C LYS D 497 21.02 42.70 13.99
N PRO D 498 22.00 42.88 13.10
CA PRO D 498 23.34 42.36 13.33
C PRO D 498 23.93 42.91 14.59
N ARG D 499 24.86 42.17 15.19
CA ARG D 499 25.53 42.66 16.38
C ARG D 499 26.45 43.73 15.76
N PRO D 500 27.01 44.64 16.57
CA PRO D 500 27.90 45.70 16.06
C PRO D 500 29.03 45.24 15.15
N ASP D 501 28.90 45.53 13.85
CA ASP D 501 29.90 45.16 12.83
C ASP D 501 30.08 43.66 12.69
N ALA D 502 29.05 42.91 13.13
CA ALA D 502 29.06 41.47 13.10
C ALA D 502 28.24 40.98 11.93
N ILE D 503 28.47 39.75 11.53
CA ILE D 503 27.77 39.14 10.41
C ILE D 503 26.45 38.53 10.80
N PHE D 504 26.31 38.19 12.10
CA PHE D 504 25.10 37.54 12.65
C PHE D 504 24.38 38.31 13.75
N GLY D 505 23.17 37.84 14.02
CA GLY D 505 22.37 38.41 15.09
C GLY D 505 22.55 37.51 16.31
N GLU D 506 21.95 37.91 17.41
CA GLU D 506 22.04 37.17 18.67
C GLU D 506 21.37 35.78 18.59
N THR D 507 20.22 35.72 17.91
CA THR D 507 19.48 34.47 17.76
C THR D 507 20.32 33.42 17.02
N MET D 508 20.98 33.86 15.95
CA MET D 508 21.83 32.99 15.15
C MET D 508 22.97 32.38 15.97
N VAL D 509 23.64 33.22 16.74
CA VAL D 509 24.74 32.76 17.57
C VAL D 509 24.29 31.97 18.78
N GLU D 510 23.15 32.34 19.35
CA GLU D 510 22.62 31.69 20.55
C GLU D 510 22.03 30.32 20.30
N LEU D 511 21.54 30.09 19.08
CA LEU D 511 20.95 28.80 18.72
C LEU D 511 22.05 27.88 18.17
N GLY D 512 22.90 28.45 17.34
CA GLY D 512 23.94 27.68 16.71
C GLY D 512 25.06 27.14 17.56
N ALA D 513 25.51 27.93 18.53
CA ALA D 513 26.62 27.52 19.39
C ALA D 513 26.36 26.21 20.11
N PRO D 514 25.21 26.09 20.80
CA PRO D 514 24.93 24.83 21.52
C PRO D 514 24.94 23.60 20.61
N PHE D 515 24.19 23.65 19.51
CA PHE D 515 24.10 22.56 18.53
C PHE D 515 25.49 22.26 18.01
N SER D 516 26.25 23.31 17.83
CA SER D 516 27.60 23.19 17.29
C SER D 516 28.57 22.46 18.18
N LEU D 517 28.85 23.00 19.35
CA LEU D 517 29.80 22.36 20.25
C LEU D 517 29.33 20.96 20.65
N LYS D 518 28.04 20.77 20.81
CA LYS D 518 27.51 19.45 21.15
C LYS D 518 28.00 18.42 20.13
N GLY D 519 27.92 18.73 18.85
CA GLY D 519 28.37 17.78 17.86
C GLY D 519 29.87 17.72 17.66
N LEU D 520 30.59 18.77 18.05
CA LEU D 520 32.04 18.86 17.89
C LEU D 520 32.70 18.15 19.07
N MET D 521 32.23 18.48 20.26
CA MET D 521 32.76 17.88 21.48
C MET D 521 32.09 16.53 21.71
N GLY D 522 30.89 16.36 21.17
CA GLY D 522 30.16 15.12 21.34
C GLY D 522 30.79 13.94 20.63
N ASN D 523 31.75 14.20 19.73
CA ASN D 523 32.40 13.11 18.98
C ASN D 523 33.18 12.12 19.85
N PRO D 524 33.08 10.83 19.53
CA PRO D 524 33.78 9.77 20.29
C PRO D 524 35.27 10.01 20.48
N ILE D 525 35.96 10.49 19.46
CA ILE D 525 37.39 10.70 19.60
C ILE D 525 37.76 11.68 20.72
N CYS D 526 36.76 12.34 21.29
CA CYS D 526 37.01 13.32 22.34
C CYS D 526 36.78 12.68 23.68
N SER D 527 36.24 11.46 23.68
CA SER D 527 35.97 10.73 24.91
C SER D 527 37.31 10.26 25.48
N PRO D 528 37.38 10.11 26.79
CA PRO D 528 38.61 9.69 27.47
C PRO D 528 39.28 8.46 26.88
N GLN D 529 38.53 7.39 26.64
CA GLN D 529 39.11 6.18 26.07
C GLN D 529 39.74 6.43 24.70
N TYR D 530 39.30 7.48 24.01
CA TYR D 530 39.83 7.79 22.68
C TYR D 530 40.93 8.83 22.64
N TRP D 531 40.85 9.84 23.50
CA TRP D 531 41.83 10.93 23.52
C TRP D 531 43.20 10.57 24.10
N LYS D 532 44.01 9.93 23.28
CA LYS D 532 45.35 9.54 23.70
C LYS D 532 46.15 9.17 22.45
N PRO D 533 47.48 9.33 22.51
CA PRO D 533 48.38 9.04 21.40
C PRO D 533 48.14 7.76 20.60
N SER D 534 48.05 6.64 21.31
CA SER D 534 47.87 5.36 20.66
C SER D 534 46.71 5.32 19.66
N THR D 535 45.65 6.09 19.93
CA THR D 535 44.49 6.08 19.04
C THR D 535 44.83 6.66 17.68
N PHE D 536 45.81 7.56 17.67
CA PHE D 536 46.24 8.23 16.45
C PHE D 536 47.63 7.82 15.98
N GLY D 537 47.99 6.57 16.28
CA GLY D 537 49.27 6.02 15.86
C GLY D 537 50.45 6.58 16.60
N GLY D 538 50.23 7.06 17.81
CA GLY D 538 51.37 7.60 18.55
C GLY D 538 51.39 9.11 18.72
N GLU D 539 52.49 9.59 19.29
CA GLU D 539 52.66 11.03 19.53
C GLU D 539 52.84 11.80 18.24
N VAL D 540 53.21 11.11 17.17
CA VAL D 540 53.39 11.77 15.88
C VAL D 540 52.00 12.09 15.28
N GLY D 541 51.11 11.11 15.32
CA GLY D 541 49.76 11.30 14.81
C GLY D 541 48.99 12.28 15.68
N PHE D 542 49.10 12.11 16.99
CA PHE D 542 48.43 12.99 17.96
C PHE D 542 48.82 14.47 17.66
N LYS D 543 50.11 14.71 17.44
CA LYS D 543 50.63 16.05 17.15
C LYS D 543 50.02 16.66 15.89
N ILE D 544 49.79 15.84 14.87
CA ILE D 544 49.21 16.35 13.63
C ILE D 544 47.92 17.08 13.96
N ILE D 545 47.13 16.49 14.85
CA ILE D 545 45.85 17.02 15.27
C ILE D 545 45.99 18.26 16.11
N ASN D 546 46.76 18.13 17.18
CA ASN D 546 46.95 19.23 18.09
C ASN D 546 47.69 20.45 17.55
N THR D 547 48.24 20.37 16.34
CA THR D 547 48.91 21.53 15.71
C THR D 547 48.24 21.92 14.39
N ALA D 548 47.06 21.37 14.13
CA ALA D 548 46.32 21.66 12.90
C ALA D 548 45.86 23.11 12.89
N SER D 549 45.95 23.73 11.72
CA SER D 549 45.50 25.11 11.54
C SER D 549 45.10 25.20 10.06
N ILE D 550 44.19 26.10 9.69
CA ILE D 550 43.81 26.18 8.28
C ILE D 550 45.01 26.61 7.44
N GLN D 551 45.96 27.26 8.09
CA GLN D 551 47.14 27.66 7.37
C GLN D 551 47.92 26.39 6.97
N SER D 552 48.23 25.54 7.95
CA SER D 552 48.99 24.33 7.67
C SER D 552 48.31 23.35 6.71
N LEU D 553 46.98 23.25 6.78
CA LEU D 553 46.25 22.35 5.90
C LEU D 553 46.52 22.74 4.44
N ILE D 554 46.40 24.04 4.15
CA ILE D 554 46.64 24.54 2.81
C ILE D 554 48.16 24.39 2.52
N CYS D 555 48.97 24.78 3.48
CA CYS D 555 50.42 24.70 3.35
C CYS D 555 51.00 23.33 2.94
N ASN D 556 50.75 22.27 3.68
CA ASN D 556 51.28 20.94 3.32
C ASN D 556 50.63 20.27 2.12
N ASN D 557 49.56 20.86 1.59
CA ASN D 557 48.84 20.27 0.47
C ASN D 557 48.73 21.08 -0.80
N VAL D 558 48.92 22.39 -0.73
CA VAL D 558 48.84 23.19 -1.93
C VAL D 558 50.21 23.73 -2.32
N LYS D 559 50.51 23.71 -3.61
CA LYS D 559 51.79 24.19 -4.10
C LYS D 559 52.11 25.63 -3.71
N GLY D 560 53.33 25.85 -3.24
CA GLY D 560 53.76 27.19 -2.86
C GLY D 560 53.36 27.63 -1.47
N CYS D 561 52.59 26.80 -0.78
CA CYS D 561 52.11 27.13 0.56
C CYS D 561 51.64 28.58 0.49
N PRO D 562 50.54 28.81 -0.26
CA PRO D 562 49.95 30.13 -0.44
C PRO D 562 49.34 30.62 0.85
N PHE D 563 49.46 31.91 1.13
CA PHE D 563 48.87 32.40 2.35
C PHE D 563 47.36 32.38 2.26
N THR D 564 46.77 31.81 3.29
CA THR D 564 45.33 31.72 3.39
C THR D 564 44.84 32.00 4.82
N SER D 565 43.58 32.41 4.92
CA SER D 565 42.96 32.71 6.21
C SER D 565 41.46 32.77 6.00
N PHE D 566 40.69 32.88 7.07
CA PHE D 566 39.25 32.91 6.93
C PHE D 566 38.66 34.32 6.78
N ASN D 567 39.53 35.33 6.80
CA ASN D 567 39.10 36.72 6.65
C ASN D 567 39.98 37.45 5.65
N VAL D 568 39.42 38.52 5.08
CA VAL D 568 40.09 39.36 4.09
C VAL D 568 41.21 40.19 4.75
N GLN D 569 42.44 39.93 4.32
CA GLN D 569 43.64 40.57 4.86
C GLN D 569 43.81 42.07 4.56
C1 NAG E . -38.39 -14.56 -20.93
C2 NAG E . -39.48 -13.50 -20.91
C3 NAG E . -40.67 -13.98 -20.07
C4 NAG E . -41.13 -15.36 -20.54
C5 NAG E . -39.94 -16.32 -20.52
C6 NAG E . -40.27 -17.73 -21.00
C7 NAG E . -38.97 -11.13 -21.05
C8 NAG E . -38.34 -9.96 -20.33
N2 NAG E . -38.95 -12.27 -20.35
O3 NAG E . -41.74 -13.06 -20.19
O4 NAG E . -42.17 -15.84 -19.64
O5 NAG E . -38.91 -15.81 -21.38
O6 NAG E . -40.66 -17.71 -22.36
O7 NAG E . -39.45 -11.00 -22.19
C1 NAG E . -43.37 -16.25 -20.18
C2 NAG E . -44.23 -16.83 -19.08
C3 NAG E . -45.52 -17.37 -19.71
C4 NAG E . -46.27 -16.20 -20.40
C5 NAG E . -45.30 -15.46 -21.37
C6 NAG E . -45.86 -14.18 -22.00
C7 NAG E . -42.92 -18.89 -18.80
C8 NAG E . -42.22 -19.81 -17.81
N2 NAG E . -43.53 -17.82 -18.28
O3 NAG E . -46.35 -17.94 -18.70
O4 NAG E . -47.38 -16.72 -21.20
O5 NAG E . -44.05 -15.10 -20.71
O6 NAG E . -45.91 -13.09 -21.09
O7 NAG E . -42.95 -19.15 -20.00
C1 NAG E . -48.71 -16.79 -20.75
C2 NAG E . -49.09 -15.54 -19.93
C3 NAG E . -50.62 -15.42 -19.75
C4 NAG E . -51.30 -15.49 -21.10
C5 NAG E . -50.95 -16.82 -21.73
C6 NAG E . -51.62 -16.95 -23.09
C7 NAG E . -48.89 -16.39 -17.67
C8 NAG E . -48.13 -16.33 -16.34
N2 NAG E . -48.44 -15.58 -18.63
O3 NAG E . -50.95 -14.19 -19.11
O4 NAG E . -52.70 -15.37 -20.96
O5 NAG E . -49.52 -16.92 -21.95
O6 NAG E . -51.52 -15.76 -23.85
O7 NAG E . -49.85 -17.16 -17.83
C1 NAG F . -34.40 1.74 -11.00
C2 NAG F . -35.27 0.72 -10.27
C3 NAG F . -36.70 1.23 -10.08
C4 NAG F . -36.69 2.65 -9.48
C5 NAG F . -35.79 3.53 -10.34
C6 NAG F . -35.72 4.96 -9.84
C7 NAG F . -34.92 -1.66 -10.45
C8 NAG F . -34.96 -2.87 -11.36
N2 NAG F . -35.29 -0.51 -11.02
O3 NAG F . -37.40 0.35 -9.20
O4 NAG F . -38.04 3.17 -9.46
O5 NAG F . -34.45 3.00 -10.36
O6 NAG F . -35.46 5.00 -8.45
O7 NAG F . -34.56 -1.74 -9.27
C1 NAG F . -38.54 3.56 -8.24
C2 NAG F . -39.93 4.17 -8.41
C3 NAG F . -40.41 4.69 -7.05
C4 NAG F . -40.50 3.48 -6.09
C5 NAG F . -39.13 2.74 -6.06
C6 NAG F . -39.14 1.45 -5.24
C7 NAG F . -39.11 6.20 -9.50
C8 NAG F . -39.27 7.14 -10.68
N2 NAG F . -39.96 5.17 -9.46
O3 NAG F . -41.67 5.33 -7.18
O4 NAG F . -40.82 3.94 -4.76
O5 NAG F . -38.65 2.41 -7.38
O6 NAG F . -39.83 0.41 -5.92
O7 NAG F . -38.24 6.39 -8.64
C1 NAG F . -42.13 4.09 -4.26
C2 NAG F . -43.01 2.86 -4.65
C3 NAG F . -44.31 2.80 -3.79
C4 NAG F . -43.97 2.90 -2.31
C5 NAG F . -43.20 4.19 -2.06
C6 NAG F . -42.80 4.31 -0.59
C7 NAG F . -44.16 3.86 -6.56
C8 NAG F . -44.50 3.72 -8.05
N2 NAG F . -43.39 2.88 -6.04
O3 NAG F . -45.00 1.58 -4.05
O4 NAG F . -45.17 2.88 -1.54
O5 NAG F . -41.98 4.20 -2.82
O6 NAG F . -42.06 3.18 -0.15
O7 NAG F . -44.56 4.82 -5.90
C1 NAG G . 29.41 -3.37 9.10
C2 NAG G . 28.79 -2.87 7.79
C3 NAG G . 28.39 -4.02 6.88
C4 NAG G . 29.56 -4.97 6.70
C5 NAG G . 30.06 -5.42 8.08
C6 NAG G . 31.25 -6.37 8.00
C7 NAG G . 27.53 -0.82 7.65
C8 NAG G . 26.27 -0.07 8.06
N2 NAG G . 27.63 -2.06 8.11
O3 NAG G . 27.98 -3.53 5.62
O4 NAG G . 29.14 -6.11 5.92
O5 NAG G . 30.48 -4.27 8.84
O6 NAG G . 32.33 -5.76 7.31
O7 NAG G . 28.38 -0.28 6.92
C1 NAG G . 29.92 -6.48 4.82
C2 NAG G . 29.34 -7.74 4.20
C3 NAG G . 30.23 -8.17 3.03
C4 NAG G . 30.22 -7.03 1.99
C5 NAG G . 30.65 -5.70 2.67
C6 NAG G . 30.54 -4.48 1.77
C7 NAG G . 30.24 -9.31 5.80
C8 NAG G . 29.92 -10.37 6.86
N2 NAG G . 29.19 -8.78 5.20
O3 NAG G . 29.74 -9.37 2.48
O4 NAG G . 31.14 -7.33 0.92
O5 NAG G . 29.86 -5.42 3.85
O6 NAG G . 29.20 -4.01 1.66
O7 NAG G . 31.41 -8.99 5.53
C1 NAG G . 30.76 -7.96 -0.28
C2 NAG G . 29.39 -7.44 -0.79
C3 NAG G . 29.14 -7.79 -2.28
C4 NAG G . 30.34 -7.39 -3.13
C5 NAG G . 31.57 -8.10 -2.57
C6 NAG G . 32.82 -7.78 -3.40
C7 NAG G . 27.95 -9.27 -0.07
C8 NAG G . 26.76 -9.70 0.81
N2 NAG G . 28.29 -7.99 0.00
O3 NAG G . 27.98 -7.12 -2.75
O4 NAG G . 30.12 -7.75 -4.50
O5 NAG G . 31.82 -7.65 -1.22
O6 NAG G . 33.06 -6.38 -3.50
O7 NAG G . 28.54 -10.09 -0.80
C1 NAG H . 12.24 5.64 10.28
C2 NAG H . 12.20 4.22 9.72
C3 NAG H . 11.80 4.23 8.24
C4 NAG H . 10.49 5.01 8.05
C5 NAG H . 10.68 6.40 8.64
C6 NAG H . 9.46 7.26 8.50
C7 NAG H . 13.67 2.47 10.56
C8 NAG H . 15.11 1.97 10.65
N2 NAG H . 13.52 3.60 9.87
O3 NAG H . 11.63 2.90 7.76
O4 NAG H . 10.18 5.11 6.64
O5 NAG H . 10.97 6.29 10.04
O6 NAG H . 8.39 6.70 9.24
O7 NAG H . 12.75 1.84 11.09
C1 NAG H . 8.97 4.61 6.17
C2 NAG H . 8.88 4.84 4.69
C3 NAG H . 7.50 4.38 4.19
C4 NAG H . 7.33 2.86 4.50
C5 NAG H . 7.65 2.62 6.01
C6 NAG H . 7.67 1.14 6.40
C7 NAG H . 8.70 7.27 4.93
C8 NAG H . 9.21 8.62 4.41
N2 NAG H . 9.21 6.21 4.31
O3 NAG H . 7.41 4.61 2.79
O4 NAG H . 5.95 2.44 4.27
O5 NAG H . 8.93 3.19 6.41
O6 NAG H . 8.73 0.44 5.77
O7 NAG H . 7.88 7.21 5.85
C1 NAG H . 5.41 1.96 3.07
C2 NAG H . 6.37 0.94 2.37
C3 NAG H . 5.64 0.16 1.25
C4 NAG H . 4.41 -0.50 1.84
C5 NAG H . 3.49 0.60 2.35
C6 NAG H . 2.16 0.07 2.91
C7 NAG H . 7.45 2.33 0.68
C8 NAG H . 8.77 2.96 0.23
N2 NAG H . 7.53 1.62 1.81
O3 NAG H . 6.50 -0.81 0.68
O4 NAG H . 3.75 -1.27 0.83
O5 NAG H . 4.15 1.32 3.43
O6 NAG H . 2.34 -1.02 3.80
O7 NAG H . 6.40 2.48 0.04
C1 NAG I . -18.61 -36.79 -40.10
C2 NAG I . -20.09 -37.09 -40.37
C3 NAG I . -20.26 -38.54 -40.81
C4 NAG I . -19.49 -38.81 -42.09
C5 NAG I . -18.09 -38.21 -42.00
C6 NAG I . -17.87 -37.01 -42.89
C7 NAG I . -20.88 -37.72 -38.17
C8 NAG I . -21.77 -37.39 -36.98
N2 NAG I . -20.89 -36.85 -39.18
O3 NAG I . -21.64 -38.82 -41.02
O4 NAG I . -19.39 -40.21 -42.30
O5 NAG I . -17.76 -37.82 -40.64
O6 NAG I . -16.52 -36.55 -42.83
O7 NAG I . -20.16 -38.72 -38.16
C1 NAG J . -33.28 -26.50 17.60
C2 NAG J . -33.74 -27.92 17.95
C3 NAG J . -33.77 -28.18 19.47
C4 NAG J . -32.49 -27.66 20.15
C5 NAG J . -32.32 -26.19 19.76
C6 NAG J . -31.17 -25.46 20.44
C7 NAG J . -35.29 -29.08 16.50
C8 NAG J . -36.71 -29.23 15.97
N2 NAG J . -35.06 -28.13 17.41
O3 NAG J . -33.91 -29.58 19.71
O4 NAG J . -32.59 -27.80 21.57
O5 NAG J . -32.11 -26.11 18.35
O6 NAG J . -29.92 -25.78 19.86
O7 NAG J . -34.38 -29.81 16.07
C1 BOG K . -31.79 -46.98 -0.51
O1 BOG K . -30.89 -48.10 -0.51
C2 BOG K . -33.23 -47.52 -0.43
O2 BOG K . -33.51 -48.35 -1.53
C3 BOG K . -34.21 -46.35 -0.40
O3 BOG K . -35.53 -46.84 -0.29
C4 BOG K . -33.86 -45.48 0.81
O4 BOG K . -34.73 -44.37 0.87
C5 BOG K . -32.41 -44.99 0.69
O5 BOG K . -31.53 -46.11 0.63
C6 BOG K . -32.06 -44.13 1.87
O6 BOG K . -32.82 -44.49 3.00
C1' BOG K . -29.99 -48.14 -1.62
C2' BOG K . -28.68 -48.58 -1.04
C3' BOG K . -28.28 -47.67 0.09
C4' BOG K . -26.98 -48.08 0.73
C5' BOG K . -26.63 -47.12 1.86
C6' BOG K . -26.77 -47.75 3.22
C7' BOG K . -26.41 -46.73 4.28
C8' BOG K . -26.53 -47.34 5.66
CHA HEM L . -30.04 -26.72 -4.25
CHB HEM L . -30.70 -28.45 0.14
CHC HEM L . -26.06 -27.62 1.14
CHD HEM L . -25.32 -26.43 -3.44
C1A HEM L . -30.60 -27.31 -3.15
C2A HEM L . -32.00 -27.65 -3.05
C3A HEM L . -32.17 -28.15 -1.81
C4A HEM L . -30.89 -28.12 -1.17
CMA HEM L . -33.44 -28.72 -1.22
CAA HEM L . -32.97 -27.71 -4.23
CBA HEM L . -32.62 -29.00 -5.02
CGA HEM L . -33.43 -29.24 -6.30
O1A HEM L . -32.87 -29.05 -7.40
O2A HEM L . -34.62 -29.64 -6.18
C1B HEM L . -29.49 -28.37 0.82
C2B HEM L . -29.34 -28.57 2.25
C3B HEM L . -28.04 -28.29 2.55
C4B HEM L . -27.40 -27.94 1.28
CMB HEM L . -30.43 -28.95 3.25
CAB HEM L . -27.49 -28.30 3.83
CBB HEM L . -26.80 -27.16 4.43
C1C HEM L . -25.45 -27.26 -0.04
C2C HEM L . -24.02 -27.06 -0.18
C3C HEM L . -23.80 -26.77 -1.47
C4C HEM L . -25.10 -26.79 -2.13
CMC HEM L . -22.98 -27.27 0.92
CAC HEM L . -22.55 -26.59 -2.06
CBC HEM L . -22.23 -25.48 -3.01
C1D HEM L . -26.56 -26.38 -4.05
C2D HEM L . -26.80 -25.81 -5.35
C3D HEM L . -28.14 -25.81 -5.54
C4D HEM L . -28.71 -26.43 -4.38
CMD HEM L . -25.71 -25.26 -6.25
CAD HEM L . -28.93 -25.12 -6.66
CBD HEM L . -29.79 -23.90 -6.24
CGD HEM L . -30.69 -23.34 -7.38
O1D HEM L . -30.48 -23.68 -8.57
O2D HEM L . -31.61 -22.56 -7.08
NA HEM L . -29.92 -27.63 -2.00
NB HEM L . -28.29 -27.96 0.23
NC HEM L . -26.10 -27.12 -1.25
ND HEM L . -27.74 -26.74 -3.45
FE HEM L . -27.99 -27.42 -1.66
C1 DIF M . -9.18 -24.09 -10.60
C2 DIF M . -10.38 -24.21 -9.88
CL2 DIF M . -10.62 -25.77 -9.20
C3 DIF M . -11.36 -23.18 -9.88
C4 DIF M . -11.05 -22.02 -10.67
CL4 DIF M . -12.15 -20.70 -10.77
C5 DIF M . -9.85 -21.91 -11.40
C6 DIF M . -8.92 -22.94 -11.36
N1 DIF M . -12.63 -23.14 -9.19
C7 DIF M . -14.93 -23.97 -8.68
C8 DIF M . -13.72 -24.01 -9.43
C9 DIF M . -13.65 -24.86 -10.54
C10 DIF M . -14.71 -25.69 -10.89
C11 DIF M . -15.87 -25.69 -10.12
C12 DIF M . -15.97 -24.83 -9.03
C13 DIF M . -15.18 -22.99 -7.58
C14 DIF M . -15.26 -21.59 -8.08
O1 DIF M . -16.30 -20.92 -8.09
O2 DIF M . -14.09 -21.12 -8.53
C1 NAG N . -6.64 23.22 -10.05
C2 NAG N . -7.60 23.67 -8.95
C3 NAG N . -7.39 25.16 -8.66
C4 NAG N . -5.97 25.42 -8.17
C5 NAG N . -4.96 24.67 -9.04
C6 NAG N . -4.25 23.51 -8.37
C7 NAG N . -9.70 24.39 -9.94
C8 NAG N . -11.14 24.04 -10.31
N2 NAG N . -8.97 23.44 -9.35
O3 NAG N . -8.32 25.62 -7.69
O4 NAG N . -5.70 26.82 -8.20
O5 NAG N . -5.57 24.17 -10.27
O6 NAG N . -3.20 23.02 -9.19
O7 NAG N . -9.26 25.51 -10.21
C1 NAG O . -56.13 13.59 -43.26
C2 NAG O . -56.70 15.01 -43.24
C3 NAG O . -57.84 15.18 -44.25
C4 NAG O . -57.40 14.68 -45.63
C5 NAG O . -56.97 13.22 -45.45
C6 NAG O . -56.61 12.49 -46.73
C7 NAG O . -56.64 16.28 -41.19
C8 NAG O . -57.23 16.50 -39.80
N2 NAG O . -57.20 15.30 -41.90
O3 NAG O . -58.19 16.56 -44.36
O4 NAG O . -58.46 14.79 -46.56
O5 NAG O . -55.82 13.19 -44.60
O6 NAG O . -55.31 12.86 -47.17
O7 NAG O . -55.72 16.97 -41.60
CHA HEM P . -39.06 13.63 -29.13
CHB HEM P . -42.41 15.37 -32.07
CHC HEM P . -39.52 14.48 -35.82
CHD HEM P . -36.00 13.20 -32.81
C1A HEM P . -40.19 14.25 -29.60
C2A HEM P . -41.29 14.65 -28.76
C3A HEM P . -42.23 15.15 -29.59
C4A HEM P . -41.69 15.08 -30.92
CMA HEM P . -43.61 15.67 -29.22
CAA HEM P . -41.26 14.65 -27.23
CBA HEM P . -40.20 15.69 -26.80
CGA HEM P . -40.03 15.89 -25.28
O1A HEM P . -38.85 15.91 -24.84
O2A HEM P . -41.03 16.03 -24.54
C1B HEM P . -41.95 15.20 -33.36
C2B HEM P . -42.74 15.40 -34.56
C3B HEM P . -41.91 15.18 -35.61
C4B HEM P . -40.63 14.80 -35.06
CMB HEM P . -44.22 15.66 -34.65
CAB HEM P . -42.24 15.41 -36.93
CBB HEM P . -42.54 14.33 -37.88
C1C HEM P . -38.30 14.09 -35.31
C2C HEM P . -37.13 13.74 -36.11
C3C HEM P . -36.12 13.47 -35.25
C4C HEM P . -36.69 13.56 -33.93
CMC HEM P . -37.11 13.56 -37.61
CAC HEM P . -34.77 13.39 -35.54
CBC HEM P . -34.12 12.24 -36.03
C1D HEM P . -36.55 13.18 -31.54
C2D HEM P . -35.89 12.62 -30.39
C3D HEM P . -36.78 12.66 -29.38
C4D HEM P . -37.97 13.28 -29.90
CMD HEM P . -34.48 12.04 -30.31
CAD HEM P . -36.64 11.96 -28.06
CBD HEM P . -37.03 10.51 -28.14
CGD HEM P . -37.48 9.98 -26.81
O1D HEM P . -36.69 10.02 -25.85
O2D HEM P . -38.64 9.53 -26.73
NA HEM P . -40.43 14.54 -30.92
NB HEM P . -40.65 14.80 -33.68
NC HEM P . -38.02 13.96 -33.96
ND HEM P . -37.85 13.57 -31.23
FE HEM P . -39.24 14.25 -32.43
C1 DIF Q . -19.69 10.79 -38.17
C2 DIF Q . -21.09 10.86 -37.89
CL2 DIF Q . -21.83 12.44 -38.05
C3 DIF Q . -21.75 9.75 -37.36
C4 DIF Q . -20.97 8.57 -37.10
CL4 DIF Q . -21.70 7.13 -36.44
C5 DIF Q . -19.60 8.52 -37.38
C6 DIF Q . -18.96 9.63 -37.91
N1 DIF Q . -23.14 9.66 -37.03
C7 DIF Q . -25.15 10.51 -35.88
C8 DIF Q . -23.77 10.54 -36.13
C9 DIF Q . -22.95 11.43 -35.41
C10 DIF Q . -23.49 12.30 -34.48
C11 DIF Q . -24.84 12.29 -34.24
C12 DIF Q . -25.66 11.41 -34.95
C13 DIF Q . -26.08 9.50 -36.48
C14 DIF Q . -25.82 8.07 -36.04
O1 DIF Q . -26.54 7.47 -35.26
O2 DIF Q . -24.73 7.52 -36.60
C1 NAG R . 57.06 -5.96 30.72
C2 NAG R . 57.49 -6.59 29.38
C3 NAG R . 58.64 -7.57 29.60
C4 NAG R . 59.83 -6.83 30.19
C5 NAG R . 59.39 -6.00 31.43
C6 NAG R . 59.55 -4.51 31.26
C7 NAG R . 56.19 -8.60 28.85
C8 NAG R . 54.97 -9.17 28.15
N2 NAG R . 56.36 -7.27 28.76
O3 NAG R . 59.02 -8.18 28.37
O4 NAG R . 60.83 -7.78 30.58
O5 NAG R . 58.01 -6.25 31.77
O6 NAG R . 59.30 -3.83 32.48
O7 NAG R . 56.97 -9.33 29.48
C1 NAG S . 3.15 -31.62 22.01
C2 NAG S . 3.62 -33.06 21.94
C3 NAG S . 2.48 -34.08 22.09
C4 NAG S . 1.55 -33.71 23.26
C5 NAG S . 1.13 -32.26 23.06
C6 NAG S . 0.04 -31.70 23.98
C7 NAG S . 5.51 -33.80 20.64
C8 NAG S . 6.14 -33.97 19.27
N2 NAG S . 4.30 -33.27 20.68
O3 NAG S . 3.04 -35.38 22.33
O4 NAG S . 0.41 -34.56 23.23
O5 NAG S . 2.30 -31.42 23.15
O6 NAG S . 0.52 -31.41 25.28
O7 NAG S . 6.10 -34.18 21.66
CHA HEM T . 21.80 -19.58 22.16
CHB HEM T . 18.89 -23.36 22.51
CHC HEM T . 17.67 -21.96 26.96
CHD HEM T . 20.81 -18.34 26.66
C1A HEM T . 21.16 -20.76 21.91
C2A HEM T . 21.25 -21.44 20.65
C3A HEM T . 20.40 -22.50 20.73
C4A HEM T . 19.85 -22.48 22.06
CMA HEM T . 20.06 -23.49 19.64
CAA HEM T . 22.26 -21.14 19.55
CBA HEM T . 23.53 -21.96 19.83
CGA HEM T . 24.79 -21.44 19.16
O1A HEM T . 25.64 -20.82 19.85
O2A HEM T . 24.94 -21.67 17.94
C1B HEM T . 18.28 -23.30 23.75
C2B HEM T . 17.18 -24.13 24.16
C3B HEM T . 16.81 -23.71 25.39
C4B HEM T . 17.70 -22.63 25.76
CMB HEM T . 16.51 -25.24 23.36
CAB HEM T . 15.72 -24.20 26.10
CBB HEM T . 14.63 -23.32 26.62
C1C HEM T . 18.46 -20.85 27.28
C2C HEM T . 18.45 -20.17 28.56
C3C HEM T . 19.33 -19.16 28.47
C4C HEM T . 19.88 -19.22 27.14
CMC HEM T . 17.65 -20.54 29.80
CAC HEM T . 19.67 -18.28 29.49
CBC HEM T . 19.57 -16.83 29.37
C1D HEM T . 21.35 -18.36 25.40
C2D HEM T . 22.21 -17.33 24.87
C3D HEM T . 22.39 -17.62 23.57
C4D HEM T . 21.73 -18.88 23.34
CMD HEM T . 22.81 -16.15 25.62
CAD HEM T . 22.96 -16.67 22.52
CBD HEM T . 21.89 -16.01 21.61
CGD HEM T . 22.45 -15.56 20.25
O1D HEM T . 23.69 -15.51 20.07
O2D HEM T . 21.65 -15.28 19.34
NA HEM T . 20.34 -21.40 22.78
NB HEM T . 18.58 -22.35 24.73
NC HEM T . 19.37 -20.27 26.41
ND HEM T . 21.06 -19.32 24.45
FE HEM T . 19.87 -20.85 24.61
C1 DIF U . 25.47 -8.89 40.76
C2 DIF U . 24.89 -9.55 39.65
CL2 DIF U . 25.18 -11.25 39.57
C3 DIF U . 24.28 -8.84 38.62
C4 DIF U . 24.28 -7.40 38.73
CL4 DIF U . 23.57 -6.37 37.54
C5 DIF U . 24.87 -6.75 39.84
C6 DIF U . 25.46 -7.49 40.85
N1 DIF U . 23.65 -9.40 37.46
C7 DIF U . 23.54 -10.77 35.43
C8 DIF U . 24.26 -10.20 36.48
C9 DIF U . 25.66 -10.35 36.52
C10 DIF U . 26.34 -11.10 35.53
C11 DIF U . 25.61 -11.69 34.49
C12 DIF U . 24.23 -11.53 34.45
C13 DIF U . 22.07 -10.51 35.24
C14 DIF U . 21.77 -9.16 34.71
O1 DIF U . 21.49 -8.94 33.53
O2 DIF U . 21.85 -8.17 35.63
C1 NAG V . -0.68 30.23 32.06
C2 NAG V . -1.86 29.73 31.20
C3 NAG V . -2.96 30.80 31.14
C4 NAG V . -3.48 31.08 32.55
C5 NAG V . -2.33 31.29 33.55
C6 NAG V . -2.25 30.23 34.62
C7 NAG V . -1.43 30.29 28.86
C8 NAG V . -0.96 29.83 27.49
N2 NAG V . -1.43 29.39 29.85
O3 NAG V . -4.01 30.36 30.32
O4 NAG V . -4.29 32.25 32.52
O5 NAG V . -1.04 31.36 32.88
O6 NAG V . -1.39 30.63 35.68
O7 NAG V . -1.78 31.46 29.02
C1 NAG W . 33.38 26.28 -17.64
C2 NAG W . 32.61 27.23 -18.57
C3 NAG W . 33.45 27.59 -19.81
C4 NAG W . 34.83 28.08 -19.37
C5 NAG W . 35.47 26.96 -18.56
C6 NAG W . 36.92 27.17 -18.16
C7 NAG W . 30.20 27.17 -18.72
C8 NAG W . 28.96 26.42 -19.17
N2 NAG W . 31.38 26.59 -18.97
O3 NAG W . 32.80 28.60 -20.57
O4 NAG W . 35.62 28.41 -20.51
O5 NAG W . 34.69 26.77 -17.37
O6 NAG W . 37.03 27.97 -16.99
O7 NAG W . 30.11 28.25 -18.16
O1 BOG X . 11.71 41.45 -7.36
C2 BOG X . 10.72 39.85 -8.87
O2 BOG X . 9.43 40.20 -8.40
C3 BOG X . 10.77 38.40 -9.32
O3 BOG X . 9.84 38.17 -10.39
C4 BOG X . 12.19 38.12 -9.79
O4 BOG X . 12.29 36.78 -10.22
C5 BOG X . 13.18 38.37 -8.64
O5 BOG X . 13.08 39.72 -8.22
C6 BOG X . 14.60 38.12 -9.07
O6 BOG X . 14.72 38.27 -10.47
C1' BOG X . 11.46 41.62 -5.98
C2' BOG X . 12.47 42.63 -5.50
C3' BOG X . 13.83 42.32 -6.09
C4' BOG X . 14.86 43.32 -5.64
C5' BOG X . 16.20 43.01 -6.26
C6' BOG X . 16.55 43.96 -7.38
C7' BOG X . 17.89 43.61 -7.97
C8' BOG X . 18.25 44.55 -9.09
CHA HEM Y . 21.04 23.75 0.63
CHB HEM Y . 22.68 25.54 -3.47
CHC HEM Y . 26.29 27.69 -1.10
CHD HEM Y . 24.53 26.00 3.06
C1A HEM Y . 21.13 24.14 -0.66
C2A HEM Y . 20.21 23.71 -1.68
C3A HEM Y . 20.70 24.19 -2.85
C4A HEM Y . 21.89 24.93 -2.52
CMA HEM Y . 20.16 24.01 -4.25
CAA HEM Y . 18.88 23.04 -1.41
CBA HEM Y . 17.95 24.00 -0.61
CGA HEM Y . 16.68 23.34 -0.08
O1A HEM Y . 16.49 23.35 1.17
O2A HEM Y . 15.87 22.83 -0.89
C1B HEM Y . 23.82 26.27 -3.18
C2B HEM Y . 24.70 26.80 -4.20
C3B HEM Y . 25.73 27.39 -3.56
C4B HEM Y . 25.46 27.24 -2.12
CMB HEM Y . 24.51 26.69 -5.71
CAB HEM Y . 26.82 27.99 -4.18
CBB HEM Y . 28.21 27.75 -3.77
C1C HEM Y . 26.09 27.45 0.23
C2C HEM Y . 26.98 27.91 1.26
C3C HEM Y . 26.47 27.50 2.44
C4C HEM Y . 25.28 26.72 2.14
CMC HEM Y . 28.27 28.68 1.00
CAC HEM Y . 26.93 27.93 3.68
CBC HEM Y . 27.00 27.10 4.86
C1D HEM Y . 23.44 25.19 2.75
C2D HEM Y . 22.76 24.28 3.68
C3D HEM Y . 21.82 23.60 2.96
C4D HEM Y . 21.89 24.13 1.63
CMD HEM Y . 23.06 24.07 5.14
CAD HEM Y . 21.00 22.39 3.39
CBD HEM Y . 21.73 21.05 3.23
CGD HEM Y . 20.80 19.82 3.14
O1D HEM Y . 20.17 19.43 4.14
O2D HEM Y . 20.72 19.21 2.05
NA HEM Y . 22.14 24.92 -1.17
NB HEM Y . 24.29 26.52 -1.90
NC HEM Y . 25.03 26.71 0.77
ND HEM Y . 22.90 25.06 1.47
FE HEM Y . 23.55 25.84 -0.20
C1 DIF Z . 30.02 31.43 19.02
C2 DIF Z . 29.75 31.01 17.69
CL2 DIF Z . 29.06 32.23 16.66
C3 DIF Z . 29.89 29.65 17.32
C4 DIF Z . 30.29 28.73 18.34
CL4 DIF Z . 30.50 27.04 18.03
C5 DIF Z . 30.54 29.16 19.66
C6 DIF Z . 30.40 30.51 20.00
N1 DIF Z . 29.66 29.06 16.01
C7 DIF Z . 28.33 28.59 13.99
C8 DIF Z . 28.46 29.12 15.29
C9 DIF Z . 27.32 29.65 15.93
C10 DIF Z . 26.09 29.68 15.29
C11 DIF Z . 25.96 29.18 13.99
C12 DIF Z . 27.08 28.64 13.35
C13 DIF Z . 29.46 27.86 13.31
C14 DIF Z . 29.74 26.52 13.92
O1 DIF Z . 29.49 25.45 13.36
O2 DIF Z . 30.29 26.59 15.14
#